data_4HH4
#
_entry.id   4HH4
#
_cell.length_a   169.950
_cell.length_b   244.000
_cell.length_c   118.070
_cell.angle_alpha   90.00
_cell.angle_beta   90.00
_cell.angle_gamma   90.00
#
_symmetry.space_group_name_H-M   'C 2 2 21'
#
loop_
_entity.id
_entity.type
_entity.pdbx_description
1 polymer CcbJ
2 non-polymer S-ADENOSYL-L-HOMOCYSTEINE
3 non-polymer 'SULFATE ION'
4 non-polymer GLYCEROL
5 non-polymer '4-(2-HYDROXYETHYL)-1-PIPERAZINE ETHANESULFONIC ACID'
6 water water
#
_entity_poly.entity_id   1
_entity_poly.type   'polypeptide(L)'
_entity_poly.pdbx_seq_one_letter_code
;MGSSHHHHHHSSGLVPRGSHMRNYDETTYGDQIADVYDEWPGDAGPPPDGREAALFVAALAAARPVLELGVGTGRVAFPL
ADLGVEVHGVESSEPMLDKLREKAAAHPNGNLVVPVLGNFAKLDLGEQRYSVVFAAFNTLFCLLGQDEQIDCMRQARELL
EPGGTFVVQCLNPAGQRLATGNTFGTVELEDTAVHLEASKHDPLAQTLSAHHIVLSEGGGIRLFPYRLRYAYPAELDLMA
NVAGLELVERHADFERRRFDASSRYHVSVYRAAASA
;
_entity_poly.pdbx_strand_id   A,B,C,D,E,F
#
loop_
_chem_comp.id
_chem_comp.type
_chem_comp.name
_chem_comp.formula
EPE non-polymer '4-(2-HYDROXYETHYL)-1-PIPERAZINE ETHANESULFONIC ACID' 'C8 H18 N2 O4 S'
GOL non-polymer GLYCEROL 'C3 H8 O3'
SO4 non-polymer 'SULFATE ION' 'O4 S -2'
#
# COMPACT_ATOMS: atom_id res chain seq x y z
N MET A 21 -28.83 0.47 -4.53
CA MET A 21 -28.83 -0.95 -5.00
C MET A 21 -30.04 -1.69 -4.38
N ARG A 22 -30.95 -0.88 -3.87
CA ARG A 22 -32.17 -1.28 -3.12
C ARG A 22 -33.06 -2.41 -3.69
N ASN A 23 -33.08 -2.58 -5.01
CA ASN A 23 -34.03 -3.50 -5.65
C ASN A 23 -33.35 -4.71 -6.32
N TYR A 24 -32.82 -5.61 -5.52
CA TYR A 24 -32.06 -6.74 -6.04
C TYR A 24 -32.77 -8.09 -5.76
N ASP A 25 -33.14 -8.81 -6.82
CA ASP A 25 -33.76 -10.13 -6.72
C ASP A 25 -32.68 -11.21 -6.75
N GLU A 26 -33.15 -12.45 -6.84
CA GLU A 26 -32.31 -13.60 -7.20
C GLU A 26 -32.25 -13.65 -8.75
N THR A 27 -32.99 -12.71 -9.33
CA THR A 27 -33.22 -12.70 -10.76
C THR A 27 -32.41 -11.61 -11.49
N THR A 28 -32.14 -10.49 -10.81
CA THR A 28 -31.71 -9.31 -11.54
C THR A 28 -30.33 -9.45 -12.07
N TYR A 29 -29.50 -10.28 -11.46
CA TYR A 29 -28.20 -10.59 -12.13
C TYR A 29 -28.41 -11.10 -13.57
N GLY A 30 -29.00 -12.30 -13.68
CA GLY A 30 -29.35 -12.87 -14.96
C GLY A 30 -30.13 -11.91 -15.86
N ASP A 31 -31.23 -11.33 -15.39
CA ASP A 31 -32.09 -10.61 -16.30
C ASP A 31 -31.33 -9.68 -17.24
N GLN A 32 -30.39 -8.95 -16.63
CA GLN A 32 -29.61 -7.85 -17.22
C GLN A 32 -28.50 -8.34 -18.18
N ILE A 33 -27.75 -9.36 -17.74
CA ILE A 33 -26.55 -9.77 -18.42
C ILE A 33 -26.74 -10.85 -19.50
N ALA A 34 -27.92 -11.42 -19.62
CA ALA A 34 -28.09 -12.60 -20.46
C ALA A 34 -27.67 -12.41 -21.90
N ASP A 35 -28.03 -11.31 -22.52
CA ASP A 35 -27.76 -11.20 -23.94
C ASP A 35 -26.30 -10.80 -24.23
N VAL A 36 -25.47 -10.63 -23.20
CA VAL A 36 -24.05 -10.28 -23.42
C VAL A 36 -23.11 -11.20 -22.68
N TYR A 37 -23.65 -11.96 -21.76
CA TYR A 37 -22.86 -12.88 -20.99
C TYR A 37 -21.86 -13.61 -21.87
N ASP A 38 -22.34 -14.21 -22.95
CA ASP A 38 -21.45 -14.99 -23.82
C ASP A 38 -20.53 -14.17 -24.73
N GLU A 39 -20.74 -12.85 -24.84
CA GLU A 39 -20.06 -12.01 -25.84
C GLU A 39 -18.88 -11.22 -25.30
N TRP A 40 -18.75 -11.14 -23.98
CA TRP A 40 -17.78 -10.28 -23.38
C TRP A 40 -16.41 -10.91 -23.44
N PRO A 41 -15.42 -10.15 -23.90
CA PRO A 41 -14.07 -10.63 -24.14
C PRO A 41 -13.22 -10.78 -22.88
N GLY A 42 -12.26 -11.68 -22.91
CA GLY A 42 -11.24 -11.80 -21.87
C GLY A 42 -11.72 -11.80 -20.44
N ASP A 43 -11.07 -11.00 -19.59
CA ASP A 43 -11.39 -11.01 -18.19
C ASP A 43 -12.79 -10.49 -17.86
N ALA A 44 -13.44 -9.87 -18.83
CA ALA A 44 -14.77 -9.29 -18.63
C ALA A 44 -15.82 -10.38 -18.70
N GLY A 45 -15.52 -11.43 -19.45
CA GLY A 45 -16.42 -12.58 -19.54
C GLY A 45 -16.28 -13.59 -18.40
N PRO A 46 -17.06 -14.68 -18.46
CA PRO A 46 -16.93 -15.69 -17.41
C PRO A 46 -15.67 -16.46 -17.68
N PRO A 47 -15.12 -17.14 -16.67
CA PRO A 47 -13.80 -17.74 -16.90
C PRO A 47 -13.85 -18.74 -18.06
N PRO A 48 -12.72 -18.92 -18.76
CA PRO A 48 -12.79 -19.79 -19.91
C PRO A 48 -12.53 -21.26 -19.57
N ASP A 49 -13.10 -21.79 -18.47
CA ASP A 49 -12.79 -23.15 -18.00
C ASP A 49 -13.95 -24.13 -18.19
N GLY A 50 -14.83 -23.77 -19.10
CA GLY A 50 -15.96 -24.61 -19.39
C GLY A 50 -15.59 -26.04 -19.65
N ARG A 51 -14.68 -26.26 -20.59
CA ARG A 51 -14.36 -27.63 -20.98
C ARG A 51 -13.80 -28.40 -19.80
N GLU A 52 -12.91 -27.74 -19.06
CA GLU A 52 -12.22 -28.38 -17.93
C GLU A 52 -13.21 -28.73 -16.84
N ALA A 53 -14.14 -27.81 -16.59
CA ALA A 53 -15.16 -28.05 -15.59
C ALA A 53 -15.94 -29.28 -15.97
N ALA A 54 -16.42 -29.33 -17.22
CA ALA A 54 -17.20 -30.46 -17.69
C ALA A 54 -16.43 -31.72 -17.42
N LEU A 55 -15.19 -31.79 -17.90
CA LEU A 55 -14.38 -32.98 -17.64
C LEU A 55 -14.37 -33.34 -16.16
N PHE A 56 -14.19 -32.34 -15.30
CA PHE A 56 -14.05 -32.60 -13.88
C PHE A 56 -15.31 -33.21 -13.33
N VAL A 57 -16.43 -32.61 -13.71
CA VAL A 57 -17.73 -33.09 -13.30
C VAL A 57 -18.05 -34.47 -13.91
N ALA A 58 -17.77 -34.60 -15.21
CA ALA A 58 -18.04 -35.85 -15.92
C ALA A 58 -17.30 -37.00 -15.24
N ALA A 59 -16.04 -36.79 -14.87
CA ALA A 59 -15.29 -37.84 -14.20
C ALA A 59 -15.96 -38.35 -12.92
N LEU A 60 -16.77 -37.53 -12.26
CA LEU A 60 -17.38 -37.94 -11.01
C LEU A 60 -18.81 -38.34 -11.22
N ALA A 61 -19.28 -38.22 -12.46
CA ALA A 61 -20.71 -38.38 -12.81
C ALA A 61 -21.17 -39.83 -12.96
N ALA A 62 -20.28 -40.71 -13.40
CA ALA A 62 -20.66 -42.08 -13.74
C ALA A 62 -21.77 -42.10 -14.79
N ALA A 63 -22.71 -43.01 -14.60
CA ALA A 63 -23.74 -43.17 -15.61
C ALA A 63 -24.98 -42.34 -15.32
N ARG A 64 -24.92 -41.49 -14.28
CA ARG A 64 -26.15 -40.81 -13.84
C ARG A 64 -26.20 -39.34 -14.17
N PRO A 65 -27.40 -38.78 -14.16
CA PRO A 65 -27.59 -37.36 -14.47
C PRO A 65 -27.00 -36.42 -13.39
N VAL A 66 -26.66 -35.19 -13.78
CA VAL A 66 -26.07 -34.23 -12.84
C VAL A 66 -26.88 -32.95 -12.84
N LEU A 67 -26.83 -32.23 -11.72
CA LEU A 67 -27.66 -31.06 -11.55
C LEU A 67 -26.75 -29.85 -11.45
N GLU A 68 -26.85 -28.92 -12.43
CA GLU A 68 -26.11 -27.66 -12.32
C GLU A 68 -26.97 -26.58 -11.69
N LEU A 69 -26.48 -26.01 -10.60
CA LEU A 69 -27.19 -24.95 -9.92
C LEU A 69 -26.85 -23.66 -10.63
N GLY A 70 -27.86 -22.93 -11.10
CA GLY A 70 -27.62 -21.69 -11.84
C GLY A 70 -26.95 -21.91 -13.20
N VAL A 71 -27.53 -22.80 -13.98
CA VAL A 71 -26.98 -23.21 -15.25
C VAL A 71 -26.71 -22.05 -16.17
N GLY A 72 -27.43 -20.96 -16.00
CA GLY A 72 -27.14 -19.77 -16.78
C GLY A 72 -27.36 -19.96 -18.28
N THR A 73 -26.32 -19.73 -19.09
CA THR A 73 -26.43 -19.89 -20.55
C THR A 73 -25.84 -21.22 -20.97
N GLY A 74 -25.63 -22.09 -19.99
CA GLY A 74 -25.05 -23.41 -20.22
C GLY A 74 -23.55 -23.46 -20.53
N ARG A 75 -22.79 -22.42 -20.12
CA ARG A 75 -21.34 -22.40 -20.32
C ARG A 75 -20.67 -23.70 -19.89
N VAL A 76 -21.20 -24.32 -18.84
CA VAL A 76 -20.76 -25.65 -18.44
C VAL A 76 -21.69 -26.78 -18.92
N ALA A 77 -22.98 -26.51 -19.01
CA ALA A 77 -23.90 -27.58 -19.41
C ALA A 77 -23.58 -28.16 -20.78
N PHE A 78 -23.31 -27.31 -21.76
CA PHE A 78 -23.15 -27.84 -23.09
C PHE A 78 -21.91 -28.70 -23.26
N PRO A 79 -20.77 -28.25 -22.71
CA PRO A 79 -19.58 -29.07 -22.63
C PRO A 79 -19.88 -30.43 -21.97
N LEU A 80 -20.68 -30.44 -20.93
CA LEU A 80 -21.15 -31.70 -20.39
C LEU A 80 -21.95 -32.51 -21.41
N ALA A 81 -22.86 -31.87 -22.13
CA ALA A 81 -23.68 -32.65 -23.07
C ALA A 81 -22.78 -33.26 -24.13
N ASP A 82 -21.71 -32.53 -24.49
CA ASP A 82 -20.73 -32.98 -25.50
C ASP A 82 -20.05 -34.26 -25.02
N LEU A 83 -20.03 -34.47 -23.71
CA LEU A 83 -19.41 -35.65 -23.13
C LEU A 83 -20.44 -36.75 -22.91
N GLY A 84 -21.66 -36.54 -23.40
CA GLY A 84 -22.72 -37.52 -23.22
C GLY A 84 -23.24 -37.60 -21.79
N VAL A 85 -23.11 -36.49 -21.06
CA VAL A 85 -23.65 -36.42 -19.71
C VAL A 85 -24.97 -35.67 -19.68
N GLU A 86 -26.02 -36.28 -19.11
CA GLU A 86 -27.31 -35.61 -18.96
C GLU A 86 -27.20 -34.52 -17.88
N VAL A 87 -27.70 -33.33 -18.16
CA VAL A 87 -27.62 -32.25 -17.20
C VAL A 87 -28.98 -31.58 -16.98
N HIS A 88 -29.42 -31.51 -15.73
CA HIS A 88 -30.58 -30.69 -15.39
C HIS A 88 -30.06 -29.38 -14.84
N GLY A 89 -30.56 -28.28 -15.40
CA GLY A 89 -30.05 -26.95 -15.07
C GLY A 89 -31.11 -26.13 -14.35
N VAL A 90 -30.83 -25.76 -13.11
CA VAL A 90 -31.76 -24.88 -12.40
C VAL A 90 -31.34 -23.44 -12.57
N GLU A 91 -32.29 -22.61 -12.99
CA GLU A 91 -32.07 -21.19 -13.25
C GLU A 91 -33.30 -20.39 -12.87
N SER A 92 -33.10 -19.26 -12.20
CA SER A 92 -34.21 -18.41 -11.80
C SER A 92 -34.57 -17.37 -12.86
N SER A 93 -33.66 -17.10 -13.80
CA SER A 93 -33.79 -15.96 -14.73
C SER A 93 -34.45 -16.33 -16.06
N GLU A 94 -35.66 -15.84 -16.26
CA GLU A 94 -36.33 -16.03 -17.52
C GLU A 94 -35.40 -15.80 -18.69
N PRO A 95 -34.78 -14.58 -18.77
CA PRO A 95 -33.90 -14.23 -19.87
C PRO A 95 -32.70 -15.14 -20.03
N MET A 96 -32.13 -15.59 -18.92
CA MET A 96 -30.99 -16.50 -19.01
C MET A 96 -31.46 -17.81 -19.60
N LEU A 97 -32.54 -18.32 -19.03
CA LEU A 97 -33.15 -19.54 -19.50
C LEU A 97 -33.44 -19.52 -21.01
N ASP A 98 -34.03 -18.42 -21.50
CA ASP A 98 -34.26 -18.23 -22.91
C ASP A 98 -33.00 -18.31 -23.74
N LYS A 99 -31.92 -17.68 -23.32
CA LYS A 99 -30.63 -17.88 -23.99
C LYS A 99 -30.28 -19.35 -24.08
N LEU A 100 -30.43 -20.05 -22.95
CA LEU A 100 -30.09 -21.46 -22.86
C LEU A 100 -30.92 -22.31 -23.84
N ARG A 101 -32.21 -22.09 -23.86
CA ARG A 101 -33.04 -22.86 -24.76
C ARG A 101 -32.69 -22.58 -26.22
N GLU A 102 -32.33 -21.35 -26.51
CA GLU A 102 -31.97 -20.96 -27.86
C GLU A 102 -30.68 -21.67 -28.30
N LYS A 103 -29.66 -21.67 -27.44
CA LYS A 103 -28.44 -22.37 -27.76
C LYS A 103 -28.66 -23.87 -27.82
N ALA A 104 -29.53 -24.41 -26.98
CA ALA A 104 -29.80 -25.83 -27.02
C ALA A 104 -30.42 -26.26 -28.33
N ALA A 105 -31.43 -25.55 -28.80
CA ALA A 105 -32.00 -25.87 -30.10
C ALA A 105 -30.95 -25.94 -31.20
N ALA A 106 -29.93 -25.11 -31.12
CA ALA A 106 -28.92 -25.06 -32.17
C ALA A 106 -27.78 -26.03 -31.96
N HIS A 107 -27.59 -26.46 -30.72
CA HIS A 107 -26.48 -27.33 -30.36
C HIS A 107 -26.76 -28.78 -30.79
N PRO A 108 -25.74 -29.48 -31.30
CA PRO A 108 -25.98 -30.87 -31.69
C PRO A 108 -26.39 -31.77 -30.50
N ASN A 109 -25.97 -31.37 -29.30
CA ASN A 109 -26.25 -32.17 -28.13
C ASN A 109 -27.18 -31.51 -27.12
N GLY A 110 -27.94 -30.52 -27.58
CA GLY A 110 -28.81 -29.75 -26.72
C GLY A 110 -29.87 -30.57 -26.00
N ASN A 111 -30.18 -31.72 -26.57
CA ASN A 111 -31.22 -32.53 -25.99
C ASN A 111 -30.86 -33.13 -24.64
N LEU A 112 -29.56 -33.24 -24.35
CA LEU A 112 -29.07 -33.76 -23.10
C LEU A 112 -29.08 -32.71 -21.98
N VAL A 113 -29.35 -31.46 -22.33
CA VAL A 113 -29.47 -30.43 -21.30
C VAL A 113 -30.95 -30.23 -20.92
N VAL A 114 -31.24 -30.38 -19.65
CA VAL A 114 -32.61 -30.22 -19.19
C VAL A 114 -32.79 -28.92 -18.38
N PRO A 115 -33.41 -27.92 -18.98
CA PRO A 115 -33.53 -26.71 -18.23
C PRO A 115 -34.72 -26.78 -17.26
N VAL A 116 -34.56 -26.14 -16.11
CA VAL A 116 -35.59 -26.10 -15.07
C VAL A 116 -35.68 -24.70 -14.47
N LEU A 117 -36.80 -24.02 -14.68
CA LEU A 117 -37.04 -22.75 -14.03
C LEU A 117 -37.26 -23.05 -12.56
N GLY A 118 -36.46 -22.42 -11.71
CA GLY A 118 -36.61 -22.57 -10.27
C GLY A 118 -35.57 -21.76 -9.50
N ASN A 119 -35.75 -21.67 -8.21
CA ASN A 119 -34.84 -20.95 -7.33
C ASN A 119 -34.08 -21.98 -6.52
N PHE A 120 -32.79 -22.09 -6.74
CA PHE A 120 -32.06 -23.16 -6.07
C PHE A 120 -31.84 -23.01 -4.56
N ALA A 121 -32.44 -21.99 -3.98
CA ALA A 121 -32.46 -21.86 -2.53
C ALA A 121 -33.65 -22.69 -2.02
N LYS A 122 -34.55 -23.04 -2.95
CA LYS A 122 -35.75 -23.81 -2.62
C LYS A 122 -36.00 -24.80 -3.73
N LEU A 123 -35.05 -25.70 -3.94
CA LEU A 123 -35.17 -26.71 -4.98
C LEU A 123 -36.38 -27.57 -4.74
N ASP A 124 -37.07 -27.94 -5.81
CA ASP A 124 -38.25 -28.78 -5.72
C ASP A 124 -38.23 -29.78 -6.87
N LEU A 125 -37.44 -30.84 -6.73
CA LEU A 125 -37.24 -31.78 -7.83
C LEU A 125 -37.82 -33.18 -7.58
N GLY A 126 -38.53 -33.31 -6.45
CA GLY A 126 -39.17 -34.58 -6.08
C GLY A 126 -38.24 -35.77 -5.96
N GLU A 127 -38.57 -36.83 -6.71
CA GLU A 127 -37.92 -38.13 -6.55
C GLU A 127 -36.56 -38.24 -7.23
N GLN A 128 -36.30 -37.38 -8.19
CA GLN A 128 -35.03 -37.38 -8.91
C GLN A 128 -33.78 -37.28 -8.00
N ARG A 129 -32.76 -38.08 -8.30
CA ARG A 129 -31.49 -38.03 -7.60
C ARG A 129 -30.34 -37.88 -8.60
N TYR A 130 -29.22 -37.31 -8.15
CA TYR A 130 -28.13 -36.93 -9.04
C TYR A 130 -26.81 -37.52 -8.61
N SER A 131 -25.97 -37.87 -9.56
CA SER A 131 -24.66 -38.41 -9.23
C SER A 131 -23.71 -37.28 -8.87
N VAL A 132 -24.02 -36.08 -9.36
CA VAL A 132 -23.28 -34.84 -8.96
C VAL A 132 -24.20 -33.62 -8.92
N VAL A 133 -24.07 -32.82 -7.87
CA VAL A 133 -24.71 -31.52 -7.88
C VAL A 133 -23.59 -30.49 -7.80
N PHE A 134 -23.52 -29.60 -8.78
CA PHE A 134 -22.42 -28.63 -8.75
C PHE A 134 -22.87 -27.19 -8.98
N ALA A 135 -22.14 -26.26 -8.37
CA ALA A 135 -22.35 -24.84 -8.56
C ALA A 135 -21.02 -24.15 -8.97
N ALA A 136 -20.88 -23.80 -10.26
CA ALA A 136 -19.64 -23.17 -10.70
C ALA A 136 -19.59 -21.63 -10.54
N PHE A 137 -18.38 -21.09 -10.63
CA PHE A 137 -18.22 -19.65 -10.74
C PHE A 137 -19.10 -18.83 -9.74
N ASN A 138 -18.95 -19.16 -8.46
CA ASN A 138 -19.56 -18.44 -7.37
C ASN A 138 -21.04 -18.53 -7.35
N THR A 139 -21.60 -19.46 -8.09
CA THR A 139 -23.04 -19.55 -8.03
C THR A 139 -23.61 -19.72 -6.62
N LEU A 140 -22.93 -20.48 -5.75
CA LEU A 140 -23.43 -20.69 -4.39
C LEU A 140 -23.43 -19.39 -3.64
N PHE A 141 -22.50 -18.53 -3.99
CA PHE A 141 -22.34 -17.26 -3.32
C PHE A 141 -23.37 -16.22 -3.75
N CYS A 142 -24.25 -16.61 -4.67
CA CYS A 142 -25.31 -15.73 -5.14
C CYS A 142 -26.47 -15.67 -4.20
N LEU A 143 -26.54 -16.62 -3.30
CA LEU A 143 -27.50 -16.60 -2.19
C LEU A 143 -26.95 -15.71 -1.09
N LEU A 144 -27.62 -14.59 -0.84
CA LEU A 144 -27.00 -13.56 -0.03
C LEU A 144 -26.98 -13.80 1.48
N GLY A 145 -26.71 -15.00 1.95
CA GLY A 145 -26.61 -15.18 3.38
C GLY A 145 -26.07 -16.53 3.73
N GLN A 146 -25.43 -16.63 4.90
CA GLN A 146 -24.87 -17.91 5.36
C GLN A 146 -25.98 -18.95 5.54
N ASP A 147 -27.11 -18.49 6.10
CA ASP A 147 -28.27 -19.34 6.32
C ASP A 147 -28.81 -19.97 5.04
N GLU A 148 -28.94 -19.16 3.98
CA GLU A 148 -29.49 -19.65 2.71
C GLU A 148 -28.52 -20.59 2.05
N GLN A 149 -27.23 -20.36 2.20
CA GLN A 149 -26.24 -21.24 1.60
C GLN A 149 -26.21 -22.61 2.27
N ILE A 150 -26.35 -22.63 3.59
CA ILE A 150 -26.48 -23.89 4.31
C ILE A 150 -27.70 -24.67 3.85
N ASP A 151 -28.88 -24.07 3.91
CA ASP A 151 -30.08 -24.67 3.33
C ASP A 151 -29.86 -25.31 1.99
N CYS A 152 -29.19 -24.60 1.09
CA CYS A 152 -29.04 -25.07 -0.26
C CYS A 152 -28.10 -26.26 -0.26
N MET A 153 -27.02 -26.17 0.49
CA MET A 153 -26.14 -27.32 0.57
C MET A 153 -26.89 -28.57 1.11
N ARG A 154 -27.76 -28.35 2.10
CA ARG A 154 -28.47 -29.46 2.69
C ARG A 154 -29.36 -30.06 1.62
N GLN A 155 -29.99 -29.21 0.84
CA GLN A 155 -30.89 -29.69 -0.18
C GLN A 155 -30.13 -30.43 -1.24
N ALA A 156 -28.94 -29.96 -1.58
CA ALA A 156 -28.18 -30.63 -2.60
C ALA A 156 -27.83 -32.01 -2.07
N ARG A 157 -27.33 -32.06 -0.84
CA ARG A 157 -27.00 -33.34 -0.22
C ARG A 157 -28.16 -34.31 -0.33
N GLU A 158 -29.38 -33.85 -0.04
CA GLU A 158 -30.54 -34.72 -0.06
C GLU A 158 -30.93 -35.12 -1.48
N LEU A 159 -30.27 -34.54 -2.48
CA LEU A 159 -30.57 -34.91 -3.87
C LEU A 159 -29.54 -35.85 -4.50
N LEU A 160 -28.44 -36.07 -3.77
CA LEU A 160 -27.39 -37.00 -4.22
C LEU A 160 -27.82 -38.45 -4.08
N GLU A 161 -27.43 -39.28 -5.05
CA GLU A 161 -27.57 -40.74 -4.89
C GLU A 161 -26.50 -41.22 -3.90
N PRO A 162 -26.55 -42.50 -3.50
CA PRO A 162 -25.53 -43.13 -2.68
C PRO A 162 -24.11 -42.61 -2.93
N GLY A 163 -23.56 -42.87 -4.11
CA GLY A 163 -22.18 -42.42 -4.42
C GLY A 163 -21.92 -40.92 -4.42
N GLY A 164 -22.97 -40.16 -4.76
CA GLY A 164 -22.87 -38.78 -5.24
C GLY A 164 -21.98 -37.84 -4.50
N THR A 165 -21.58 -36.76 -5.19
CA THR A 165 -20.75 -35.69 -4.64
C THR A 165 -21.35 -34.32 -4.97
N PHE A 166 -20.98 -33.31 -4.20
CA PHE A 166 -21.47 -31.93 -4.40
C PHE A 166 -20.26 -31.05 -4.64
N VAL A 167 -20.23 -30.40 -5.80
CA VAL A 167 -19.04 -29.66 -6.24
C VAL A 167 -19.30 -28.17 -6.33
N VAL A 168 -18.44 -27.35 -5.73
CA VAL A 168 -18.57 -25.89 -5.86
C VAL A 168 -17.27 -25.26 -6.27
N GLN A 169 -17.38 -24.20 -7.07
CA GLN A 169 -16.24 -23.35 -7.41
C GLN A 169 -16.49 -21.95 -6.83
N CYS A 170 -15.55 -21.48 -6.02
CA CYS A 170 -15.78 -20.33 -5.18
C CYS A 170 -14.54 -19.46 -5.12
N LEU A 171 -14.73 -18.13 -5.09
CA LEU A 171 -13.60 -17.23 -4.90
C LEU A 171 -13.02 -17.48 -3.53
N ASN A 172 -11.71 -17.49 -3.46
CA ASN A 172 -11.02 -17.69 -2.20
C ASN A 172 -10.62 -16.33 -1.67
N PRO A 173 -11.30 -15.86 -0.62
CA PRO A 173 -11.07 -14.51 -0.18
C PRO A 173 -9.60 -14.18 0.09
N ALA A 174 -8.86 -15.06 0.76
CA ALA A 174 -7.41 -14.80 1.00
C ALA A 174 -6.68 -14.48 -0.29
N GLY A 175 -6.80 -15.32 -1.31
CA GLY A 175 -6.03 -15.15 -2.53
C GLY A 175 -6.58 -14.03 -3.37
N GLN A 176 -7.70 -13.51 -2.94
CA GLN A 176 -8.41 -12.56 -3.74
C GLN A 176 -8.07 -11.16 -3.25
N ARG A 177 -7.44 -11.08 -2.08
CA ARG A 177 -6.87 -9.82 -1.59
C ARG A 177 -7.86 -8.65 -1.74
N LEU A 178 -9.09 -8.83 -1.27
CA LEU A 178 -10.14 -7.82 -1.37
C LEU A 178 -9.86 -6.62 -0.48
N ALA A 179 -9.83 -5.43 -1.07
CA ALA A 179 -9.71 -4.21 -0.27
C ALA A 179 -10.95 -4.13 0.60
N THR A 180 -10.80 -3.46 1.72
CA THR A 180 -11.91 -3.22 2.59
C THR A 180 -12.59 -1.95 2.12
N GLY A 181 -13.92 -1.90 2.17
CA GLY A 181 -14.63 -0.74 1.63
C GLY A 181 -14.77 -0.74 0.11
N ASN A 182 -14.88 0.46 -0.47
CA ASN A 182 -15.21 0.61 -1.89
C ASN A 182 -13.95 0.56 -2.72
N THR A 183 -14.08 0.14 -3.98
CA THR A 183 -12.96 0.17 -4.94
C THR A 183 -13.47 0.41 -6.35
N PHE A 184 -12.55 0.80 -7.22
CA PHE A 184 -12.86 0.96 -8.64
C PHE A 184 -11.74 0.46 -9.52
N GLY A 185 -12.04 -0.40 -10.47
CA GLY A 185 -10.98 -1.03 -11.21
C GLY A 185 -11.27 -1.24 -12.67
N THR A 186 -10.21 -1.41 -13.46
CA THR A 186 -10.35 -1.68 -14.88
C THR A 186 -10.46 -3.17 -15.08
N VAL A 187 -11.53 -3.66 -15.70
CA VAL A 187 -11.64 -5.10 -15.87
C VAL A 187 -11.02 -5.58 -17.16
N GLU A 188 -11.31 -4.89 -18.28
CA GLU A 188 -10.90 -5.33 -19.61
C GLU A 188 -11.03 -4.24 -20.64
N LEU A 189 -10.14 -4.26 -21.62
CA LEU A 189 -10.13 -3.27 -22.70
C LEU A 189 -10.55 -3.84 -24.06
N GLU A 190 -11.31 -3.04 -24.80
CA GLU A 190 -11.71 -3.40 -26.15
C GLU A 190 -11.31 -2.22 -26.99
N ASP A 191 -11.26 -2.38 -28.30
CA ASP A 191 -10.91 -1.27 -29.21
C ASP A 191 -11.86 -0.10 -29.09
N THR A 192 -13.10 -0.36 -28.70
CA THR A 192 -14.05 0.73 -28.66
C THR A 192 -14.92 0.73 -27.43
N ALA A 193 -14.47 0.06 -26.38
CA ALA A 193 -15.17 0.15 -25.11
C ALA A 193 -14.21 -0.26 -24.03
N VAL A 194 -14.53 0.14 -22.80
CA VAL A 194 -13.79 -0.35 -21.68
C VAL A 194 -14.77 -1.00 -20.72
N HIS A 195 -14.27 -1.99 -19.98
CA HIS A 195 -15.04 -2.66 -18.93
C HIS A 195 -14.45 -2.30 -17.58
N LEU A 196 -15.21 -1.55 -16.79
CA LEU A 196 -14.78 -1.18 -15.48
C LEU A 196 -15.64 -1.85 -14.43
N GLU A 197 -15.21 -1.83 -13.18
CA GLU A 197 -16.05 -2.33 -12.12
C GLU A 197 -16.02 -1.40 -10.92
N ALA A 198 -17.19 -1.01 -10.44
CA ALA A 198 -17.29 -0.22 -9.20
C ALA A 198 -17.82 -1.18 -8.13
N SER A 199 -17.16 -1.30 -6.97
CA SER A 199 -17.67 -2.26 -6.04
C SER A 199 -17.63 -1.78 -4.62
N LYS A 200 -18.48 -2.37 -3.79
CA LYS A 200 -18.46 -2.12 -2.35
C LYS A 200 -18.27 -3.45 -1.61
N HIS A 201 -17.36 -3.48 -0.65
CA HIS A 201 -17.11 -4.69 0.09
C HIS A 201 -17.48 -4.46 1.50
N ASP A 202 -18.28 -5.36 2.08
CA ASP A 202 -18.59 -5.32 3.51
C ASP A 202 -17.96 -6.53 4.18
N PRO A 203 -16.77 -6.36 4.76
CA PRO A 203 -16.03 -7.52 5.25
C PRO A 203 -16.73 -8.18 6.43
N LEU A 204 -17.72 -7.51 6.99
CA LEU A 204 -18.44 -8.04 8.13
C LEU A 204 -19.60 -8.89 7.69
N ALA A 205 -20.41 -8.36 6.78
CA ALA A 205 -21.45 -9.19 6.20
C ALA A 205 -20.86 -10.14 5.13
N GLN A 206 -19.54 -10.02 4.88
CA GLN A 206 -18.86 -10.76 3.84
C GLN A 206 -19.62 -10.64 2.51
N THR A 207 -20.02 -9.44 2.17
CA THR A 207 -20.70 -9.26 0.89
C THR A 207 -19.89 -8.38 -0.07
N LEU A 208 -19.95 -8.72 -1.35
CA LEU A 208 -19.42 -7.91 -2.45
C LEU A 208 -20.57 -7.48 -3.30
N SER A 209 -20.68 -6.19 -3.47
CA SER A 209 -21.78 -5.59 -4.18
C SER A 209 -21.18 -4.60 -5.20
N ALA A 210 -21.55 -4.78 -6.46
CA ALA A 210 -20.80 -4.13 -7.54
C ALA A 210 -21.63 -3.78 -8.76
N HIS A 211 -21.06 -2.91 -9.59
CA HIS A 211 -21.54 -2.67 -10.95
C HIS A 211 -20.44 -3.02 -11.93
N HIS A 212 -20.71 -3.91 -12.87
CA HIS A 212 -19.87 -4.02 -14.04
C HIS A 212 -20.28 -2.91 -15.04
N ILE A 213 -19.33 -2.03 -15.36
CA ILE A 213 -19.61 -0.85 -16.20
C ILE A 213 -19.01 -1.00 -17.60
N VAL A 214 -19.78 -0.77 -18.64
CA VAL A 214 -19.23 -0.75 -19.98
C VAL A 214 -19.37 0.66 -20.57
N LEU A 215 -18.26 1.36 -20.76
CA LEU A 215 -18.27 2.65 -21.43
C LEU A 215 -17.91 2.42 -22.88
N SER A 216 -18.65 3.02 -23.81
CA SER A 216 -18.33 2.83 -25.22
C SER A 216 -18.08 4.18 -25.90
N GLU A 217 -17.32 4.12 -27.00
CA GLU A 217 -17.03 5.30 -27.81
C GLU A 217 -18.28 6.10 -28.19
N GLY A 218 -19.43 5.50 -28.29
CA GLY A 218 -20.60 6.40 -28.44
C GLY A 218 -20.78 7.56 -27.43
N GLY A 219 -20.57 7.25 -26.15
CA GLY A 219 -21.12 8.00 -25.04
C GLY A 219 -22.18 7.15 -24.37
N GLY A 220 -22.26 5.88 -24.75
CA GLY A 220 -23.17 4.96 -24.14
C GLY A 220 -22.55 4.36 -22.91
N ILE A 221 -23.40 4.08 -21.92
CA ILE A 221 -22.98 3.50 -20.65
C ILE A 221 -23.98 2.38 -20.29
N ARG A 222 -23.50 1.16 -20.13
CA ARG A 222 -24.37 0.10 -19.66
C ARG A 222 -23.86 -0.42 -18.30
N LEU A 223 -24.77 -0.59 -17.34
CA LEU A 223 -24.43 -0.97 -16.00
C LEU A 223 -25.01 -2.34 -15.76
N PHE A 224 -24.24 -3.24 -15.16
CA PHE A 224 -24.70 -4.57 -14.88
C PHE A 224 -24.33 -4.90 -13.44
N PRO A 225 -25.31 -4.83 -12.49
CA PRO A 225 -25.05 -5.02 -11.05
C PRO A 225 -25.00 -6.48 -10.58
N TYR A 226 -24.15 -6.81 -9.63
CA TYR A 226 -24.27 -8.10 -9.02
C TYR A 226 -23.96 -8.01 -7.53
N ARG A 227 -24.37 -9.04 -6.78
CA ARG A 227 -24.11 -9.15 -5.32
C ARG A 227 -23.68 -10.56 -4.95
N LEU A 228 -22.58 -10.68 -4.21
CA LEU A 228 -22.12 -11.98 -3.69
C LEU A 228 -22.07 -12.01 -2.17
N ARG A 229 -22.34 -13.15 -1.55
CA ARG A 229 -21.92 -13.35 -0.15
C ARG A 229 -20.89 -14.43 -0.20
N TYR A 230 -19.63 -14.10 0.11
CA TYR A 230 -18.57 -15.12 0.10
C TYR A 230 -18.47 -15.82 1.44
N ALA A 231 -17.71 -16.92 1.47
CA ALA A 231 -17.42 -17.60 2.75
C ALA A 231 -15.99 -18.05 2.69
N TYR A 232 -15.31 -18.01 3.82
CA TYR A 232 -13.92 -18.50 3.89
C TYR A 232 -13.98 -20.01 3.88
N PRO A 233 -12.96 -20.64 3.34
CA PRO A 233 -12.88 -22.08 3.37
C PRO A 233 -13.27 -22.67 4.73
N ALA A 234 -12.55 -22.29 5.79
CA ALA A 234 -12.84 -22.90 7.08
C ALA A 234 -14.32 -22.80 7.45
N GLU A 235 -14.96 -21.71 7.04
CA GLU A 235 -16.35 -21.45 7.37
C GLU A 235 -17.24 -22.30 6.47
N LEU A 236 -16.96 -22.33 5.18
CA LEU A 236 -17.71 -23.10 4.19
C LEU A 236 -17.67 -24.57 4.57
N ASP A 237 -16.49 -25.03 5.02
CA ASP A 237 -16.36 -26.41 5.43
C ASP A 237 -17.28 -26.70 6.60
N LEU A 238 -17.45 -25.72 7.49
CA LEU A 238 -18.29 -25.91 8.66
C LEU A 238 -19.75 -25.91 8.21
N MET A 239 -20.06 -25.05 7.23
CA MET A 239 -21.39 -24.95 6.70
C MET A 239 -21.77 -26.30 6.13
N ALA A 240 -20.88 -26.85 5.32
CA ALA A 240 -21.04 -28.19 4.78
C ALA A 240 -21.29 -29.22 5.87
N ASN A 241 -20.58 -29.14 6.98
CA ASN A 241 -20.82 -30.11 8.03
C ASN A 241 -22.24 -30.03 8.58
N VAL A 242 -22.70 -28.81 8.80
CA VAL A 242 -24.04 -28.59 9.33
C VAL A 242 -25.05 -29.12 8.33
N ALA A 243 -24.72 -29.06 7.04
CA ALA A 243 -25.62 -29.56 6.01
C ALA A 243 -25.54 -31.09 5.80
N GLY A 244 -24.73 -31.78 6.60
CA GLY A 244 -24.51 -33.21 6.45
C GLY A 244 -23.49 -33.56 5.39
N LEU A 245 -22.70 -32.59 4.92
CA LEU A 245 -21.60 -32.87 4.01
C LEU A 245 -20.23 -32.91 4.70
N GLU A 246 -19.30 -33.66 4.13
CA GLU A 246 -17.92 -33.60 4.57
C GLU A 246 -17.04 -33.40 3.34
N LEU A 247 -15.98 -32.60 3.48
CA LEU A 247 -15.08 -32.30 2.38
C LEU A 247 -14.22 -33.51 2.05
N VAL A 248 -14.07 -33.78 0.76
CA VAL A 248 -13.28 -34.90 0.29
C VAL A 248 -12.03 -34.44 -0.48
N GLU A 249 -12.14 -33.40 -1.32
CA GLU A 249 -10.96 -32.81 -1.94
C GLU A 249 -11.11 -31.31 -2.24
N ARG A 250 -9.98 -30.59 -2.27
CA ARG A 250 -9.96 -29.17 -2.59
C ARG A 250 -8.83 -28.81 -3.55
N HIS A 251 -9.16 -28.11 -4.63
CA HIS A 251 -8.14 -27.73 -5.61
C HIS A 251 -8.20 -26.26 -5.84
N ALA A 252 -7.29 -25.76 -6.66
CA ALA A 252 -7.38 -24.38 -7.08
C ALA A 252 -8.36 -24.20 -8.27
N ASP A 253 -8.51 -25.23 -9.10
CA ASP A 253 -9.32 -25.09 -10.31
C ASP A 253 -9.70 -26.48 -10.85
N PHE A 254 -10.50 -26.56 -11.91
CA PHE A 254 -10.95 -27.88 -12.35
C PHE A 254 -9.88 -28.73 -13.02
N GLU A 255 -8.62 -28.30 -12.97
CA GLU A 255 -7.52 -29.04 -13.57
C GLU A 255 -6.69 -29.61 -12.45
N ARG A 256 -7.21 -29.45 -11.23
CA ARG A 256 -6.64 -30.08 -10.05
C ARG A 256 -5.25 -29.54 -9.64
N ARG A 257 -5.01 -28.25 -9.89
CA ARG A 257 -3.83 -27.57 -9.40
C ARG A 257 -3.96 -27.35 -7.91
N ARG A 258 -2.82 -27.39 -7.22
CA ARG A 258 -2.78 -27.31 -5.76
C ARG A 258 -3.40 -26.06 -5.26
N PHE A 259 -4.26 -26.18 -4.25
CA PHE A 259 -4.86 -25.03 -3.58
C PHE A 259 -3.98 -24.52 -2.46
N ASP A 260 -3.67 -23.23 -2.52
CA ASP A 260 -2.97 -22.56 -1.41
C ASP A 260 -3.50 -21.15 -1.22
N ALA A 261 -2.92 -20.47 -0.25
CA ALA A 261 -3.49 -19.22 0.22
C ALA A 261 -3.58 -18.19 -0.88
N SER A 262 -2.71 -18.27 -1.89
CA SER A 262 -2.75 -17.25 -2.95
C SER A 262 -3.58 -17.67 -4.17
N SER A 263 -4.29 -18.79 -4.06
CA SER A 263 -5.22 -19.20 -5.09
C SER A 263 -6.39 -18.25 -5.12
N ARG A 264 -6.72 -17.74 -6.29
CA ARG A 264 -7.80 -16.79 -6.39
C ARG A 264 -9.11 -17.50 -6.17
N TYR A 265 -9.23 -18.75 -6.60
CA TYR A 265 -10.47 -19.53 -6.41
C TYR A 265 -10.19 -20.89 -5.76
N HIS A 266 -11.23 -21.59 -5.34
CA HIS A 266 -11.09 -23.00 -5.05
C HIS A 266 -12.23 -23.86 -5.61
N VAL A 267 -11.93 -25.13 -5.83
CA VAL A 267 -12.92 -26.11 -6.25
C VAL A 267 -12.95 -27.18 -5.18
N SER A 268 -14.10 -27.29 -4.53
CA SER A 268 -14.21 -28.16 -3.37
C SER A 268 -15.21 -29.23 -3.66
N VAL A 269 -14.89 -30.45 -3.25
CA VAL A 269 -15.75 -31.58 -3.48
C VAL A 269 -16.23 -32.15 -2.15
N TYR A 270 -17.54 -32.18 -1.94
CA TYR A 270 -18.11 -32.72 -0.72
C TYR A 270 -18.93 -33.93 -1.05
N ARG A 271 -19.04 -34.86 -0.09
CA ARG A 271 -19.93 -36.00 -0.20
C ARG A 271 -20.72 -36.16 1.09
N ALA A 272 -21.77 -36.97 1.05
CA ALA A 272 -22.60 -37.19 2.22
C ALA A 272 -21.79 -37.70 3.44
N ALA A 273 -22.16 -37.26 4.63
CA ALA A 273 -21.37 -37.52 5.82
C ALA A 273 -21.70 -38.89 6.40
N ALA A 274 -20.73 -39.44 7.14
CA ALA A 274 -20.88 -40.76 7.75
C ALA A 274 -22.05 -40.82 8.73
N TYR B 24 -4.50 -2.97 -33.59
CA TYR B 24 -3.57 -1.86 -33.22
C TYR B 24 -2.31 -1.70 -34.15
N ASP B 25 -2.24 -0.60 -34.92
CA ASP B 25 -1.15 -0.34 -35.89
C ASP B 25 -0.02 0.44 -35.24
N GLU B 26 0.98 0.78 -36.07
CA GLU B 26 1.97 1.85 -35.77
C GLU B 26 1.22 3.19 -35.85
N THR B 27 0.01 3.11 -36.38
CA THR B 27 -0.69 4.28 -36.87
C THR B 27 -1.85 4.71 -35.98
N THR B 28 -2.48 3.75 -35.29
CA THR B 28 -3.76 4.04 -34.63
C THR B 28 -3.64 5.00 -33.46
N TYR B 29 -2.50 5.00 -32.78
CA TYR B 29 -2.25 6.09 -31.81
C TYR B 29 -2.46 7.49 -32.45
N GLY B 30 -1.55 7.88 -33.35
CA GLY B 30 -1.72 9.07 -34.16
C GLY B 30 -3.14 9.28 -34.72
N ASP B 31 -3.67 8.32 -35.47
CA ASP B 31 -4.96 8.54 -36.15
C ASP B 31 -6.06 9.17 -35.27
N GLN B 32 -6.33 8.53 -34.13
CA GLN B 32 -7.35 8.97 -33.15
C GLN B 32 -7.11 10.37 -32.54
N ILE B 33 -5.90 10.55 -32.03
CA ILE B 33 -5.61 11.68 -31.17
C ILE B 33 -5.32 13.01 -31.90
N ALA B 34 -5.06 12.96 -33.21
CA ALA B 34 -4.51 14.09 -33.97
C ALA B 34 -5.13 15.44 -33.70
N ASP B 35 -6.44 15.48 -33.85
CA ASP B 35 -7.20 16.73 -33.74
C ASP B 35 -7.35 17.29 -32.30
N VAL B 36 -6.90 16.55 -31.28
CA VAL B 36 -7.01 17.01 -29.87
C VAL B 36 -5.67 17.00 -29.14
N TYR B 37 -4.68 16.39 -29.77
CA TYR B 37 -3.39 16.27 -29.15
C TYR B 37 -2.95 17.62 -28.58
N ASP B 38 -3.12 18.69 -29.36
CA ASP B 38 -2.70 20.04 -28.90
C ASP B 38 -3.73 20.76 -28.02
N GLU B 39 -4.96 20.28 -27.90
CA GLU B 39 -5.95 21.04 -27.16
C GLU B 39 -6.07 20.59 -25.72
N TRP B 40 -5.52 19.44 -25.38
CA TRP B 40 -5.76 18.83 -24.06
C TRP B 40 -5.05 19.59 -22.95
N PRO B 41 -5.78 19.92 -21.88
CA PRO B 41 -5.21 20.70 -20.78
C PRO B 41 -4.29 19.90 -19.88
N GLY B 42 -3.37 20.59 -19.24
CA GLY B 42 -2.60 20.04 -18.13
C GLY B 42 -1.99 18.68 -18.34
N ASP B 43 -2.16 17.81 -17.34
CA ASP B 43 -1.56 16.48 -17.33
C ASP B 43 -2.13 15.56 -18.42
N ALA B 44 -3.27 15.95 -19.02
CA ALA B 44 -3.92 15.16 -20.06
C ALA B 44 -3.17 15.30 -21.36
N GLY B 45 -2.61 16.48 -21.60
CA GLY B 45 -1.80 16.78 -22.79
C GLY B 45 -0.44 16.12 -22.71
N PRO B 46 0.39 16.39 -23.72
CA PRO B 46 1.78 15.91 -23.69
C PRO B 46 2.53 16.81 -22.76
N PRO B 47 3.73 16.42 -22.33
CA PRO B 47 4.35 17.25 -21.28
C PRO B 47 4.68 18.64 -21.84
N PRO B 48 4.67 19.67 -20.98
CA PRO B 48 4.90 21.03 -21.45
C PRO B 48 6.39 21.41 -21.56
N ASP B 49 7.22 20.51 -22.10
CA ASP B 49 8.64 20.81 -22.18
C ASP B 49 9.15 20.99 -23.60
N GLY B 50 8.24 21.33 -24.52
CA GLY B 50 8.58 21.62 -25.92
C GLY B 50 9.80 22.53 -26.07
N ARG B 51 9.71 23.71 -25.47
CA ARG B 51 10.79 24.71 -25.50
C ARG B 51 12.13 24.17 -24.99
N GLU B 52 12.09 23.54 -23.82
CA GLU B 52 13.28 22.99 -23.15
C GLU B 52 13.90 21.83 -23.91
N ALA B 53 13.05 21.08 -24.61
CA ALA B 53 13.49 19.97 -25.43
C ALA B 53 14.26 20.52 -26.63
N ALA B 54 13.64 21.49 -27.28
CA ALA B 54 14.22 22.12 -28.42
C ALA B 54 15.58 22.69 -28.02
N LEU B 55 15.67 23.40 -26.89
CA LEU B 55 16.96 23.93 -26.44
C LEU B 55 18.01 22.81 -26.27
N PHE B 56 17.61 21.68 -25.68
CA PHE B 56 18.53 20.60 -25.41
C PHE B 56 19.04 20.02 -26.74
N VAL B 57 18.13 19.72 -27.65
CA VAL B 57 18.56 19.18 -28.91
C VAL B 57 19.42 20.20 -29.65
N ALA B 58 18.90 21.42 -29.66
CA ALA B 58 19.51 22.48 -30.41
C ALA B 58 20.89 22.69 -29.86
N ALA B 59 21.02 22.59 -28.54
CA ALA B 59 22.31 22.77 -27.90
C ALA B 59 23.33 21.77 -28.47
N LEU B 60 22.89 20.59 -28.91
CA LEU B 60 23.78 19.57 -29.51
C LEU B 60 23.86 19.63 -31.03
N ALA B 61 22.93 20.35 -31.66
CA ALA B 61 22.75 20.27 -33.08
C ALA B 61 23.75 21.07 -33.86
N ALA B 62 24.26 22.15 -33.27
CA ALA B 62 25.10 23.08 -34.03
C ALA B 62 24.28 23.53 -35.23
N ALA B 63 24.93 23.68 -36.37
CA ALA B 63 24.32 24.25 -37.55
C ALA B 63 23.80 23.16 -38.45
N ARG B 64 23.92 21.91 -38.03
CA ARG B 64 23.50 20.80 -38.88
C ARG B 64 22.06 20.28 -38.61
N PRO B 65 21.50 19.49 -39.55
CA PRO B 65 20.09 19.06 -39.43
C PRO B 65 19.89 17.88 -38.48
N VAL B 66 18.70 17.78 -37.90
CA VAL B 66 18.41 16.77 -36.90
C VAL B 66 17.17 16.02 -37.34
N LEU B 67 17.00 14.80 -36.83
CA LEU B 67 15.89 13.92 -37.21
C LEU B 67 15.01 13.62 -36.01
N GLU B 68 13.76 14.12 -36.00
CA GLU B 68 12.85 13.71 -34.91
C GLU B 68 12.11 12.45 -35.30
N LEU B 69 12.15 11.42 -34.43
CA LEU B 69 11.40 10.22 -34.69
C LEU B 69 9.97 10.35 -34.16
N GLY B 70 8.98 10.13 -35.02
CA GLY B 70 7.58 10.31 -34.62
C GLY B 70 7.24 11.76 -34.30
N VAL B 71 7.48 12.65 -35.26
CA VAL B 71 7.40 14.10 -35.05
C VAL B 71 6.04 14.59 -34.61
N GLY B 72 4.99 13.84 -34.94
CA GLY B 72 3.65 14.17 -34.45
C GLY B 72 3.09 15.46 -35.03
N THR B 73 2.64 16.35 -34.15
CA THR B 73 2.13 17.65 -34.60
C THR B 73 3.23 18.67 -34.48
N GLY B 74 4.45 18.18 -34.26
CA GLY B 74 5.60 19.04 -34.13
C GLY B 74 5.65 19.84 -32.84
N ARG B 75 5.15 19.26 -31.75
CA ARG B 75 5.32 19.85 -30.42
C ARG B 75 6.77 20.27 -30.17
N VAL B 76 7.71 19.47 -30.65
CA VAL B 76 9.13 19.80 -30.47
C VAL B 76 9.76 20.46 -31.70
N ALA B 77 9.36 19.98 -32.88
CA ALA B 77 9.92 20.45 -34.13
C ALA B 77 9.78 21.96 -34.31
N PHE B 78 8.62 22.52 -34.03
CA PHE B 78 8.43 23.95 -34.21
C PHE B 78 9.28 24.84 -33.29
N PRO B 79 9.31 24.51 -31.98
CA PRO B 79 10.29 25.13 -31.10
C PRO B 79 11.71 25.04 -31.66
N LEU B 80 12.05 23.93 -32.32
CA LEU B 80 13.38 23.79 -32.89
C LEU B 80 13.55 24.75 -34.06
N ALA B 81 12.53 24.88 -34.89
CA ALA B 81 12.62 25.73 -36.04
C ALA B 81 12.75 27.19 -35.63
N ASP B 82 12.13 27.55 -34.51
CA ASP B 82 12.34 28.88 -33.92
C ASP B 82 13.79 29.14 -33.54
N LEU B 83 14.56 28.07 -33.29
CA LEU B 83 15.96 28.21 -32.93
C LEU B 83 16.82 28.09 -34.18
N GLY B 84 16.16 28.01 -35.33
CA GLY B 84 16.88 27.99 -36.61
C GLY B 84 17.46 26.62 -36.92
N VAL B 85 16.89 25.60 -36.31
CA VAL B 85 17.36 24.26 -36.55
C VAL B 85 16.50 23.54 -37.59
N GLU B 86 17.12 23.00 -38.63
CA GLU B 86 16.39 22.24 -39.65
C GLU B 86 16.00 20.89 -39.04
N VAL B 87 14.70 20.56 -39.10
CA VAL B 87 14.25 19.30 -38.55
C VAL B 87 13.51 18.45 -39.56
N HIS B 88 13.93 17.20 -39.67
CA HIS B 88 13.26 16.22 -40.50
C HIS B 88 12.43 15.37 -39.56
N GLY B 89 11.11 15.34 -39.78
CA GLY B 89 10.20 14.60 -38.88
C GLY B 89 9.65 13.36 -39.57
N VAL B 90 9.89 12.20 -38.98
CA VAL B 90 9.30 10.98 -39.53
C VAL B 90 8.02 10.68 -38.75
N GLU B 91 6.96 10.33 -39.47
CA GLU B 91 5.67 10.15 -38.85
C GLU B 91 4.91 9.13 -39.65
N SER B 92 4.20 8.23 -38.96
CA SER B 92 3.49 7.17 -39.65
C SER B 92 2.03 7.56 -39.89
N SER B 93 1.54 8.55 -39.14
CA SER B 93 0.11 8.86 -39.13
C SER B 93 -0.27 9.99 -40.08
N GLU B 94 -0.97 9.64 -41.15
CA GLU B 94 -1.58 10.60 -42.05
C GLU B 94 -2.12 11.80 -41.28
N PRO B 95 -3.13 11.56 -40.40
CA PRO B 95 -3.78 12.65 -39.68
C PRO B 95 -2.84 13.50 -38.85
N MET B 96 -1.88 12.88 -38.16
CA MET B 96 -0.88 13.65 -37.42
C MET B 96 -0.08 14.53 -38.39
N LEU B 97 0.35 13.91 -39.49
CA LEU B 97 1.15 14.61 -40.50
C LEU B 97 0.43 15.82 -41.08
N ASP B 98 -0.86 15.67 -41.34
CA ASP B 98 -1.68 16.77 -41.78
C ASP B 98 -1.74 17.90 -40.74
N LYS B 99 -1.84 17.57 -39.47
CA LYS B 99 -1.86 18.61 -38.47
C LYS B 99 -0.56 19.38 -38.60
N LEU B 100 0.53 18.63 -38.62
CA LEU B 100 1.87 19.22 -38.75
C LEU B 100 2.00 20.20 -39.94
N ARG B 101 1.57 19.78 -41.12
CA ARG B 101 1.71 20.60 -42.31
C ARG B 101 0.80 21.81 -42.23
N GLU B 102 -0.36 21.65 -41.61
CA GLU B 102 -1.25 22.79 -41.38
C GLU B 102 -0.48 23.81 -40.53
N LYS B 103 -0.06 23.40 -39.34
CA LYS B 103 0.69 24.30 -38.45
C LYS B 103 1.94 24.94 -39.08
N ALA B 104 2.66 24.21 -39.93
CA ALA B 104 3.86 24.73 -40.61
C ALA B 104 3.55 25.91 -41.55
N ALA B 105 2.53 25.73 -42.38
CA ALA B 105 2.13 26.75 -43.33
C ALA B 105 1.82 28.07 -42.60
N ALA B 106 1.29 27.97 -41.38
CA ALA B 106 0.99 29.18 -40.60
C ALA B 106 2.21 29.66 -39.81
N HIS B 107 3.15 28.76 -39.50
CA HIS B 107 4.33 29.10 -38.71
C HIS B 107 5.30 29.92 -39.55
N PRO B 108 5.81 31.02 -38.98
CA PRO B 108 6.76 31.86 -39.68
C PRO B 108 8.03 31.07 -40.03
N ASN B 109 8.31 29.99 -39.30
CA ASN B 109 9.52 29.21 -39.59
C ASN B 109 9.27 27.80 -40.11
N GLY B 110 8.02 27.53 -40.49
CA GLY B 110 7.64 26.22 -40.99
C GLY B 110 8.54 25.62 -42.06
N ASN B 111 9.17 26.44 -42.87
CA ASN B 111 10.00 25.90 -43.93
C ASN B 111 11.22 25.11 -43.41
N LEU B 112 11.51 25.23 -42.11
CA LEU B 112 12.65 24.52 -41.53
C LEU B 112 12.25 23.15 -41.01
N VAL B 113 10.96 22.85 -41.09
CA VAL B 113 10.46 21.56 -40.65
C VAL B 113 10.14 20.75 -41.88
N VAL B 114 10.82 19.63 -42.04
CA VAL B 114 10.60 18.76 -43.20
C VAL B 114 9.91 17.45 -42.79
N PRO B 115 8.61 17.36 -43.07
CA PRO B 115 7.85 16.17 -42.74
C PRO B 115 8.14 15.03 -43.72
N VAL B 116 8.25 13.81 -43.19
CA VAL B 116 8.49 12.62 -44.00
C VAL B 116 7.48 11.56 -43.58
N LEU B 117 6.64 11.11 -44.49
CA LEU B 117 5.79 9.96 -44.19
C LEU B 117 6.70 8.74 -44.10
N GLY B 118 6.52 7.93 -43.07
CA GLY B 118 7.34 6.74 -42.89
C GLY B 118 7.27 6.10 -41.53
N ASN B 119 7.75 4.86 -41.48
CA ASN B 119 7.79 4.08 -40.28
C ASN B 119 9.23 4.10 -39.75
N PHE B 120 9.44 4.66 -38.56
CA PHE B 120 10.81 4.75 -38.07
C PHE B 120 11.36 3.43 -37.53
N ALA B 121 10.59 2.36 -37.63
CA ALA B 121 11.14 1.06 -37.32
C ALA B 121 11.90 0.62 -38.55
N LYS B 122 11.59 1.22 -39.70
CA LYS B 122 12.19 0.88 -40.99
C LYS B 122 12.47 2.14 -41.80
N LEU B 123 13.32 3.01 -41.25
CA LEU B 123 13.69 4.28 -41.88
C LEU B 123 14.33 4.08 -43.23
N ASP B 124 14.05 4.98 -44.15
CA ASP B 124 14.62 4.89 -45.48
C ASP B 124 15.04 6.28 -45.98
N LEU B 125 16.18 6.76 -45.49
CA LEU B 125 16.55 8.17 -45.68
C LEU B 125 17.77 8.36 -46.55
N GLY B 126 18.29 7.24 -47.06
CA GLY B 126 19.42 7.19 -47.99
C GLY B 126 20.72 7.78 -47.48
N GLU B 127 21.25 8.74 -48.25
CA GLU B 127 22.53 9.41 -47.98
C GLU B 127 22.55 10.40 -46.82
N GLN B 128 21.38 10.92 -46.47
CA GLN B 128 21.29 12.00 -45.52
C GLN B 128 21.83 11.59 -44.16
N ARG B 129 22.47 12.52 -43.46
CA ARG B 129 23.00 12.19 -42.13
C ARG B 129 22.65 13.30 -41.16
N TYR B 130 22.65 12.99 -39.88
CA TYR B 130 22.10 13.93 -38.91
C TYR B 130 23.04 14.17 -37.74
N SER B 131 23.01 15.38 -37.20
CA SER B 131 23.84 15.71 -36.06
C SER B 131 23.18 15.20 -34.82
N VAL B 132 21.86 15.09 -34.87
CA VAL B 132 21.08 14.50 -33.76
C VAL B 132 19.88 13.70 -34.26
N VAL B 133 19.67 12.53 -33.65
CA VAL B 133 18.45 11.76 -33.91
C VAL B 133 17.77 11.59 -32.57
N PHE B 134 16.56 12.14 -32.42
CA PHE B 134 15.86 12.04 -31.11
C PHE B 134 14.41 11.51 -31.15
N ALA B 135 14.00 10.93 -30.02
CA ALA B 135 12.67 10.42 -29.86
C ALA B 135 12.18 10.86 -28.48
N ALA B 136 11.31 11.87 -28.48
CA ALA B 136 10.79 12.46 -27.26
C ALA B 136 9.55 11.71 -26.76
N PHE B 137 9.34 11.78 -25.43
CA PHE B 137 8.08 11.41 -24.82
C PHE B 137 7.68 10.01 -25.27
N ASN B 138 8.51 9.03 -24.98
CA ASN B 138 8.17 7.62 -25.17
C ASN B 138 8.04 7.13 -26.59
N THR B 139 8.44 7.93 -27.56
CA THR B 139 8.29 7.53 -28.94
C THR B 139 8.99 6.21 -29.23
N LEU B 140 10.20 6.03 -28.70
CA LEU B 140 10.87 4.75 -28.86
C LEU B 140 10.02 3.59 -28.35
N PHE B 141 9.29 3.83 -27.28
CA PHE B 141 8.52 2.80 -26.60
C PHE B 141 7.21 2.47 -27.32
N CYS B 142 7.00 3.15 -28.44
CA CYS B 142 5.85 2.93 -29.32
C CYS B 142 6.01 1.72 -30.22
N LEU B 143 7.26 1.33 -30.45
CA LEU B 143 7.64 0.08 -31.11
C LEU B 143 7.46 -1.04 -30.11
N LEU B 144 6.56 -1.98 -30.37
CA LEU B 144 6.18 -2.94 -29.32
C LEU B 144 7.06 -4.19 -29.13
N GLY B 145 8.36 -4.06 -29.08
CA GLY B 145 9.23 -5.20 -28.80
C GLY B 145 10.68 -4.80 -28.65
N GLN B 146 11.44 -5.56 -27.87
CA GLN B 146 12.86 -5.24 -27.64
C GLN B 146 13.61 -5.28 -28.95
N ASP B 147 13.33 -6.28 -29.78
CA ASP B 147 14.00 -6.44 -31.07
C ASP B 147 13.84 -5.20 -31.92
N GLU B 148 12.59 -4.73 -32.03
CA GLU B 148 12.27 -3.64 -32.90
C GLU B 148 12.97 -2.41 -32.37
N GLN B 149 13.03 -2.26 -31.06
CA GLN B 149 13.68 -1.07 -30.52
C GLN B 149 15.18 -1.11 -30.77
N ILE B 150 15.78 -2.29 -30.72
CA ILE B 150 17.19 -2.38 -31.06
C ILE B 150 17.39 -2.03 -32.53
N ASP B 151 16.59 -2.62 -33.42
CA ASP B 151 16.67 -2.26 -34.83
C ASP B 151 16.62 -0.76 -35.05
N CYS B 152 15.68 -0.10 -34.42
CA CYS B 152 15.54 1.32 -34.62
C CYS B 152 16.79 2.06 -34.13
N MET B 153 17.26 1.76 -32.94
CA MET B 153 18.48 2.39 -32.45
C MET B 153 19.66 2.17 -33.38
N ARG B 154 19.84 0.96 -33.90
CA ARG B 154 20.96 0.68 -34.78
C ARG B 154 20.87 1.56 -36.01
N GLN B 155 19.66 1.68 -36.54
CA GLN B 155 19.39 2.57 -37.66
C GLN B 155 19.67 4.03 -37.32
N ALA B 156 19.21 4.51 -36.18
CA ALA B 156 19.55 5.85 -35.75
C ALA B 156 21.06 5.97 -35.76
N ARG B 157 21.74 5.00 -35.16
CA ARG B 157 23.20 5.08 -35.14
C ARG B 157 23.74 5.31 -36.55
N GLU B 158 23.27 4.51 -37.50
CA GLU B 158 23.81 4.57 -38.83
C GLU B 158 23.51 5.87 -39.59
N LEU B 159 22.66 6.72 -39.02
CA LEU B 159 22.30 8.00 -39.66
C LEU B 159 23.02 9.17 -39.01
N LEU B 160 23.67 8.92 -37.89
CA LEU B 160 24.41 9.97 -37.22
C LEU B 160 25.70 10.30 -37.95
N GLU B 161 26.08 11.57 -37.98
CA GLU B 161 27.36 11.89 -38.53
C GLU B 161 28.46 11.74 -37.49
N PRO B 162 29.72 11.97 -37.90
CA PRO B 162 30.81 11.78 -37.01
C PRO B 162 30.53 12.33 -35.62
N GLY B 163 30.07 13.55 -35.50
CA GLY B 163 29.94 14.07 -34.16
C GLY B 163 28.76 13.50 -33.40
N GLY B 164 27.78 12.97 -34.12
CA GLY B 164 26.38 13.01 -33.74
C GLY B 164 25.97 12.25 -32.52
N THR B 165 24.76 12.54 -32.04
CA THR B 165 24.21 11.84 -30.86
C THR B 165 22.76 11.43 -31.04
N PHE B 166 22.34 10.50 -30.20
CA PHE B 166 20.99 9.94 -30.20
C PHE B 166 20.35 10.22 -28.83
N VAL B 167 19.23 10.92 -28.86
CA VAL B 167 18.61 11.38 -27.63
C VAL B 167 17.22 10.76 -27.49
N VAL B 168 16.98 10.11 -26.34
CA VAL B 168 15.62 9.60 -26.07
C VAL B 168 15.06 10.05 -24.74
N GLN B 169 13.75 10.33 -24.75
CA GLN B 169 12.99 10.61 -23.53
C GLN B 169 11.99 9.47 -23.25
N CYS B 170 12.15 8.85 -22.09
CA CYS B 170 11.49 7.60 -21.75
C CYS B 170 10.98 7.59 -20.34
N LEU B 171 9.87 6.90 -20.15
CA LEU B 171 9.38 6.74 -18.81
C LEU B 171 10.39 5.86 -18.11
N ASN B 172 10.60 6.16 -16.83
CA ASN B 172 11.49 5.41 -15.99
C ASN B 172 10.62 4.53 -15.13
N PRO B 173 10.57 3.23 -15.44
CA PRO B 173 9.69 2.29 -14.73
C PRO B 173 9.81 2.33 -13.18
N ALA B 174 11.02 2.38 -12.62
CA ALA B 174 11.18 2.46 -11.18
C ALA B 174 10.42 3.62 -10.59
N GLY B 175 10.63 4.80 -11.15
CA GLY B 175 10.09 6.03 -10.56
C GLY B 175 8.65 6.19 -10.94
N GLN B 176 8.22 5.35 -11.87
CA GLN B 176 6.89 5.41 -12.38
C GLN B 176 5.97 4.58 -11.49
N ARG B 177 6.55 3.71 -10.67
CA ARG B 177 5.82 2.93 -9.65
C ARG B 177 4.56 2.27 -10.22
N LEU B 178 4.75 1.41 -11.21
CA LEU B 178 3.65 0.83 -12.00
C LEU B 178 3.00 -0.35 -11.31
N ALA B 179 1.72 -0.20 -11.02
CA ALA B 179 0.97 -1.31 -10.48
C ALA B 179 1.05 -2.47 -11.48
N THR B 180 1.39 -3.64 -10.98
CA THR B 180 1.29 -4.83 -11.78
C THR B 180 -0.19 -5.18 -11.99
N GLY B 181 -0.56 -5.61 -13.19
CA GLY B 181 -1.97 -5.83 -13.48
C GLY B 181 -2.76 -4.63 -13.99
N ASN B 182 -4.05 -4.62 -13.74
CA ASN B 182 -4.91 -3.56 -14.25
C ASN B 182 -5.01 -2.35 -13.32
N THR B 183 -5.25 -1.17 -13.86
CA THR B 183 -5.40 0.02 -13.00
C THR B 183 -6.33 1.03 -13.66
N PHE B 184 -6.93 1.88 -12.84
CA PHE B 184 -7.79 2.95 -13.33
C PHE B 184 -7.37 4.24 -12.60
N GLY B 185 -7.16 5.33 -13.30
CA GLY B 185 -6.78 6.55 -12.60
C GLY B 185 -7.33 7.81 -13.22
N THR B 186 -7.33 8.87 -12.40
CA THR B 186 -7.75 10.21 -12.79
C THR B 186 -6.55 10.88 -13.41
N VAL B 187 -6.67 11.36 -14.65
CA VAL B 187 -5.53 12.07 -15.29
C VAL B 187 -5.64 13.59 -15.14
N GLU B 188 -6.83 14.15 -15.39
CA GLU B 188 -6.97 15.60 -15.34
C GLU B 188 -8.43 16.00 -15.28
N LEU B 189 -8.67 17.18 -14.72
CA LEU B 189 -10.03 17.67 -14.56
C LEU B 189 -10.21 18.92 -15.40
N GLU B 190 -11.35 19.05 -16.07
CA GLU B 190 -11.75 20.31 -16.71
C GLU B 190 -13.12 20.70 -16.15
N ASP B 191 -13.63 21.88 -16.48
CA ASP B 191 -14.93 22.32 -15.98
C ASP B 191 -16.05 21.42 -16.35
N THR B 192 -15.97 20.84 -17.55
CA THR B 192 -17.07 20.02 -18.08
C THR B 192 -16.60 18.66 -18.61
N ALA B 193 -15.36 18.29 -18.32
CA ALA B 193 -14.90 16.95 -18.69
C ALA B 193 -13.88 16.41 -17.71
N VAL B 194 -13.78 15.10 -17.61
CA VAL B 194 -12.69 14.51 -16.87
C VAL B 194 -11.91 13.64 -17.79
N HIS B 195 -10.62 13.55 -17.51
CA HIS B 195 -9.72 12.72 -18.26
C HIS B 195 -9.28 11.61 -17.34
N LEU B 196 -9.65 10.38 -17.70
CA LEU B 196 -9.36 9.18 -16.92
C LEU B 196 -8.49 8.30 -17.79
N GLU B 197 -7.76 7.39 -17.15
CA GLU B 197 -7.04 6.38 -17.87
C GLU B 197 -7.20 4.97 -17.33
N ALA B 198 -7.63 4.03 -18.18
CA ALA B 198 -7.82 2.60 -17.86
C ALA B 198 -6.66 1.87 -18.50
N SER B 199 -6.00 0.99 -17.78
CA SER B 199 -4.81 0.39 -18.36
C SER B 199 -4.47 -1.05 -17.87
N LYS B 200 -3.68 -1.76 -18.67
CA LYS B 200 -3.29 -3.11 -18.33
C LYS B 200 -1.80 -3.20 -18.47
N HIS B 201 -1.15 -3.65 -17.42
CA HIS B 201 0.28 -3.69 -17.38
C HIS B 201 0.72 -5.12 -17.34
N ASP B 202 1.61 -5.49 -18.24
CA ASP B 202 2.17 -6.84 -18.26
C ASP B 202 3.64 -6.73 -17.94
N PRO B 203 4.00 -6.99 -16.70
CA PRO B 203 5.35 -6.73 -16.28
C PRO B 203 6.35 -7.71 -16.89
N LEU B 204 5.87 -8.73 -17.58
CA LEU B 204 6.80 -9.66 -18.24
C LEU B 204 7.14 -9.20 -19.63
N ALA B 205 6.14 -9.04 -20.46
CA ALA B 205 6.37 -8.47 -21.78
C ALA B 205 6.91 -7.04 -21.64
N GLN B 206 6.81 -6.49 -20.43
CA GLN B 206 7.03 -5.09 -20.21
C GLN B 206 6.17 -4.21 -21.10
N THR B 207 4.87 -4.48 -21.17
CA THR B 207 3.99 -3.62 -21.94
C THR B 207 2.90 -2.91 -21.13
N LEU B 208 2.56 -1.69 -21.53
CA LEU B 208 1.43 -0.96 -20.98
C LEU B 208 0.45 -0.78 -22.11
N SER B 209 -0.79 -1.14 -21.86
CA SER B 209 -1.76 -1.05 -22.88
C SER B 209 -2.95 -0.35 -22.25
N ALA B 210 -3.45 0.72 -22.84
CA ALA B 210 -4.37 1.60 -22.12
C ALA B 210 -5.41 2.28 -22.97
N HIS B 211 -6.40 2.91 -22.32
CA HIS B 211 -7.34 3.83 -22.97
C HIS B 211 -7.30 5.19 -22.27
N HIS B 212 -7.06 6.27 -22.98
CA HIS B 212 -7.31 7.55 -22.39
C HIS B 212 -8.78 7.85 -22.59
N ILE B 213 -9.49 8.06 -21.50
CA ILE B 213 -10.93 8.21 -21.59
C ILE B 213 -11.26 9.66 -21.31
N VAL B 214 -12.08 10.28 -22.15
CA VAL B 214 -12.65 11.59 -21.81
C VAL B 214 -14.17 11.53 -21.59
N LEU B 215 -14.60 11.78 -20.35
CA LEU B 215 -16.03 11.90 -20.06
C LEU B 215 -16.48 13.38 -20.01
N SER B 216 -17.58 13.69 -20.71
CA SER B 216 -18.08 15.07 -20.75
C SER B 216 -19.51 15.14 -20.25
N GLU B 217 -19.87 16.30 -19.70
CA GLU B 217 -21.21 16.60 -19.26
C GLU B 217 -22.29 16.26 -20.32
N GLY B 218 -23.47 15.87 -19.90
CA GLY B 218 -24.45 15.41 -20.88
C GLY B 218 -24.10 14.11 -21.60
N GLY B 219 -22.99 13.49 -21.21
CA GLY B 219 -22.74 12.08 -21.48
C GLY B 219 -21.94 11.57 -22.66
N GLY B 220 -21.09 12.39 -23.28
CA GLY B 220 -20.24 11.91 -24.38
C GLY B 220 -19.03 11.15 -23.84
N ILE B 221 -18.55 10.15 -24.57
CA ILE B 221 -17.39 9.36 -24.16
C ILE B 221 -16.44 9.21 -25.33
N ARG B 222 -15.19 9.61 -25.16
CA ARG B 222 -14.19 9.43 -26.20
C ARG B 222 -13.07 8.62 -25.63
N LEU B 223 -12.63 7.61 -26.40
CA LEU B 223 -11.58 6.68 -26.00
C LEU B 223 -10.43 6.80 -27.00
N PHE B 224 -9.22 6.91 -26.46
CA PHE B 224 -8.04 7.06 -27.28
C PHE B 224 -7.06 6.06 -26.72
N PRO B 225 -6.91 4.93 -27.39
CA PRO B 225 -6.06 3.84 -26.96
C PRO B 225 -4.60 3.99 -27.36
N TYR B 226 -3.67 3.51 -26.52
CA TYR B 226 -2.26 3.48 -26.89
C TYR B 226 -1.63 2.25 -26.29
N ARG B 227 -0.54 1.77 -26.87
CA ARG B 227 0.28 0.74 -26.25
C ARG B 227 1.77 1.14 -26.22
N LEU B 228 2.49 0.76 -25.18
CA LEU B 228 3.92 1.04 -25.09
C LEU B 228 4.61 -0.22 -24.72
N ARG B 229 5.85 -0.42 -25.19
CA ARG B 229 6.75 -1.36 -24.50
C ARG B 229 7.85 -0.59 -23.81
N TYR B 230 8.04 -0.73 -22.50
CA TYR B 230 9.06 0.05 -21.87
C TYR B 230 10.29 -0.79 -21.63
N ALA B 231 11.39 -0.14 -21.25
CA ALA B 231 12.67 -0.80 -20.94
C ALA B 231 13.21 -0.26 -19.66
N TYR B 232 13.83 -1.08 -18.86
CA TYR B 232 14.54 -0.49 -17.73
C TYR B 232 15.83 0.17 -18.25
N PRO B 233 16.33 1.18 -17.54
CA PRO B 233 17.63 1.77 -17.92
C PRO B 233 18.76 0.77 -18.17
N ALA B 234 19.06 -0.12 -17.22
CA ALA B 234 20.14 -1.06 -17.47
C ALA B 234 19.96 -1.83 -18.76
N GLU B 235 18.70 -2.09 -19.11
CA GLU B 235 18.34 -2.86 -20.29
C GLU B 235 18.50 -2.00 -21.53
N LEU B 236 17.99 -0.76 -21.43
CA LEU B 236 18.06 0.17 -22.51
C LEU B 236 19.50 0.45 -22.85
N ASP B 237 20.37 0.43 -21.87
CA ASP B 237 21.76 0.72 -22.12
C ASP B 237 22.45 -0.43 -22.83
N LEU B 238 21.95 -1.64 -22.60
CA LEU B 238 22.54 -2.81 -23.21
C LEU B 238 22.00 -2.87 -24.64
N MET B 239 20.74 -2.47 -24.79
CA MET B 239 20.13 -2.38 -26.13
C MET B 239 20.95 -1.41 -27.02
N ALA B 240 21.13 -0.18 -26.55
CA ALA B 240 22.11 0.70 -27.12
C ALA B 240 23.43 0.00 -27.44
N ASN B 241 24.02 -0.69 -26.48
CA ASN B 241 25.30 -1.37 -26.79
C ASN B 241 25.23 -2.31 -27.98
N VAL B 242 24.19 -3.13 -28.03
CA VAL B 242 23.98 -4.00 -29.19
C VAL B 242 23.86 -3.18 -30.48
N ALA B 243 23.23 -2.01 -30.38
CA ALA B 243 23.05 -1.15 -31.55
C ALA B 243 24.31 -0.41 -31.97
N GLY B 244 25.42 -0.61 -31.28
CA GLY B 244 26.60 0.18 -31.58
C GLY B 244 26.59 1.56 -30.93
N LEU B 245 25.70 1.79 -29.95
CA LEU B 245 25.67 3.04 -29.18
C LEU B 245 26.25 2.85 -27.76
N GLU B 246 26.82 3.90 -27.18
CA GLU B 246 27.22 3.87 -25.78
C GLU B 246 26.67 5.14 -25.17
N LEU B 247 26.11 5.04 -23.96
CA LEU B 247 25.52 6.17 -23.24
C LEU B 247 26.55 7.16 -22.70
N VAL B 248 26.32 8.44 -22.95
CA VAL B 248 27.25 9.50 -22.59
C VAL B 248 26.69 10.43 -21.49
N GLU B 249 25.36 10.63 -21.45
CA GLU B 249 24.74 11.28 -20.28
C GLU B 249 23.28 10.88 -20.03
N ARG B 250 22.83 10.99 -18.79
CA ARG B 250 21.43 10.72 -18.44
C ARG B 250 20.86 11.70 -17.44
N HIS B 251 19.76 12.36 -17.81
CA HIS B 251 19.12 13.28 -16.91
C HIS B 251 17.69 12.92 -16.64
N ALA B 252 17.12 13.63 -15.68
CA ALA B 252 15.73 13.46 -15.34
C ALA B 252 14.79 14.13 -16.35
N ASP B 253 15.28 15.15 -17.05
CA ASP B 253 14.47 15.92 -18.00
C ASP B 253 15.34 16.85 -18.87
N PHE B 254 14.72 17.65 -19.76
CA PHE B 254 15.54 18.39 -20.73
C PHE B 254 16.24 19.57 -20.11
N GLU B 255 16.00 19.76 -18.83
CA GLU B 255 16.63 20.85 -18.11
C GLU B 255 17.79 20.30 -17.30
N ARG B 256 18.14 19.04 -17.55
CA ARG B 256 19.36 18.47 -17.02
C ARG B 256 19.28 18.28 -15.53
N ARG B 257 18.07 18.11 -15.00
CA ARG B 257 17.90 17.75 -13.59
C ARG B 257 18.44 16.37 -13.25
N ARG B 258 18.79 16.17 -12.00
CA ARG B 258 19.46 14.97 -11.57
C ARG B 258 18.55 13.77 -11.77
N PHE B 259 19.04 12.72 -12.40
CA PHE B 259 18.25 11.50 -12.51
C PHE B 259 18.47 10.58 -11.31
N ASP B 260 17.39 10.18 -10.65
CA ASP B 260 17.53 9.10 -9.67
C ASP B 260 16.37 8.13 -9.74
N ALA B 261 16.35 7.17 -8.81
CA ALA B 261 15.34 6.12 -8.81
C ALA B 261 13.92 6.66 -8.87
N SER B 262 13.68 7.86 -8.37
CA SER B 262 12.28 8.30 -8.24
C SER B 262 11.90 9.25 -9.34
N SER B 263 12.77 9.35 -10.33
CA SER B 263 12.48 10.17 -11.49
C SER B 263 11.40 9.44 -12.26
N ARG B 264 10.35 10.15 -12.64
CA ARG B 264 9.28 9.62 -13.50
C ARG B 264 9.81 9.30 -14.93
N TYR B 265 10.71 10.14 -15.44
CA TYR B 265 11.27 9.96 -16.79
C TYR B 265 12.79 9.98 -16.79
N HIS B 266 13.39 9.54 -17.89
CA HIS B 266 14.77 9.94 -18.12
C HIS B 266 15.01 10.46 -19.52
N VAL B 267 16.03 11.28 -19.65
CA VAL B 267 16.49 11.72 -20.95
C VAL B 267 17.87 11.13 -21.08
N SER B 268 18.09 10.34 -22.12
CA SER B 268 19.39 9.70 -22.32
C SER B 268 20.05 10.08 -23.64
N VAL B 269 21.32 10.45 -23.58
CA VAL B 269 22.11 10.81 -24.75
C VAL B 269 23.10 9.71 -25.07
N TYR B 270 23.08 9.23 -26.30
CA TYR B 270 23.99 8.19 -26.75
C TYR B 270 24.83 8.64 -27.95
N ARG B 271 26.00 8.06 -28.11
CA ARG B 271 26.82 8.39 -29.25
C ARG B 271 27.41 7.10 -29.83
N ALA B 272 27.93 7.15 -31.06
CA ALA B 272 28.49 5.96 -31.67
C ALA B 272 29.53 5.36 -30.75
N ALA B 273 29.63 4.04 -30.71
CA ALA B 273 30.57 3.37 -29.79
C ALA B 273 31.95 3.14 -30.41
N ALA B 274 32.91 2.91 -29.54
CA ALA B 274 34.30 2.78 -29.96
C ALA B 274 34.52 1.57 -30.89
N SER C 19 -7.64 21.63 -10.84
CA SER C 19 -6.43 22.53 -10.97
C SER C 19 -6.42 23.39 -12.28
N HIS C 20 -6.74 22.71 -13.40
CA HIS C 20 -7.05 23.35 -14.70
C HIS C 20 -8.57 23.51 -14.87
N MET C 21 -9.27 23.52 -13.73
CA MET C 21 -10.65 23.95 -13.66
C MET C 21 -10.63 25.47 -13.53
N ARG C 22 -10.26 26.16 -14.62
CA ARG C 22 -9.95 27.61 -14.58
C ARG C 22 -11.13 28.61 -14.34
N ASN C 23 -12.33 28.09 -14.07
CA ASN C 23 -13.51 28.95 -13.92
C ASN C 23 -14.23 28.77 -12.60
N TYR C 24 -13.51 28.29 -11.60
CA TYR C 24 -14.13 27.96 -10.33
C TYR C 24 -14.38 29.23 -9.46
N ASP C 25 -15.65 29.43 -9.08
CA ASP C 25 -16.12 30.53 -8.24
C ASP C 25 -16.32 30.06 -6.80
N GLU C 26 -16.69 31.00 -5.94
CA GLU C 26 -17.26 30.66 -4.64
C GLU C 26 -18.68 30.15 -4.86
N THR C 27 -19.05 30.10 -6.14
CA THR C 27 -20.45 29.89 -6.52
C THR C 27 -20.70 28.56 -7.25
N THR C 28 -19.69 28.05 -7.97
CA THR C 28 -19.94 26.94 -8.90
C THR C 28 -20.16 25.59 -8.23
N TYR C 29 -19.68 25.38 -7.00
CA TYR C 29 -20.09 24.19 -6.26
C TYR C 29 -21.61 24.14 -6.10
N GLY C 30 -22.15 25.11 -5.38
CA GLY C 30 -23.59 25.26 -5.23
C GLY C 30 -24.36 25.23 -6.55
N ASP C 31 -23.96 26.05 -7.53
CA ASP C 31 -24.76 26.17 -8.74
C ASP C 31 -25.14 24.80 -9.32
N GLN C 32 -24.15 23.92 -9.42
CA GLN C 32 -24.26 22.63 -10.11
C GLN C 32 -25.10 21.62 -9.35
N ILE C 33 -24.83 21.56 -8.04
CA ILE C 33 -25.33 20.48 -7.21
C ILE C 33 -26.72 20.71 -6.61
N ALA C 34 -27.23 21.93 -6.70
CA ALA C 34 -28.46 22.31 -6.00
C ALA C 34 -29.67 21.41 -6.21
N ASP C 35 -29.97 21.08 -7.45
CA ASP C 35 -31.16 20.26 -7.73
C ASP C 35 -31.01 18.76 -7.45
N VAL C 36 -29.84 18.31 -7.02
CA VAL C 36 -29.70 16.92 -6.63
C VAL C 36 -29.12 16.78 -5.24
N TYR C 37 -28.71 17.90 -4.63
CA TYR C 37 -28.03 17.84 -3.32
C TYR C 37 -28.81 17.00 -2.31
N ASP C 38 -30.13 17.19 -2.27
CA ASP C 38 -30.96 16.44 -1.34
C ASP C 38 -31.37 15.04 -1.81
N GLU C 39 -31.19 14.71 -3.09
CA GLU C 39 -31.67 13.42 -3.64
C GLU C 39 -30.65 12.28 -3.65
N TRP C 40 -29.39 12.61 -3.42
CA TRP C 40 -28.34 11.61 -3.59
C TRP C 40 -28.32 10.63 -2.43
N PRO C 41 -28.31 9.33 -2.74
CA PRO C 41 -28.36 8.32 -1.70
C PRO C 41 -27.04 8.12 -0.94
N GLY C 42 -27.14 7.57 0.26
CA GLY C 42 -26.02 7.00 0.99
C GLY C 42 -24.82 7.87 1.07
N ASP C 43 -23.68 7.28 0.74
CA ASP C 43 -22.38 7.96 0.83
C ASP C 43 -22.17 9.06 -0.20
N ALA C 44 -23.05 9.12 -1.20
CA ALA C 44 -23.02 10.13 -2.25
C ALA C 44 -23.57 11.44 -1.73
N GLY C 45 -24.59 11.36 -0.89
CA GLY C 45 -25.21 12.57 -0.35
C GLY C 45 -24.41 13.20 0.77
N PRO C 46 -24.95 14.27 1.38
CA PRO C 46 -24.21 14.86 2.51
C PRO C 46 -24.40 13.95 3.73
N PRO C 47 -23.61 14.15 4.80
CA PRO C 47 -23.67 13.12 5.85
C PRO C 47 -25.02 13.20 6.56
N PRO C 48 -25.49 12.06 7.10
CA PRO C 48 -26.87 12.10 7.59
C PRO C 48 -26.97 12.56 9.04
N ASP C 49 -26.21 13.57 9.44
CA ASP C 49 -26.23 14.01 10.83
C ASP C 49 -26.92 15.37 11.02
N GLY C 50 -27.80 15.73 10.08
CA GLY C 50 -28.51 16.97 10.18
C GLY C 50 -29.07 17.14 11.57
N ARG C 51 -29.92 16.19 11.97
CA ARG C 51 -30.63 16.27 13.25
C ARG C 51 -29.65 16.50 14.40
N GLU C 52 -28.54 15.77 14.36
CA GLU C 52 -27.55 15.79 15.44
C GLU C 52 -26.87 17.15 15.50
N ALA C 53 -26.42 17.63 14.35
CA ALA C 53 -25.75 18.91 14.28
C ALA C 53 -26.65 20.01 14.82
N ALA C 54 -27.95 19.99 14.46
CA ALA C 54 -28.88 20.98 15.02
C ALA C 54 -28.94 20.87 16.55
N LEU C 55 -29.11 19.68 17.12
CA LEU C 55 -29.11 19.55 18.57
C LEU C 55 -27.83 20.15 19.15
N PHE C 56 -26.71 19.87 18.50
CA PHE C 56 -25.42 20.30 19.02
C PHE C 56 -25.33 21.81 19.07
N VAL C 57 -25.66 22.45 17.97
CA VAL C 57 -25.65 23.89 17.89
C VAL C 57 -26.67 24.51 18.84
N ALA C 58 -27.86 23.93 18.90
CA ALA C 58 -28.93 24.44 19.72
C ALA C 58 -28.52 24.47 21.14
N ALA C 59 -27.86 23.40 21.62
CA ALA C 59 -27.42 23.32 23.02
C ALA C 59 -26.56 24.53 23.37
N LEU C 60 -25.87 25.04 22.35
CA LEU C 60 -25.00 26.22 22.40
C LEU C 60 -25.68 27.57 22.19
N ALA C 61 -26.87 27.60 21.60
CA ALA C 61 -27.57 28.86 21.51
C ALA C 61 -28.01 29.36 22.88
N ALA C 62 -27.58 30.57 23.20
CA ALA C 62 -28.22 31.33 24.26
C ALA C 62 -29.67 31.50 23.81
N ALA C 63 -30.32 30.37 23.54
CA ALA C 63 -31.72 30.34 23.10
C ALA C 63 -32.03 31.51 22.15
N ARG C 64 -31.10 31.80 21.23
CA ARG C 64 -31.07 33.07 20.48
C ARG C 64 -30.60 32.78 19.04
N PRO C 65 -30.60 33.80 18.08
CA PRO C 65 -30.37 33.49 16.64
C PRO C 65 -28.93 33.06 16.35
N VAL C 66 -28.78 32.05 15.50
CA VAL C 66 -27.45 31.60 15.10
C VAL C 66 -27.22 31.77 13.59
N LEU C 67 -25.96 31.83 13.19
CA LEU C 67 -25.60 32.07 11.81
C LEU C 67 -24.97 30.82 11.17
N GLU C 68 -25.63 30.26 10.15
CA GLU C 68 -24.94 29.17 9.42
C GLU C 68 -24.18 29.73 8.23
N LEU C 69 -22.88 29.47 8.19
CA LEU C 69 -22.10 29.86 7.03
C LEU C 69 -22.31 28.82 5.93
N GLY C 70 -22.76 29.25 4.77
CA GLY C 70 -22.96 28.28 3.69
C GLY C 70 -24.13 27.35 3.98
N VAL C 71 -25.27 27.95 4.33
CA VAL C 71 -26.47 27.24 4.65
C VAL C 71 -26.91 26.21 3.63
N GLY C 72 -26.61 26.41 2.36
CA GLY C 72 -26.98 25.41 1.35
C GLY C 72 -28.49 25.23 1.17
N THR C 73 -28.95 23.99 1.20
CA THR C 73 -30.37 23.71 1.05
C THR C 73 -31.05 23.63 2.42
N GLY C 74 -30.29 23.84 3.49
CA GLY C 74 -30.83 23.91 4.86
C GLY C 74 -30.87 22.58 5.59
N ARG C 75 -30.10 21.62 5.07
CA ARG C 75 -29.89 20.36 5.76
C ARG C 75 -29.78 20.50 7.30
N VAL C 76 -29.06 21.51 7.77
CA VAL C 76 -28.96 21.78 9.21
C VAL C 76 -29.97 22.84 9.65
N ALA C 77 -30.14 23.90 8.87
CA ALA C 77 -31.02 24.98 9.28
C ALA C 77 -32.43 24.54 9.62
N PHE C 78 -33.00 23.61 8.87
CA PHE C 78 -34.38 23.21 9.15
C PHE C 78 -34.55 22.39 10.45
N PRO C 79 -33.64 21.41 10.68
CA PRO C 79 -33.59 20.74 11.98
C PRO C 79 -33.44 21.72 13.13
N LEU C 80 -32.69 22.80 12.93
CA LEU C 80 -32.58 23.84 13.94
C LEU C 80 -33.89 24.59 14.11
N ALA C 81 -34.62 24.80 13.01
CA ALA C 81 -35.88 25.53 13.06
C ALA C 81 -36.88 24.67 13.80
N ASP C 82 -36.81 23.35 13.60
CA ASP C 82 -37.66 22.42 14.35
C ASP C 82 -37.46 22.48 15.86
N LEU C 83 -36.29 22.93 16.29
CA LEU C 83 -35.99 23.06 17.70
C LEU C 83 -36.29 24.48 18.19
N GLY C 84 -36.90 25.29 17.33
CA GLY C 84 -37.34 26.63 17.72
C GLY C 84 -36.23 27.65 17.71
N VAL C 85 -35.16 27.34 16.99
CA VAL C 85 -33.99 28.22 16.91
C VAL C 85 -34.07 29.07 15.65
N GLU C 86 -33.82 30.37 15.78
CA GLU C 86 -33.75 31.28 14.63
C GLU C 86 -32.39 31.21 13.93
N VAL C 87 -32.40 30.97 12.62
CA VAL C 87 -31.19 30.76 11.88
C VAL C 87 -31.07 31.68 10.67
N HIS C 88 -30.02 32.48 10.62
CA HIS C 88 -29.65 33.22 9.44
C HIS C 88 -28.65 32.40 8.65
N GLY C 89 -28.94 32.21 7.36
CA GLY C 89 -28.12 31.33 6.53
C GLY C 89 -27.47 32.15 5.46
N VAL C 90 -26.14 32.21 5.46
CA VAL C 90 -25.43 32.89 4.40
C VAL C 90 -25.04 31.89 3.31
N GLU C 91 -25.23 32.25 2.06
CA GLU C 91 -25.05 31.34 0.95
C GLU C 91 -24.76 32.15 -0.29
N SER C 92 -23.85 31.64 -1.13
CA SER C 92 -23.37 32.40 -2.28
C SER C 92 -24.01 31.95 -3.56
N SER C 93 -24.54 30.75 -3.54
CA SER C 93 -25.19 30.19 -4.70
C SER C 93 -26.67 30.49 -4.84
N GLU C 94 -27.01 31.28 -5.86
CA GLU C 94 -28.37 31.60 -6.23
C GLU C 94 -29.28 30.36 -6.25
N PRO C 95 -28.87 29.28 -6.95
CA PRO C 95 -29.66 28.04 -7.03
C PRO C 95 -29.86 27.27 -5.71
N MET C 96 -28.82 27.13 -4.89
CA MET C 96 -28.98 26.57 -3.54
C MET C 96 -29.98 27.39 -2.75
N LEU C 97 -29.83 28.70 -2.75
CA LEU C 97 -30.72 29.57 -2.04
C LEU C 97 -32.17 29.39 -2.54
N ASP C 98 -32.34 29.23 -3.84
CA ASP C 98 -33.69 28.98 -4.34
C ASP C 98 -34.25 27.68 -3.75
N LYS C 99 -33.46 26.62 -3.75
CA LYS C 99 -33.85 25.39 -3.07
C LYS C 99 -34.24 25.64 -1.61
N LEU C 100 -33.40 26.36 -0.87
CA LEU C 100 -33.68 26.67 0.51
C LEU C 100 -35.00 27.41 0.73
N ARG C 101 -35.29 28.39 -0.12
CA ARG C 101 -36.48 29.20 0.04
C ARG C 101 -37.69 28.38 -0.31
N GLU C 102 -37.60 27.58 -1.36
CA GLU C 102 -38.70 26.75 -1.80
C GLU C 102 -39.08 25.78 -0.68
N LYS C 103 -38.07 25.21 -0.01
CA LYS C 103 -38.29 24.32 1.13
C LYS C 103 -38.90 25.04 2.34
N ALA C 104 -38.46 26.26 2.64
CA ALA C 104 -38.97 27.00 3.79
C ALA C 104 -40.45 27.30 3.66
N ALA C 105 -40.91 27.60 2.46
CA ALA C 105 -42.32 27.92 2.30
C ALA C 105 -43.18 26.71 2.67
N ALA C 106 -42.69 25.52 2.36
CA ALA C 106 -43.37 24.27 2.65
C ALA C 106 -43.12 23.78 4.09
N HIS C 107 -42.05 24.25 4.73
CA HIS C 107 -41.74 23.80 6.06
C HIS C 107 -42.65 24.44 7.08
N PRO C 108 -43.07 23.68 8.10
CA PRO C 108 -43.98 24.26 9.09
C PRO C 108 -43.27 25.26 9.98
N ASN C 109 -41.95 25.19 9.99
CA ASN C 109 -41.16 26.13 10.76
C ASN C 109 -40.27 27.07 9.93
N GLY C 110 -40.50 27.10 8.63
CA GLY C 110 -39.66 27.89 7.77
C GLY C 110 -39.51 29.32 8.21
N ASN C 111 -40.42 29.82 9.04
CA ASN C 111 -40.39 31.23 9.41
C ASN C 111 -39.21 31.53 10.31
N LEU C 112 -38.53 30.48 10.74
CA LEU C 112 -37.38 30.65 11.62
C LEU C 112 -36.05 30.63 10.92
N VAL C 113 -36.09 30.45 9.60
CA VAL C 113 -34.93 30.39 8.74
C VAL C 113 -34.86 31.66 7.91
N VAL C 114 -33.78 32.43 8.07
CA VAL C 114 -33.57 33.67 7.34
C VAL C 114 -32.42 33.51 6.32
N PRO C 115 -32.75 33.44 5.04
CA PRO C 115 -31.73 33.19 4.05
C PRO C 115 -31.02 34.49 3.68
N VAL C 116 -29.70 34.47 3.56
CA VAL C 116 -28.94 35.66 3.18
C VAL C 116 -28.06 35.37 1.98
N LEU C 117 -28.30 36.06 0.87
CA LEU C 117 -27.41 35.95 -0.29
C LEU C 117 -26.13 36.69 0.02
N GLY C 118 -25.00 36.02 -0.15
CA GLY C 118 -23.74 36.65 0.18
C GLY C 118 -22.57 35.73 0.26
N ASN C 119 -21.39 36.31 0.39
CA ASN C 119 -20.15 35.57 0.44
C ASN C 119 -19.62 35.63 1.85
N PHE C 120 -19.51 34.47 2.50
CA PHE C 120 -19.08 34.50 3.88
C PHE C 120 -17.58 34.76 4.12
N ALA C 121 -16.80 34.94 3.05
CA ALA C 121 -15.42 35.44 3.19
C ALA C 121 -15.47 36.95 3.43
N LYS C 122 -16.63 37.55 3.17
CA LYS C 122 -16.79 38.96 3.33
C LYS C 122 -18.19 39.26 3.84
N LEU C 123 -18.52 38.68 4.99
CA LEU C 123 -19.80 38.89 5.68
C LEU C 123 -20.09 40.36 5.93
N ASP C 124 -21.35 40.75 5.77
CA ASP C 124 -21.74 42.12 6.01
C ASP C 124 -23.11 42.17 6.69
N LEU C 125 -23.13 42.01 8.01
CA LEU C 125 -24.40 41.81 8.70
C LEU C 125 -24.64 42.89 9.73
N GLY C 126 -23.80 43.93 9.69
CA GLY C 126 -23.93 45.10 10.56
C GLY C 126 -23.98 44.85 12.06
N GLU C 127 -25.09 45.27 12.67
CA GLU C 127 -25.25 45.31 14.13
C GLU C 127 -25.61 43.98 14.76
N GLN C 128 -26.15 43.10 13.94
CA GLN C 128 -26.65 41.81 14.39
C GLN C 128 -25.54 40.98 15.02
N ARG C 129 -25.84 40.33 16.15
CA ARG C 129 -24.86 39.48 16.80
C ARG C 129 -25.46 38.11 16.95
N TYR C 130 -24.62 37.11 17.25
CA TYR C 130 -25.10 35.75 17.19
C TYR C 130 -24.64 34.96 18.40
N SER C 131 -25.44 33.99 18.85
CA SER C 131 -25.00 33.17 19.97
C SER C 131 -24.08 32.06 19.48
N VAL C 132 -24.24 31.68 18.20
CA VAL C 132 -23.41 30.67 17.57
C VAL C 132 -23.23 30.95 16.07
N VAL C 133 -21.99 30.89 15.60
CA VAL C 133 -21.71 30.93 14.17
C VAL C 133 -21.10 29.56 13.89
N PHE C 134 -21.69 28.82 12.96
CA PHE C 134 -21.15 27.50 12.64
C PHE C 134 -20.98 27.28 11.16
N ALA C 135 -20.15 26.30 10.82
CA ALA C 135 -19.88 25.94 9.46
C ALA C 135 -19.70 24.45 9.42
N ALA C 136 -20.74 23.75 8.99
CA ALA C 136 -20.78 22.30 8.96
C ALA C 136 -20.22 21.74 7.66
N PHE C 137 -19.74 20.50 7.71
CA PHE C 137 -19.40 19.73 6.52
C PHE C 137 -18.40 20.45 5.59
N ASN C 138 -17.25 20.78 6.15
CA ASN C 138 -16.17 21.43 5.38
C ASN C 138 -16.48 22.80 4.83
N THR C 139 -17.59 23.40 5.20
CA THR C 139 -17.87 24.70 4.65
C THR C 139 -16.67 25.65 4.78
N LEU C 140 -15.99 25.65 5.91
CA LEU C 140 -14.90 26.58 6.08
C LEU C 140 -13.81 26.30 5.11
N PHE C 141 -13.66 25.06 4.67
CA PHE C 141 -12.58 24.69 3.80
C PHE C 141 -12.88 24.99 2.35
N CYS C 142 -14.05 25.58 2.12
CA CYS C 142 -14.48 26.00 0.80
C CYS C 142 -13.79 27.28 0.41
N LEU C 143 -13.29 28.00 1.40
CA LEU C 143 -12.45 29.16 1.18
C LEU C 143 -11.05 28.66 0.83
N LEU C 144 -10.59 28.94 -0.39
CA LEU C 144 -9.37 28.29 -0.85
C LEU C 144 -8.06 28.91 -0.41
N GLY C 145 -7.88 29.20 0.87
CA GLY C 145 -6.63 29.81 1.29
C GLY C 145 -6.54 29.92 2.80
N GLN C 146 -5.32 29.88 3.35
CA GLN C 146 -5.18 29.98 4.81
C GLN C 146 -5.56 31.37 5.24
N ASP C 147 -5.20 32.35 4.42
CA ASP C 147 -5.48 33.75 4.68
C ASP C 147 -6.95 33.99 4.74
N GLU C 148 -7.67 33.50 3.74
CA GLU C 148 -9.10 33.72 3.66
C GLU C 148 -9.74 33.07 4.89
N GLN C 149 -9.36 31.82 5.19
CA GLN C 149 -9.92 31.15 6.35
C GLN C 149 -9.79 31.96 7.66
N ILE C 150 -8.59 32.43 7.96
CA ILE C 150 -8.38 33.31 9.09
C ILE C 150 -9.33 34.53 9.10
N ASP C 151 -9.36 35.30 8.02
CA ASP C 151 -10.31 36.39 7.86
C ASP C 151 -11.73 35.97 8.20
N CYS C 152 -12.11 34.78 7.76
CA CYS C 152 -13.48 34.38 7.97
C CYS C 152 -13.68 34.11 9.48
N MET C 153 -12.78 33.33 10.07
CA MET C 153 -12.85 33.12 11.50
C MET C 153 -12.89 34.45 12.28
N ARG C 154 -12.04 35.40 11.94
CA ARG C 154 -12.03 36.63 12.67
C ARG C 154 -13.38 37.34 12.48
N GLN C 155 -13.96 37.25 11.31
CA GLN C 155 -15.25 37.91 11.14
C GLN C 155 -16.32 37.19 11.95
N ALA C 156 -16.27 35.85 11.95
CA ALA C 156 -17.12 35.11 12.85
C ALA C 156 -16.95 35.62 14.27
N ARG C 157 -15.72 35.60 14.77
CA ARG C 157 -15.47 36.08 16.13
C ARG C 157 -16.17 37.42 16.39
N GLU C 158 -15.98 38.36 15.49
CA GLU C 158 -16.52 39.66 15.71
C GLU C 158 -18.04 39.70 15.68
N LEU C 159 -18.69 38.61 15.27
CA LEU C 159 -20.15 38.61 15.19
C LEU C 159 -20.82 37.96 16.41
N LEU C 160 -20.01 37.23 17.20
CA LEU C 160 -20.48 36.56 18.40
C LEU C 160 -20.79 37.54 19.49
N GLU C 161 -21.91 37.34 20.17
CA GLU C 161 -22.19 38.04 21.45
C GLU C 161 -21.25 37.52 22.55
N PRO C 162 -21.18 38.23 23.68
CA PRO C 162 -20.43 37.82 24.87
C PRO C 162 -20.27 36.32 25.03
N GLY C 163 -21.36 35.61 25.28
CA GLY C 163 -21.24 34.17 25.50
C GLY C 163 -20.73 33.36 24.32
N GLY C 164 -20.89 33.89 23.11
CA GLY C 164 -20.99 33.09 21.89
C GLY C 164 -19.84 32.20 21.54
N THR C 165 -20.10 31.23 20.65
CA THR C 165 -19.10 30.30 20.17
C THR C 165 -19.15 30.11 18.66
N PHE C 166 -18.04 29.62 18.12
CA PHE C 166 -17.85 29.37 16.70
C PHE C 166 -17.54 27.88 16.53
N VAL C 167 -18.38 27.17 15.77
CA VAL C 167 -18.30 25.71 15.66
C VAL C 167 -17.97 25.33 14.22
N VAL C 168 -16.98 24.46 14.01
CA VAL C 168 -16.74 24.01 12.64
C VAL C 168 -16.63 22.52 12.52
N GLN C 169 -17.19 21.97 11.44
CA GLN C 169 -17.02 20.55 11.15
C GLN C 169 -16.11 20.42 9.96
N CYS C 170 -15.05 19.64 10.12
CA CYS C 170 -13.90 19.64 9.21
C CYS C 170 -13.30 18.29 9.04
N LEU C 171 -12.99 17.94 7.81
CA LEU C 171 -12.33 16.66 7.54
C LEU C 171 -11.01 16.65 8.27
N ASN C 172 -10.69 15.53 8.89
CA ASN C 172 -9.45 15.45 9.62
C ASN C 172 -8.45 14.70 8.75
N PRO C 173 -7.51 15.42 8.13
CA PRO C 173 -6.53 14.87 7.22
C PRO C 173 -5.91 13.55 7.68
N ALA C 174 -5.43 13.49 8.92
CA ALA C 174 -4.78 12.26 9.41
C ALA C 174 -5.68 11.06 9.17
N GLY C 175 -6.87 11.08 9.77
CA GLY C 175 -7.78 9.91 9.74
C GLY C 175 -8.41 9.72 8.37
N GLN C 176 -8.24 10.70 7.51
CA GLN C 176 -8.83 10.67 6.19
C GLN C 176 -7.89 9.96 5.24
N ARG C 177 -6.65 9.72 5.67
CA ARG C 177 -5.64 8.96 4.88
C ARG C 177 -5.62 9.28 3.39
N LEU C 178 -5.38 10.55 3.06
CA LEU C 178 -5.41 11.06 1.70
C LEU C 178 -4.18 10.72 0.86
N ALA C 179 -4.38 9.97 -0.21
CA ALA C 179 -3.27 9.69 -1.06
C ALA C 179 -2.76 10.99 -1.61
N THR C 180 -1.45 11.03 -1.76
CA THR C 180 -0.76 12.10 -2.44
C THR C 180 -0.91 11.97 -3.95
N GLY C 181 -1.30 13.04 -4.60
CA GLY C 181 -1.54 12.99 -6.02
C GLY C 181 -2.98 12.76 -6.42
N ASN C 182 -3.16 12.05 -7.53
CA ASN C 182 -4.46 11.84 -8.13
C ASN C 182 -5.05 10.51 -7.71
N THR C 183 -6.36 10.47 -7.56
CA THR C 183 -7.03 9.22 -7.25
C THR C 183 -8.39 9.12 -7.95
N PHE C 184 -8.89 7.90 -8.05
CA PHE C 184 -10.24 7.67 -8.55
C PHE C 184 -10.97 6.63 -7.70
N GLY C 185 -12.20 6.93 -7.29
CA GLY C 185 -12.88 6.06 -6.34
C GLY C 185 -14.36 5.88 -6.58
N THR C 186 -14.88 4.72 -6.14
CA THR C 186 -16.33 4.51 -6.12
C THR C 186 -16.94 5.18 -4.90
N VAL C 187 -17.91 6.06 -5.10
CA VAL C 187 -18.57 6.72 -3.96
C VAL C 187 -19.81 5.97 -3.49
N GLU C 188 -20.70 5.60 -4.41
CA GLU C 188 -21.94 4.92 -4.08
C GLU C 188 -22.55 4.21 -5.27
N LEU C 189 -23.38 3.21 -5.03
CA LEU C 189 -24.00 2.51 -6.13
C LEU C 189 -25.50 2.67 -6.05
N GLU C 190 -26.15 2.87 -7.20
CA GLU C 190 -27.63 2.83 -7.26
C GLU C 190 -27.97 1.76 -8.28
N ASP C 191 -29.25 1.43 -8.41
CA ASP C 191 -29.67 0.37 -9.35
C ASP C 191 -29.28 0.72 -10.75
N THR C 192 -29.40 2.00 -11.08
CA THR C 192 -29.18 2.41 -12.47
C THR C 192 -28.16 3.54 -12.65
N ALA C 193 -27.31 3.77 -11.65
CA ALA C 193 -26.29 4.80 -11.75
C ALA C 193 -25.18 4.51 -10.74
N VAL C 194 -23.97 4.95 -11.07
CA VAL C 194 -22.90 4.85 -10.11
C VAL C 194 -22.40 6.27 -9.78
N HIS C 195 -21.97 6.45 -8.53
CA HIS C 195 -21.35 7.70 -8.12
C HIS C 195 -19.86 7.45 -7.93
N LEU C 196 -19.05 8.08 -8.76
CA LEU C 196 -17.62 7.94 -8.66
C LEU C 196 -17.05 9.31 -8.31
N GLU C 197 -15.79 9.31 -7.86
CA GLU C 197 -15.07 10.57 -7.65
C GLU C 197 -13.69 10.58 -8.27
N ALA C 198 -13.40 11.61 -9.05
CA ALA C 198 -12.08 11.79 -9.61
C ALA C 198 -11.48 12.98 -8.88
N SER C 199 -10.27 12.80 -8.34
CA SER C 199 -9.72 13.87 -7.50
C SER C 199 -8.20 14.09 -7.60
N LYS C 200 -7.78 15.32 -7.30
CA LYS C 200 -6.38 15.74 -7.33
C LYS C 200 -6.04 16.36 -5.99
N HIS C 201 -5.03 15.83 -5.34
CA HIS C 201 -4.62 16.28 -4.03
C HIS C 201 -3.26 16.91 -4.19
N ASP C 202 -3.13 18.13 -3.68
CA ASP C 202 -1.86 18.83 -3.59
C ASP C 202 -1.51 18.96 -2.13
N PRO C 203 -0.66 18.06 -1.62
CA PRO C 203 -0.39 18.03 -0.19
C PRO C 203 0.33 19.28 0.33
N LEU C 204 0.94 20.08 -0.53
CA LEU C 204 1.61 21.33 -0.13
C LEU C 204 0.60 22.43 0.02
N ALA C 205 -0.12 22.71 -1.06
CA ALA C 205 -1.11 23.74 -1.03
C ALA C 205 -2.25 23.25 -0.12
N GLN C 206 -2.18 21.97 0.26
CA GLN C 206 -3.21 21.37 1.06
C GLN C 206 -4.55 21.56 0.41
N THR C 207 -4.62 21.28 -0.89
CA THR C 207 -5.89 21.39 -1.59
C THR C 207 -6.39 20.05 -2.12
N LEU C 208 -7.71 19.88 -2.13
CA LEU C 208 -8.40 18.78 -2.81
C LEU C 208 -9.29 19.35 -3.88
N SER C 209 -9.07 18.89 -5.09
CA SER C 209 -9.76 19.43 -6.23
C SER C 209 -10.37 18.21 -6.96
N ALA C 210 -11.68 18.21 -7.18
CA ALA C 210 -12.36 16.94 -7.55
C ALA C 210 -13.62 17.08 -8.40
N HIS C 211 -13.97 16.01 -9.12
CA HIS C 211 -15.27 15.93 -9.79
C HIS C 211 -16.01 14.79 -9.19
N HIS C 212 -17.25 15.04 -8.76
CA HIS C 212 -18.17 13.94 -8.40
C HIS C 212 -18.83 13.56 -9.70
N ILE C 213 -18.72 12.28 -10.08
CA ILE C 213 -19.19 11.80 -11.39
C ILE C 213 -20.40 10.89 -11.22
N VAL C 214 -21.44 11.12 -12.01
CA VAL C 214 -22.57 10.24 -11.99
C VAL C 214 -22.76 9.62 -13.35
N LEU C 215 -22.52 8.31 -13.50
CA LEU C 215 -22.72 7.60 -14.77
C LEU C 215 -24.09 6.96 -14.69
N SER C 216 -24.92 7.06 -15.73
CA SER C 216 -26.24 6.38 -15.69
C SER C 216 -26.48 5.43 -16.85
N GLU C 217 -27.33 4.41 -16.61
CA GLU C 217 -27.68 3.45 -17.65
C GLU C 217 -28.03 4.13 -19.01
N GLY C 218 -28.63 5.29 -19.01
CA GLY C 218 -28.72 5.97 -20.33
C GLY C 218 -27.46 6.06 -21.24
N GLY C 219 -26.34 6.42 -20.65
CA GLY C 219 -25.22 6.94 -21.39
C GLY C 219 -24.97 8.35 -20.88
N GLY C 220 -25.78 8.79 -19.93
CA GLY C 220 -25.65 10.12 -19.39
C GLY C 220 -24.51 10.20 -18.40
N ILE C 221 -23.92 11.39 -18.32
CA ILE C 221 -22.81 11.65 -17.42
C ILE C 221 -23.06 13.04 -16.87
N ARG C 222 -23.08 13.22 -15.54
CA ARG C 222 -23.13 14.55 -14.95
C ARG C 222 -21.91 14.67 -14.07
N LEU C 223 -21.20 15.80 -14.21
CA LEU C 223 -20.03 16.10 -13.39
C LEU C 223 -20.36 17.24 -12.43
N PHE C 224 -19.98 17.07 -11.16
CA PHE C 224 -20.16 18.12 -10.12
C PHE C 224 -18.83 18.39 -9.41
N PRO C 225 -18.12 19.44 -9.85
CA PRO C 225 -16.79 19.75 -9.35
C PRO C 225 -16.79 20.42 -7.97
N TYR C 226 -15.76 20.16 -7.17
CA TYR C 226 -15.55 20.90 -5.95
C TYR C 226 -14.06 21.08 -5.66
N ARG C 227 -13.72 22.14 -4.93
CA ARG C 227 -12.39 22.38 -4.40
C ARG C 227 -12.38 22.69 -2.91
N LEU C 228 -11.42 22.13 -2.18
CA LEU C 228 -11.25 22.42 -0.74
C LEU C 228 -9.82 22.84 -0.41
N ARG C 229 -9.67 23.72 0.59
CA ARG C 229 -8.35 23.83 1.21
C ARG C 229 -8.47 23.41 2.62
N TYR C 230 -7.82 22.31 2.95
CA TYR C 230 -7.95 21.76 4.30
C TYR C 230 -6.82 22.26 5.20
N ALA C 231 -7.05 22.24 6.52
CA ALA C 231 -6.00 22.59 7.49
C ALA C 231 -5.92 21.47 8.49
N TYR C 232 -4.71 21.23 9.02
CA TYR C 232 -4.55 20.23 10.09
C TYR C 232 -4.96 20.83 11.41
N PRO C 233 -5.44 20.00 12.35
CA PRO C 233 -5.95 20.55 13.59
C PRO C 233 -4.98 21.51 14.32
N ALA C 234 -3.69 21.17 14.41
CA ALA C 234 -2.72 22.09 15.03
C ALA C 234 -2.68 23.45 14.36
N GLU C 235 -2.67 23.43 13.03
CA GLU C 235 -2.67 24.63 12.22
C GLU C 235 -3.98 25.35 12.41
N LEU C 236 -5.08 24.61 12.40
CA LEU C 236 -6.39 25.28 12.46
C LEU C 236 -6.50 25.98 13.79
N ASP C 237 -5.94 25.39 14.83
CA ASP C 237 -6.01 26.02 16.12
C ASP C 237 -5.15 27.26 16.13
N LEU C 238 -4.07 27.23 15.38
CA LEU C 238 -3.25 28.42 15.36
C LEU C 238 -3.95 29.53 14.54
N MET C 239 -4.71 29.14 13.53
CA MET C 239 -5.46 30.10 12.78
C MET C 239 -6.52 30.71 13.70
N ALA C 240 -7.22 29.88 14.44
CA ALA C 240 -8.17 30.44 15.36
C ALA C 240 -7.49 31.39 16.33
N ASN C 241 -6.28 31.08 16.77
CA ASN C 241 -5.62 31.98 17.72
C ASN C 241 -5.36 33.34 17.10
N VAL C 242 -4.97 33.33 15.82
CA VAL C 242 -4.70 34.57 15.12
C VAL C 242 -5.97 35.39 14.93
N ALA C 243 -7.10 34.70 14.77
CA ALA C 243 -8.36 35.39 14.56
C ALA C 243 -8.97 35.88 15.86
N GLY C 244 -8.31 35.59 16.98
CA GLY C 244 -8.83 35.97 18.27
C GLY C 244 -9.76 34.95 18.91
N LEU C 245 -9.76 33.72 18.39
CA LEU C 245 -10.47 32.60 19.02
C LEU C 245 -9.56 31.63 19.79
N GLU C 246 -10.08 30.99 20.83
CA GLU C 246 -9.38 29.90 21.49
C GLU C 246 -10.27 28.65 21.51
N LEU C 247 -9.64 27.47 21.33
CA LEU C 247 -10.35 26.21 21.25
C LEU C 247 -10.93 25.83 22.60
N VAL C 248 -12.22 25.50 22.66
CA VAL C 248 -12.80 25.05 23.91
C VAL C 248 -13.11 23.55 23.99
N GLU C 249 -13.47 22.91 22.87
CA GLU C 249 -13.62 21.45 22.85
C GLU C 249 -13.50 20.89 21.43
N ARG C 250 -13.14 19.61 21.32
CA ARG C 250 -13.05 18.94 20.03
C ARG C 250 -13.55 17.52 20.06
N HIS C 251 -14.49 17.19 19.19
CA HIS C 251 -15.05 15.84 19.10
C HIS C 251 -14.87 15.26 17.73
N ALA C 252 -15.18 13.98 17.60
CA ALA C 252 -15.19 13.34 16.30
C ALA C 252 -16.46 13.70 15.50
N ASP C 253 -17.60 13.84 16.17
CA ASP C 253 -18.84 14.17 15.48
C ASP C 253 -19.81 14.97 16.35
N PHE C 254 -20.98 15.31 15.86
CA PHE C 254 -21.86 16.17 16.67
C PHE C 254 -22.47 15.41 17.81
N GLU C 255 -22.12 14.13 17.93
CA GLU C 255 -22.63 13.31 19.03
C GLU C 255 -21.56 13.17 20.08
N ARG C 256 -20.55 14.03 19.97
CA ARG C 256 -19.49 14.18 20.96
C ARG C 256 -18.66 12.93 21.19
N ARG C 257 -18.56 12.07 20.19
CA ARG C 257 -17.71 10.92 20.31
C ARG C 257 -16.30 11.45 20.38
N ARG C 258 -15.40 10.69 21.01
CA ARG C 258 -14.02 11.09 21.27
C ARG C 258 -13.25 11.22 19.98
N PHE C 259 -12.48 12.30 19.84
CA PHE C 259 -11.66 12.55 18.64
C PHE C 259 -10.24 11.98 18.78
N ASP C 260 -9.83 11.17 17.81
CA ASP C 260 -8.47 10.67 17.82
C ASP C 260 -7.93 10.61 16.39
N ALA C 261 -6.71 10.08 16.23
CA ALA C 261 -5.99 10.19 14.97
C ALA C 261 -6.76 9.59 13.80
N SER C 262 -7.61 8.62 14.10
CA SER C 262 -8.29 7.93 13.02
C SER C 262 -9.68 8.48 12.79
N SER C 263 -9.98 9.60 13.40
CA SER C 263 -11.25 10.22 13.16
C SER C 263 -11.21 10.85 11.79
N ARG C 264 -12.24 10.59 10.97
CA ARG C 264 -12.31 11.15 9.63
C ARG C 264 -12.55 12.64 9.67
N TYR C 265 -13.48 13.05 10.52
CA TYR C 265 -13.74 14.47 10.70
C TYR C 265 -13.46 14.93 12.12
N HIS C 266 -13.48 16.23 12.35
CA HIS C 266 -13.67 16.71 13.72
C HIS C 266 -14.68 17.86 13.82
N VAL C 267 -15.24 18.04 15.00
CA VAL C 267 -16.13 19.15 15.30
C VAL C 267 -15.43 19.93 16.39
N SER C 268 -15.14 21.21 16.15
CA SER C 268 -14.36 21.96 17.10
C SER C 268 -15.15 23.16 17.56
N VAL C 269 -15.03 23.45 18.84
CA VAL C 269 -15.71 24.63 19.36
C VAL C 269 -14.70 25.66 19.85
N TYR C 270 -14.86 26.89 19.35
CA TYR C 270 -14.01 28.00 19.69
C TYR C 270 -14.82 29.13 20.30
N ARG C 271 -14.21 29.87 21.22
CA ARG C 271 -14.85 31.05 21.77
C ARG C 271 -13.86 32.22 21.75
N ALA C 272 -14.38 33.45 21.88
CA ALA C 272 -13.55 34.65 21.94
C ALA C 272 -12.41 34.53 22.94
N ALA C 273 -11.25 35.07 22.58
CA ALA C 273 -10.07 34.93 23.42
C ALA C 273 -10.10 35.87 24.62
N ALA C 274 -9.37 35.44 25.65
CA ALA C 274 -9.15 36.23 26.86
C ALA C 274 -8.43 37.56 26.53
N TYR D 24 12.62 11.90 29.22
CA TYR D 24 13.17 12.64 28.03
C TYR D 24 13.35 14.17 28.27
N ASP D 25 14.60 14.62 28.35
CA ASP D 25 14.95 16.03 28.53
C ASP D 25 15.12 16.73 27.18
N GLU D 26 15.52 18.00 27.23
CA GLU D 26 16.05 18.70 26.05
C GLU D 26 17.42 18.09 25.79
N THR D 27 17.85 17.27 26.73
CA THR D 27 19.25 16.92 26.84
C THR D 27 19.55 15.48 26.41
N THR D 28 18.58 14.58 26.55
CA THR D 28 18.89 13.15 26.39
C THR D 28 19.21 12.75 24.97
N TYR D 29 18.73 13.50 23.98
CA TYR D 29 19.18 13.21 22.62
C TYR D 29 20.71 13.26 22.55
N GLY D 30 21.27 14.44 22.78
CA GLY D 30 22.71 14.62 22.79
C GLY D 30 23.46 13.69 23.72
N ASP D 31 23.05 13.63 24.99
CA ASP D 31 23.80 12.85 25.98
C ASP D 31 24.24 11.46 25.49
N GLN D 32 23.30 10.76 24.85
CA GLN D 32 23.51 9.40 24.34
C GLN D 32 24.45 9.36 23.13
N ILE D 33 24.08 10.16 22.13
CA ILE D 33 24.64 10.07 20.77
C ILE D 33 26.01 10.73 20.55
N ALA D 34 26.46 11.54 21.50
CA ALA D 34 27.60 12.42 21.29
C ALA D 34 28.83 11.71 20.76
N ASP D 35 29.19 10.59 21.37
CA ASP D 35 30.44 9.94 21.06
C ASP D 35 30.39 9.07 19.80
N VAL D 36 29.25 9.02 19.13
CA VAL D 36 29.15 8.28 17.86
C VAL D 36 28.55 9.12 16.74
N TYR D 37 28.00 10.26 17.08
CA TYR D 37 27.38 11.15 16.11
C TYR D 37 28.22 11.29 14.87
N ASP D 38 29.51 11.54 15.04
CA ASP D 38 30.39 11.72 13.89
C ASP D 38 30.90 10.41 13.23
N GLU D 39 30.77 9.26 13.90
CA GLU D 39 31.31 8.01 13.35
C GLU D 39 30.30 7.19 12.49
N TRP D 40 29.02 7.48 12.59
CA TRP D 40 28.02 6.65 11.93
C TRP D 40 28.05 6.87 10.43
N PRO D 41 28.04 5.77 9.68
CA PRO D 41 28.17 5.78 8.23
C PRO D 41 26.87 6.10 7.50
N GLY D 42 27.00 6.64 6.29
CA GLY D 42 25.88 6.78 5.38
C GLY D 42 24.61 7.32 6.00
N ASP D 43 23.49 6.68 5.70
CA ASP D 43 22.17 7.17 6.11
C ASP D 43 21.95 7.15 7.63
N ALA D 44 22.85 6.49 8.37
CA ALA D 44 22.80 6.44 9.84
C ALA D 44 23.27 7.74 10.45
N GLY D 45 24.30 8.34 9.83
CA GLY D 45 24.85 9.61 10.31
C GLY D 45 23.95 10.78 9.99
N PRO D 46 24.40 12.01 10.31
CA PRO D 46 23.61 13.17 9.94
C PRO D 46 23.92 13.47 8.48
N PRO D 47 23.08 14.28 7.83
CA PRO D 47 23.25 14.42 6.39
C PRO D 47 24.63 14.97 6.02
N PRO D 48 25.12 14.66 4.81
CA PRO D 48 26.48 15.09 4.48
C PRO D 48 26.58 16.48 3.84
N ASP D 49 25.74 17.43 4.29
CA ASP D 49 25.67 18.75 3.66
C ASP D 49 26.29 19.90 4.48
N GLY D 50 27.15 19.56 5.43
CA GLY D 50 27.81 20.55 6.26
C GLY D 50 28.50 21.65 5.49
N ARG D 51 29.39 21.28 4.59
CA ARG D 51 29.99 22.26 3.68
C ARG D 51 28.93 23.16 3.03
N GLU D 52 27.93 22.54 2.41
CA GLU D 52 26.95 23.27 1.66
C GLU D 52 26.14 24.21 2.55
N ALA D 53 25.82 23.73 3.75
CA ALA D 53 25.09 24.53 4.73
C ALA D 53 25.92 25.77 5.01
N ALA D 54 27.19 25.55 5.31
CA ALA D 54 28.09 26.63 5.65
C ALA D 54 28.08 27.68 4.56
N LEU D 55 28.25 27.27 3.31
CA LEU D 55 28.22 28.22 2.19
C LEU D 55 26.93 29.02 2.19
N PHE D 56 25.81 28.34 2.37
CA PHE D 56 24.54 29.00 2.33
C PHE D 56 24.44 30.07 3.40
N VAL D 57 24.76 29.70 4.64
CA VAL D 57 24.69 30.64 5.78
C VAL D 57 25.66 31.83 5.62
N ALA D 58 26.86 31.52 5.14
CA ALA D 58 27.93 32.49 4.94
C ALA D 58 27.53 33.58 3.96
N ALA D 59 26.85 33.18 2.89
CA ALA D 59 26.42 34.12 1.88
C ALA D 59 25.49 35.16 2.48
N LEU D 60 24.75 34.74 3.52
CA LEU D 60 23.81 35.64 4.20
C LEU D 60 24.45 36.37 5.38
N ALA D 61 25.63 35.91 5.79
CA ALA D 61 26.28 36.39 7.01
C ALA D 61 26.82 37.82 6.97
N ALA D 62 27.26 38.30 5.82
CA ALA D 62 27.94 39.59 5.81
C ALA D 62 29.11 39.57 6.80
N ALA D 63 29.40 40.72 7.41
CA ALA D 63 30.55 40.83 8.31
C ALA D 63 30.27 40.44 9.78
N ARG D 64 29.01 40.13 10.10
CA ARG D 64 28.64 39.93 11.48
C ARG D 64 28.56 38.46 11.93
N PRO D 65 28.57 38.21 13.25
CA PRO D 65 28.52 36.85 13.79
C PRO D 65 27.16 36.21 13.58
N VAL D 66 27.16 34.89 13.49
CA VAL D 66 25.93 34.13 13.32
C VAL D 66 25.72 33.17 14.50
N LEU D 67 24.46 32.82 14.72
CA LEU D 67 24.10 31.99 15.85
C LEU D 67 23.53 30.67 15.37
N GLU D 68 24.20 29.55 15.68
CA GLU D 68 23.61 28.24 15.41
C GLU D 68 22.82 27.72 16.61
N LEU D 69 21.57 27.32 16.38
CA LEU D 69 20.77 26.70 17.43
C LEU D 69 21.10 25.20 17.50
N GLY D 70 21.57 24.76 18.67
CA GLY D 70 21.90 23.36 18.85
C GLY D 70 23.06 22.96 17.96
N VAL D 71 24.19 23.64 18.17
CA VAL D 71 25.40 23.47 17.36
C VAL D 71 25.94 22.03 17.32
N GLY D 72 25.67 21.27 18.37
CA GLY D 72 26.05 19.87 18.42
C GLY D 72 27.56 19.63 18.46
N THR D 73 28.08 18.88 17.50
CA THR D 73 29.52 18.65 17.45
C THR D 73 30.20 19.62 16.51
N GLY D 74 29.42 20.53 15.95
CA GLY D 74 29.94 21.56 15.06
C GLY D 74 30.06 21.10 13.62
N ARG D 75 29.29 20.07 13.25
CA ARG D 75 29.22 19.63 11.85
C ARG D 75 29.06 20.81 10.89
N VAL D 76 28.30 21.84 11.28
CA VAL D 76 28.12 23.03 10.44
C VAL D 76 29.00 24.15 10.90
N ALA D 77 29.10 24.32 12.21
CA ALA D 77 29.92 25.39 12.74
C ALA D 77 31.34 25.42 12.18
N PHE D 78 31.98 24.28 12.05
CA PHE D 78 33.39 24.28 11.64
C PHE D 78 33.58 24.62 10.17
N PRO D 79 32.74 24.07 9.29
CA PRO D 79 32.76 24.49 7.89
C PRO D 79 32.63 26.01 7.76
N LEU D 80 31.71 26.60 8.54
CA LEU D 80 31.54 28.06 8.64
C LEU D 80 32.81 28.76 9.12
N ALA D 81 33.50 28.17 10.10
CA ALA D 81 34.72 28.78 10.61
C ALA D 81 35.82 28.78 9.54
N ASP D 82 35.79 27.75 8.69
CA ASP D 82 36.73 27.63 7.57
C ASP D 82 36.51 28.77 6.57
N LEU D 83 35.33 29.38 6.61
CA LEU D 83 34.96 30.43 5.67
C LEU D 83 35.15 31.76 6.33
N GLY D 84 35.74 31.73 7.52
CA GLY D 84 36.02 32.94 8.27
C GLY D 84 34.80 33.61 8.90
N VAL D 85 33.78 32.82 9.19
CA VAL D 85 32.56 33.33 9.80
C VAL D 85 32.52 32.98 11.28
N GLU D 86 32.34 33.99 12.13
CA GLU D 86 32.22 33.77 13.57
C GLU D 86 30.91 33.07 13.90
N VAL D 87 30.98 31.93 14.58
CA VAL D 87 29.74 31.24 14.95
C VAL D 87 29.57 31.07 16.45
N HIS D 88 28.44 31.52 16.98
CA HIS D 88 28.12 31.24 18.35
C HIS D 88 27.19 30.05 18.34
N GLY D 89 27.52 29.03 19.11
CA GLY D 89 26.75 27.79 19.08
C GLY D 89 26.07 27.52 20.41
N VAL D 90 24.75 27.40 20.40
CA VAL D 90 24.07 27.10 21.64
C VAL D 90 23.76 25.63 21.68
N GLU D 91 23.99 25.01 22.84
CA GLU D 91 23.80 23.59 22.98
C GLU D 91 23.43 23.29 24.41
N SER D 92 22.59 22.28 24.60
CA SER D 92 22.08 21.92 25.92
C SER D 92 22.83 20.73 26.51
N SER D 93 23.45 19.94 25.64
CA SER D 93 24.06 18.70 26.05
C SER D 93 25.53 18.86 26.38
N GLU D 94 25.84 18.74 27.68
CA GLU D 94 27.19 18.71 28.19
C GLU D 94 28.14 17.87 27.31
N PRO D 95 27.80 16.58 27.07
CA PRO D 95 28.64 15.69 26.25
C PRO D 95 28.81 16.13 24.80
N MET D 96 27.75 16.65 24.16
CA MET D 96 27.87 17.18 22.82
C MET D 96 28.85 18.35 22.81
N LEU D 97 28.71 19.20 23.81
CA LEU D 97 29.53 20.39 23.93
C LEU D 97 31.01 20.01 24.10
N ASP D 98 31.26 18.96 24.90
CA ASP D 98 32.61 18.49 25.13
C ASP D 98 33.24 18.02 23.83
N LYS D 99 32.46 17.28 23.05
CA LYS D 99 32.91 16.85 21.73
C LYS D 99 33.28 18.10 20.91
N LEU D 100 32.42 19.12 20.93
CA LEU D 100 32.68 20.35 20.21
C LEU D 100 34.00 20.99 20.62
N ARG D 101 34.17 21.25 21.91
CA ARG D 101 35.37 21.91 22.42
C ARG D 101 36.62 21.11 22.07
N GLU D 102 36.51 19.80 22.17
CA GLU D 102 37.61 18.93 21.81
C GLU D 102 38.02 19.18 20.36
N LYS D 103 37.05 19.21 19.45
CA LYS D 103 37.32 19.37 18.01
C LYS D 103 37.85 20.77 17.69
N ALA D 104 37.37 21.77 18.43
CA ALA D 104 37.81 23.15 18.22
C ALA D 104 39.31 23.29 18.49
N ALA D 105 39.77 22.83 19.65
CA ALA D 105 41.19 22.93 20.03
C ALA D 105 42.10 22.37 18.95
N ALA D 106 41.64 21.34 18.25
CA ALA D 106 42.42 20.70 17.18
C ALA D 106 42.24 21.44 15.86
N HIS D 107 41.10 22.08 15.69
CA HIS D 107 40.77 22.76 14.44
C HIS D 107 41.59 24.04 14.26
N PRO D 108 42.19 24.23 13.08
CA PRO D 108 42.99 25.43 12.81
C PRO D 108 42.18 26.71 12.98
N ASN D 109 40.87 26.62 12.85
CA ASN D 109 40.03 27.81 12.98
C ASN D 109 39.10 27.77 14.21
N GLY D 110 39.39 26.88 15.15
CA GLY D 110 38.55 26.67 16.32
C GLY D 110 38.14 27.92 17.07
N ASN D 111 39.06 28.87 17.18
CA ASN D 111 38.77 30.13 17.87
C ASN D 111 37.57 30.93 17.31
N LEU D 112 37.12 30.60 16.10
CA LEU D 112 35.96 31.30 15.50
C LEU D 112 34.67 30.68 15.93
N VAL D 113 34.73 29.52 16.57
CA VAL D 113 33.53 28.87 17.07
C VAL D 113 33.37 29.16 18.55
N VAL D 114 32.25 29.75 18.94
CA VAL D 114 32.03 30.12 20.34
C VAL D 114 30.90 29.32 20.94
N PRO D 115 31.24 28.36 21.81
CA PRO D 115 30.24 27.46 22.39
C PRO D 115 29.51 28.11 23.53
N VAL D 116 28.20 27.88 23.59
CA VAL D 116 27.38 28.41 24.67
C VAL D 116 26.51 27.28 25.28
N LEU D 117 26.72 26.97 26.56
CA LEU D 117 25.81 26.07 27.25
C LEU D 117 24.51 26.82 27.46
N GLY D 118 23.39 26.17 27.14
CA GLY D 118 22.11 26.82 27.28
C GLY D 118 21.02 26.11 26.51
N ASN D 119 19.78 26.46 26.84
CA ASN D 119 18.59 25.87 26.20
C ASN D 119 18.00 26.89 25.22
N PHE D 120 17.99 26.56 23.93
CA PHE D 120 17.56 27.54 22.92
C PHE D 120 16.05 27.81 22.89
N ALA D 121 15.32 27.14 23.77
CA ALA D 121 13.93 27.49 24.01
C ALA D 121 13.88 28.76 24.87
N LYS D 122 14.97 29.01 25.59
CA LYS D 122 15.07 30.14 26.49
C LYS D 122 16.44 30.76 26.33
N LEU D 123 16.72 31.26 25.14
CA LEU D 123 17.99 31.93 24.85
C LEU D 123 18.20 33.12 25.79
N ASP D 124 19.45 33.33 26.20
CA ASP D 124 19.75 34.45 27.08
C ASP D 124 21.06 35.12 26.68
N LEU D 125 21.04 35.90 25.60
CA LEU D 125 22.29 36.40 25.01
C LEU D 125 22.48 37.92 25.10
N GLY D 126 21.60 38.55 25.87
CA GLY D 126 21.65 39.99 26.11
C GLY D 126 21.74 40.85 24.86
N GLU D 127 22.78 41.70 24.84
CA GLU D 127 22.98 42.76 23.84
C GLU D 127 23.42 42.28 22.46
N GLN D 128 23.95 41.06 22.39
CA GLN D 128 24.53 40.54 21.16
C GLN D 128 23.46 40.43 20.08
N ARG D 129 23.84 40.73 18.84
CA ARG D 129 22.92 40.58 17.71
C ARG D 129 23.61 39.79 16.59
N TYR D 130 22.81 39.13 15.75
CA TYR D 130 23.39 38.24 14.74
C TYR D 130 22.91 38.61 13.38
N SER D 131 23.72 38.33 12.38
CA SER D 131 23.32 38.54 11.00
C SER D 131 22.48 37.38 10.50
N VAL D 132 22.66 36.22 11.14
CA VAL D 132 21.88 35.03 10.81
C VAL D 132 21.69 34.16 12.03
N VAL D 133 20.46 33.69 12.23
CA VAL D 133 20.26 32.66 13.23
C VAL D 133 19.78 31.43 12.49
N PHE D 134 20.48 30.32 12.62
CA PHE D 134 19.99 29.14 11.92
C PHE D 134 19.84 27.86 12.78
N ALA D 135 19.09 26.92 12.24
CA ALA D 135 18.83 25.68 12.92
C ALA D 135 18.78 24.62 11.85
N ALA D 136 19.84 23.85 11.78
CA ALA D 136 19.94 22.79 10.80
C ALA D 136 19.30 21.46 11.25
N PHE D 137 18.90 20.66 10.26
CA PHE D 137 18.62 19.25 10.46
C PHE D 137 17.60 18.99 11.57
N ASN D 138 16.47 19.65 11.47
CA ASN D 138 15.34 19.45 12.41
C ASN D 138 15.55 19.99 13.82
N THR D 139 16.61 20.75 14.02
CA THR D 139 16.86 21.23 15.34
C THR D 139 15.66 21.98 15.89
N LEU D 140 14.99 22.80 15.09
CA LEU D 140 13.84 23.53 15.61
C LEU D 140 12.81 22.53 16.05
N PHE D 141 12.81 21.38 15.39
CA PHE D 141 11.81 20.38 15.68
C PHE D 141 12.04 19.60 16.98
N CYS D 142 13.15 19.91 17.68
CA CYS D 142 13.50 19.24 18.93
C CYS D 142 12.74 19.79 20.10
N LEU D 143 12.15 20.95 19.91
CA LEU D 143 11.32 21.57 20.89
C LEU D 143 9.95 20.92 20.78
N LEU D 144 9.49 20.22 21.79
CA LEU D 144 8.30 19.41 21.59
C LEU D 144 6.94 20.09 21.72
N GLY D 145 6.71 21.16 20.98
CA GLY D 145 5.42 21.86 21.06
C GLY D 145 5.41 23.02 20.10
N GLN D 146 4.23 23.32 19.55
CA GLN D 146 4.09 24.42 18.61
C GLN D 146 4.32 25.72 19.36
N ASP D 147 3.81 25.81 20.59
CA ASP D 147 4.10 26.95 21.47
C ASP D 147 5.59 27.22 21.61
N GLU D 148 6.33 26.18 22.00
CA GLU D 148 7.76 26.35 22.24
C GLU D 148 8.43 26.77 20.95
N GLN D 149 8.02 26.20 19.84
CA GLN D 149 8.67 26.58 18.61
C GLN D 149 8.41 28.05 18.30
N ILE D 150 7.19 28.52 18.55
CA ILE D 150 6.91 29.91 18.28
C ILE D 150 7.77 30.80 19.14
N ASP D 151 7.83 30.53 20.44
CA ASP D 151 8.70 31.30 21.35
C ASP D 151 10.08 31.42 20.78
N CYS D 152 10.63 30.28 20.38
CA CYS D 152 11.97 30.23 19.90
C CYS D 152 12.14 31.14 18.68
N MET D 153 11.27 31.02 17.69
CA MET D 153 11.33 31.88 16.52
C MET D 153 11.21 33.36 16.90
N ARG D 154 10.27 33.70 17.77
CA ARG D 154 10.18 35.07 18.20
C ARG D 154 11.52 35.51 18.82
N GLN D 155 12.12 34.67 19.67
CA GLN D 155 13.41 35.02 20.25
C GLN D 155 14.52 35.14 19.22
N ALA D 156 14.51 34.27 18.20
CA ALA D 156 15.50 34.37 17.15
C ALA D 156 15.31 35.69 16.42
N ARG D 157 14.05 36.03 16.14
CA ARG D 157 13.76 37.31 15.48
C ARG D 157 14.38 38.50 16.22
N GLU D 158 14.24 38.50 17.54
CA GLU D 158 14.67 39.61 18.37
C GLU D 158 16.20 39.68 18.50
N LEU D 159 16.89 38.64 18.07
CA LEU D 159 18.37 38.62 18.10
C LEU D 159 18.99 39.00 16.75
N LEU D 160 18.16 39.13 15.70
CA LEU D 160 18.64 39.53 14.38
C LEU D 160 18.89 41.01 14.36
N GLU D 161 20.03 41.42 13.81
CA GLU D 161 20.26 42.80 13.47
C GLU D 161 19.30 43.21 12.35
N PRO D 162 19.32 44.51 11.97
CA PRO D 162 18.51 45.05 10.89
C PRO D 162 18.39 44.15 9.66
N GLY D 163 19.51 43.85 8.98
CA GLY D 163 19.44 42.99 7.78
C GLY D 163 19.01 41.54 7.99
N GLY D 164 19.14 41.06 9.22
CA GLY D 164 19.21 39.63 9.52
C GLY D 164 18.11 38.72 9.00
N THR D 165 18.43 37.42 8.98
CA THR D 165 17.53 36.38 8.55
C THR D 165 17.65 35.18 9.49
N PHE D 166 16.61 34.36 9.50
CA PHE D 166 16.52 33.18 10.34
C PHE D 166 16.28 32.05 9.36
N VAL D 167 17.16 31.04 9.44
CA VAL D 167 17.21 29.93 8.47
C VAL D 167 16.92 28.62 9.19
N VAL D 168 15.99 27.82 8.67
CA VAL D 168 15.79 26.51 9.26
C VAL D 168 15.80 25.43 8.20
N GLN D 169 16.32 24.26 8.57
CA GLN D 169 16.23 23.08 7.73
C GLN D 169 15.35 22.06 8.45
N CYS D 170 14.36 21.54 7.75
CA CYS D 170 13.29 20.83 8.39
C CYS D 170 12.78 19.72 7.51
N LEU D 171 12.41 18.60 8.10
CA LEU D 171 11.79 17.53 7.34
C LEU D 171 10.49 18.06 6.77
N ASN D 172 10.19 17.64 5.57
CA ASN D 172 8.96 18.01 4.98
C ASN D 172 7.99 16.83 5.03
N PRO D 173 6.98 16.90 5.94
CA PRO D 173 6.13 15.72 6.15
C PRO D 173 5.52 15.13 4.82
N ALA D 174 4.94 15.96 3.96
CA ALA D 174 4.44 15.46 2.69
C ALA D 174 5.48 14.60 2.00
N GLY D 175 6.69 15.12 1.83
CA GLY D 175 7.72 14.42 1.05
C GLY D 175 8.29 13.26 1.81
N GLN D 176 7.95 13.20 3.08
CA GLN D 176 8.56 12.26 3.99
C GLN D 176 7.70 11.01 4.15
N ARG D 177 6.46 11.08 3.63
CA ARG D 177 5.57 9.89 3.53
C ARG D 177 5.62 9.01 4.79
N LEU D 178 5.22 9.63 5.90
CA LEU D 178 5.25 9.03 7.22
C LEU D 178 4.03 8.18 7.43
N ALA D 179 4.26 6.91 7.70
CA ALA D 179 3.19 6.04 8.13
C ALA D 179 2.58 6.58 9.42
N THR D 180 1.28 6.43 9.54
CA THR D 180 0.58 6.73 10.76
C THR D 180 0.75 5.59 11.74
N GLY D 181 0.91 5.85 13.01
CA GLY D 181 1.16 4.74 13.95
C GLY D 181 2.61 4.29 14.06
N ASN D 182 2.85 3.01 14.37
CA ASN D 182 4.23 2.52 14.59
C ASN D 182 4.84 1.98 13.32
N THR D 183 6.15 2.06 13.17
CA THR D 183 6.83 1.41 12.07
C THR D 183 8.14 0.89 12.60
N PHE D 184 8.76 0.03 11.81
CA PHE D 184 10.13 -0.42 12.08
C PHE D 184 10.89 -0.48 10.75
N GLY D 185 12.10 0.06 10.70
CA GLY D 185 12.78 0.16 9.41
C GLY D 185 14.28 -0.02 9.47
N THR D 186 14.87 -0.43 8.35
CA THR D 186 16.32 -0.48 8.19
C THR D 186 16.89 0.93 7.92
N VAL D 187 17.89 1.37 8.67
CA VAL D 187 18.46 2.67 8.39
C VAL D 187 19.73 2.51 7.58
N GLU D 188 20.64 1.65 8.02
CA GLU D 188 21.87 1.48 7.28
C GLU D 188 22.53 0.17 7.62
N LEU D 189 23.39 -0.31 6.72
CA LEU D 189 24.14 -1.56 6.92
C LEU D 189 25.66 -1.34 6.97
N GLU D 190 26.31 -1.99 7.95
CA GLU D 190 27.75 -2.02 8.03
C GLU D 190 28.19 -3.50 7.89
N ASP D 191 29.49 -3.75 7.84
CA ASP D 191 29.97 -5.14 7.75
C ASP D 191 29.55 -5.97 8.94
N THR D 192 29.51 -5.35 10.11
CA THR D 192 29.29 -6.10 11.33
C THR D 192 28.33 -5.38 12.24
N ALA D 193 27.46 -4.56 11.66
CA ALA D 193 26.32 -4.02 12.41
C ALA D 193 25.17 -3.63 11.48
N VAL D 194 23.97 -3.56 12.06
CA VAL D 194 22.90 -2.98 11.34
C VAL D 194 22.36 -1.82 12.14
N HIS D 195 21.88 -0.79 11.43
CA HIS D 195 21.23 0.36 12.05
C HIS D 195 19.74 0.27 11.74
N LEU D 196 18.94 -0.01 12.76
CA LEU D 196 17.52 -0.05 12.58
C LEU D 196 16.87 1.09 13.36
N GLU D 197 15.56 1.27 13.13
CA GLU D 197 14.84 2.34 13.78
C GLU D 197 13.45 1.91 14.12
N ALA D 198 13.11 2.04 15.39
CA ALA D 198 11.77 1.69 15.87
C ALA D 198 11.11 3.02 16.22
N SER D 199 9.93 3.28 15.67
CA SER D 199 9.32 4.57 15.93
C SER D 199 7.79 4.58 16.06
N LYS D 200 7.30 5.68 16.65
CA LYS D 200 5.87 5.90 16.84
C LYS D 200 5.55 7.27 16.35
N HIS D 201 4.59 7.34 15.44
CA HIS D 201 4.13 8.59 14.90
C HIS D 201 2.74 8.93 15.44
N ASP D 202 2.62 10.10 16.06
CA ASP D 202 1.33 10.62 16.47
C ASP D 202 0.96 11.71 15.48
N PRO D 203 0.05 11.41 14.54
CA PRO D 203 -0.19 12.41 13.51
C PRO D 203 -1.00 13.59 14.05
N LEU D 204 -1.58 13.45 15.25
CA LEU D 204 -2.30 14.56 15.85
C LEU D 204 -1.37 15.55 16.54
N ALA D 205 -0.59 15.04 17.48
CA ALA D 205 0.38 15.88 18.16
C ALA D 205 1.49 16.23 17.19
N GLN D 206 1.44 15.63 16.01
CA GLN D 206 2.55 15.74 15.06
C GLN D 206 3.93 15.50 15.71
N THR D 207 4.05 14.39 16.46
CA THR D 207 5.31 14.03 17.08
C THR D 207 5.84 12.70 16.53
N LEU D 208 7.16 12.62 16.31
CA LEU D 208 7.83 11.35 16.01
C LEU D 208 8.70 11.00 17.18
N SER D 209 8.51 9.80 17.69
CA SER D 209 9.22 9.37 18.87
C SER D 209 9.88 8.02 18.54
N ALA D 210 11.19 7.90 18.71
CA ALA D 210 11.87 6.72 18.13
C ALA D 210 13.04 6.25 18.90
N HIS D 211 13.51 5.05 18.58
CA HIS D 211 14.83 4.54 19.03
C HIS D 211 15.70 4.17 17.82
N HIS D 212 16.88 4.75 17.72
CA HIS D 212 17.76 4.30 16.69
C HIS D 212 18.50 3.15 17.36
N ILE D 213 18.54 1.99 16.71
CA ILE D 213 19.03 0.75 17.32
C ILE D 213 20.22 0.23 16.57
N VAL D 214 21.33 -0.05 17.24
CA VAL D 214 22.47 -0.65 16.52
C VAL D 214 22.67 -2.06 17.02
N LEU D 215 22.51 -3.07 16.17
CA LEU D 215 22.80 -4.45 16.58
C LEU D 215 24.16 -4.83 16.02
N SER D 216 25.06 -5.32 16.86
CA SER D 216 26.39 -5.65 16.32
C SER D 216 26.66 -7.14 16.39
N GLU D 217 27.60 -7.60 15.59
CA GLU D 217 27.91 -9.03 15.56
C GLU D 217 28.30 -9.59 16.94
N GLY D 218 28.91 -8.80 17.79
CA GLY D 218 29.10 -9.34 19.13
C GLY D 218 27.88 -10.00 19.82
N GLY D 219 26.70 -9.43 19.59
CA GLY D 219 25.55 -9.62 20.48
C GLY D 219 25.25 -8.35 21.31
N GLY D 220 25.95 -7.26 21.01
CA GLY D 220 25.71 -5.98 21.66
C GLY D 220 24.52 -5.24 21.08
N ILE D 221 23.81 -4.49 21.91
CA ILE D 221 22.65 -3.71 21.46
C ILE D 221 22.81 -2.34 22.05
N ARG D 222 22.76 -1.29 21.23
CA ARG D 222 22.72 0.07 21.76
C ARG D 222 21.46 0.72 21.24
N LEU D 223 20.83 1.54 22.06
CA LEU D 223 19.63 2.25 21.71
C LEU D 223 19.90 3.71 21.86
N PHE D 224 19.44 4.50 20.90
CA PHE D 224 19.60 5.94 20.97
C PHE D 224 18.26 6.59 20.65
N PRO D 225 17.54 7.04 21.66
CA PRO D 225 16.17 7.52 21.42
C PRO D 225 16.09 8.99 21.01
N TYR D 226 15.09 9.39 20.23
CA TYR D 226 14.93 10.81 19.97
C TYR D 226 13.45 11.15 19.88
N ARG D 227 13.12 12.43 20.06
CA ARG D 227 11.76 12.94 19.80
C ARG D 227 11.71 14.21 18.94
N LEU D 228 10.77 14.27 17.99
CA LEU D 228 10.53 15.50 17.22
C LEU D 228 9.07 15.94 17.31
N ARG D 229 8.81 17.23 17.22
CA ARG D 229 7.50 17.70 16.76
C ARG D 229 7.70 18.44 15.47
N TYR D 230 7.10 17.93 14.40
CA TYR D 230 7.23 18.55 13.10
C TYR D 230 6.10 19.56 12.84
N ALA D 231 6.32 20.48 11.91
CA ALA D 231 5.20 21.30 11.45
C ALA D 231 5.15 21.22 9.95
N TYR D 232 3.94 21.38 9.41
CA TYR D 232 3.79 21.45 7.98
C TYR D 232 4.15 22.85 7.55
N PRO D 233 4.71 22.99 6.33
CA PRO D 233 5.09 24.31 5.84
C PRO D 233 4.04 25.40 6.04
N ALA D 234 2.79 25.18 5.66
CA ALA D 234 1.80 26.26 5.80
C ALA D 234 1.62 26.62 7.27
N GLU D 235 1.85 25.65 8.14
CA GLU D 235 1.71 25.87 9.55
C GLU D 235 2.96 26.59 10.04
N LEU D 236 4.12 26.12 9.57
CA LEU D 236 5.39 26.72 9.95
C LEU D 236 5.37 28.20 9.60
N ASP D 237 4.96 28.52 8.37
CA ASP D 237 4.88 29.89 7.93
C ASP D 237 4.01 30.75 8.83
N LEU D 238 2.84 30.23 9.20
CA LEU D 238 1.96 30.96 10.11
C LEU D 238 2.62 31.13 11.47
N MET D 239 3.34 30.11 11.93
CA MET D 239 4.07 30.27 13.18
C MET D 239 5.05 31.44 13.03
N ALA D 240 5.87 31.38 11.99
CA ALA D 240 6.78 32.48 11.73
C ALA D 240 6.06 33.86 11.78
N ASN D 241 4.87 33.94 11.21
CA ASN D 241 4.13 35.19 11.20
C ASN D 241 3.82 35.62 12.59
N VAL D 242 3.41 34.68 13.42
CA VAL D 242 3.07 35.02 14.79
C VAL D 242 4.32 35.47 15.55
N ALA D 243 5.46 34.90 15.18
CA ALA D 243 6.75 35.29 15.74
C ALA D 243 7.26 36.65 15.22
N GLY D 244 6.61 37.23 14.21
CA GLY D 244 7.11 38.48 13.63
C GLY D 244 8.08 38.28 12.47
N LEU D 245 8.14 37.05 11.95
CA LEU D 245 8.93 36.73 10.78
C LEU D 245 8.07 36.56 9.53
N GLU D 246 8.67 36.83 8.37
CA GLU D 246 8.03 36.56 7.08
C GLU D 246 8.96 35.70 6.18
N LEU D 247 8.36 34.76 5.45
CA LEU D 247 9.15 33.85 4.63
C LEU D 247 9.70 34.58 3.42
N VAL D 248 11.00 34.49 3.22
CA VAL D 248 11.58 35.13 2.05
C VAL D 248 11.97 34.16 0.91
N GLU D 249 12.39 32.94 1.25
CA GLU D 249 12.64 31.89 0.25
C GLU D 249 12.55 30.48 0.83
N ARG D 250 12.29 29.50 -0.05
CA ARG D 250 12.21 28.07 0.34
C ARG D 250 12.85 27.14 -0.69
N HIS D 251 13.78 26.30 -0.25
CA HIS D 251 14.40 25.36 -1.16
C HIS D 251 14.27 23.98 -0.63
N ALA D 252 14.62 22.99 -1.44
CA ALA D 252 14.67 21.63 -0.99
C ALA D 252 15.92 21.37 -0.13
N ASP D 253 17.01 22.08 -0.42
CA ASP D 253 18.28 21.88 0.32
C ASP D 253 19.21 23.11 0.25
N PHE D 254 20.36 23.04 0.90
CA PHE D 254 21.23 24.22 0.95
C PHE D 254 21.88 24.53 -0.37
N GLU D 255 21.68 23.70 -1.38
CA GLU D 255 22.21 23.99 -2.71
C GLU D 255 21.13 24.62 -3.57
N ARG D 256 20.04 25.04 -2.93
CA ARG D 256 18.96 25.77 -3.58
C ARG D 256 18.21 25.03 -4.70
N ARG D 257 18.07 23.71 -4.58
CA ARG D 257 17.21 22.93 -5.46
C ARG D 257 15.78 23.24 -5.17
N ARG D 258 14.92 23.05 -6.16
CA ARG D 258 13.53 23.48 -6.04
C ARG D 258 12.80 22.60 -5.04
N PHE D 259 11.93 23.23 -4.28
CA PHE D 259 11.16 22.54 -3.26
C PHE D 259 9.82 22.16 -3.87
N ASP D 260 9.50 20.87 -3.82
CA ASP D 260 8.14 20.45 -4.14
C ASP D 260 7.57 19.43 -3.14
N ALA D 261 6.36 18.96 -3.44
CA ALA D 261 5.64 18.05 -2.56
C ALA D 261 6.51 16.86 -2.17
N SER D 262 7.30 16.35 -3.09
CA SER D 262 8.05 15.15 -2.77
C SER D 262 9.44 15.42 -2.20
N SER D 263 9.73 16.68 -1.87
CA SER D 263 10.97 17.00 -1.18
C SER D 263 10.99 16.46 0.25
N ARG D 264 12.01 15.67 0.58
CA ARG D 264 12.09 15.12 1.90
C ARG D 264 12.31 16.23 2.92
N TYR D 265 13.15 17.20 2.59
CA TYR D 265 13.35 18.30 3.51
C TYR D 265 12.98 19.63 2.91
N HIS D 266 12.91 20.68 3.73
CA HIS D 266 13.01 22.03 3.19
C HIS D 266 14.02 22.94 3.95
N VAL D 267 14.49 23.95 3.25
CA VAL D 267 15.30 24.97 3.85
C VAL D 267 14.55 26.27 3.64
N SER D 268 14.24 26.96 4.73
CA SER D 268 13.39 28.16 4.68
C SER D 268 14.12 29.34 5.30
N VAL D 269 14.01 30.48 4.62
CA VAL D 269 14.69 31.68 5.07
C VAL D 269 13.65 32.71 5.42
N TYR D 270 13.69 33.20 6.65
CA TYR D 270 12.72 34.17 7.12
C TYR D 270 13.44 35.44 7.56
N ARG D 271 12.77 36.58 7.45
CA ARG D 271 13.34 37.83 7.91
C ARG D 271 12.32 38.58 8.73
N ALA D 272 12.77 39.60 9.45
CA ALA D 272 11.87 40.40 10.27
C ALA D 272 10.71 40.90 9.42
N ALA D 273 9.53 41.03 10.02
CA ALA D 273 8.35 41.43 9.24
C ALA D 273 8.21 42.94 9.21
N ALA D 274 7.43 43.40 8.23
CA ALA D 274 7.12 44.80 8.02
C ALA D 274 6.34 45.40 9.20
N SER E 19 27.11 1.02 -1.35
CA SER E 19 26.94 1.41 0.10
C SER E 19 28.12 0.90 1.01
N HIS E 20 27.86 0.69 2.31
CA HIS E 20 28.91 0.66 3.39
C HIS E 20 29.39 -0.73 3.96
N MET E 21 28.92 -1.82 3.36
CA MET E 21 29.54 -3.11 3.60
C MET E 21 30.77 -3.18 2.71
N ARG E 22 31.79 -2.42 3.09
CA ARG E 22 32.96 -2.16 2.23
C ARG E 22 33.97 -3.31 2.13
N ASN E 23 33.74 -4.37 2.91
CA ASN E 23 34.55 -5.58 2.89
C ASN E 23 33.79 -6.75 2.27
N TYR E 24 33.03 -6.50 1.21
CA TYR E 24 32.29 -7.56 0.54
C TYR E 24 33.03 -8.18 -0.68
N ASP E 25 33.44 -9.45 -0.56
CA ASP E 25 34.14 -10.20 -1.62
C ASP E 25 33.16 -11.02 -2.42
N GLU E 26 33.69 -11.80 -3.37
CA GLU E 26 32.95 -12.95 -3.93
C GLU E 26 32.82 -14.01 -2.84
N THR E 27 33.47 -13.76 -1.70
CA THR E 27 33.77 -14.82 -0.77
C THR E 27 33.04 -14.71 0.55
N THR E 28 32.68 -13.48 0.93
CA THR E 28 32.15 -13.27 2.26
C THR E 28 30.74 -13.81 2.46
N TYR E 29 29.98 -14.01 1.39
CA TYR E 29 28.72 -14.75 1.56
C TYR E 29 28.99 -16.16 2.13
N GLY E 30 29.65 -16.99 1.32
CA GLY E 30 30.06 -18.31 1.73
C GLY E 30 30.71 -18.34 3.11
N ASP E 31 31.81 -17.62 3.28
CA ASP E 31 32.60 -17.73 4.50
C ASP E 31 31.74 -17.76 5.77
N GLN E 32 30.75 -16.89 5.79
CA GLN E 32 29.97 -16.58 6.97
C GLN E 32 28.90 -17.66 7.22
N ILE E 33 28.24 -18.08 6.14
CA ILE E 33 27.03 -18.92 6.21
C ILE E 33 27.27 -20.45 6.21
N ALA E 34 28.46 -20.88 5.78
CA ALA E 34 28.79 -22.30 5.59
C ALA E 34 28.28 -23.23 6.68
N ASP E 35 28.62 -22.93 7.93
CA ASP E 35 28.32 -23.85 9.01
C ASP E 35 26.87 -23.85 9.51
N VAL E 36 26.01 -23.03 8.90
CA VAL E 36 24.57 -23.07 9.21
C VAL E 36 23.70 -23.18 7.96
N TYR E 37 24.30 -22.98 6.80
CA TYR E 37 23.56 -23.04 5.55
C TYR E 37 22.60 -24.25 5.49
N ASP E 38 23.09 -25.42 5.87
CA ASP E 38 22.27 -26.64 5.81
C ASP E 38 21.33 -26.82 7.02
N GLU E 39 21.58 -26.10 8.11
CA GLU E 39 20.81 -26.31 9.34
C GLU E 39 19.55 -25.43 9.44
N TRP E 40 19.49 -24.36 8.67
CA TRP E 40 18.42 -23.40 8.83
C TRP E 40 17.08 -23.93 8.36
N PRO E 41 16.05 -23.74 9.17
CA PRO E 41 14.72 -24.26 8.93
C PRO E 41 13.88 -23.48 7.92
N GLY E 42 12.88 -24.16 7.37
CA GLY E 42 11.87 -23.52 6.56
C GLY E 42 12.40 -22.48 5.61
N ASP E 43 11.81 -21.29 5.69
CA ASP E 43 12.04 -20.22 4.71
C ASP E 43 13.41 -19.57 4.86
N ALA E 44 14.09 -19.88 5.97
CA ALA E 44 15.39 -19.28 6.24
C ALA E 44 16.48 -20.02 5.47
N GLY E 45 16.28 -21.32 5.27
CA GLY E 45 17.24 -22.13 4.55
C GLY E 45 17.18 -21.88 3.07
N PRO E 46 17.88 -22.71 2.27
CA PRO E 46 17.73 -22.58 0.82
C PRO E 46 16.47 -23.31 0.44
N PRO E 47 15.99 -23.12 -0.80
CA PRO E 47 14.74 -23.78 -1.13
C PRO E 47 14.92 -25.31 -1.07
N PRO E 48 13.86 -26.03 -0.71
CA PRO E 48 13.94 -27.49 -0.63
C PRO E 48 13.76 -28.20 -2.00
N ASP E 49 14.35 -27.67 -3.07
CA ASP E 49 14.11 -28.23 -4.39
C ASP E 49 15.38 -28.85 -4.98
N GLY E 50 16.28 -29.29 -4.11
CA GLY E 50 17.52 -29.97 -4.56
C GLY E 50 17.27 -31.19 -5.42
N ARG E 51 16.43 -32.11 -4.94
CA ARG E 51 16.09 -33.31 -5.70
C ARG E 51 15.61 -32.93 -7.11
N GLU E 52 14.71 -31.96 -7.19
CA GLU E 52 13.99 -31.65 -8.41
C GLU E 52 14.95 -31.00 -9.40
N ALA E 53 15.85 -30.19 -8.87
CA ALA E 53 16.85 -29.55 -9.69
C ALA E 53 17.71 -30.65 -10.28
N ALA E 54 18.01 -31.66 -9.48
CA ALA E 54 18.94 -32.66 -9.95
C ALA E 54 18.33 -33.41 -11.12
N LEU E 55 17.06 -33.78 -10.97
CA LEU E 55 16.29 -34.44 -12.04
C LEU E 55 16.21 -33.59 -13.29
N PHE E 56 15.98 -32.29 -13.12
CA PHE E 56 15.90 -31.40 -14.27
C PHE E 56 17.22 -31.31 -15.00
N VAL E 57 18.32 -31.16 -14.27
CA VAL E 57 19.63 -31.02 -14.86
C VAL E 57 20.07 -32.33 -15.53
N ALA E 58 19.89 -33.46 -14.83
CA ALA E 58 20.28 -34.79 -15.36
C ALA E 58 19.61 -35.10 -16.71
N ALA E 59 18.36 -34.66 -16.86
CA ALA E 59 17.63 -34.78 -18.13
C ALA E 59 18.30 -34.05 -19.28
N LEU E 60 19.02 -32.97 -19.00
CA LEU E 60 19.74 -32.25 -20.03
C LEU E 60 21.16 -32.71 -20.19
N ALA E 61 21.61 -33.58 -19.28
CA ALA E 61 23.03 -33.84 -19.06
C ALA E 61 23.73 -34.72 -20.07
N ALA E 62 23.06 -35.64 -20.74
CA ALA E 62 23.81 -36.54 -21.64
C ALA E 62 24.96 -37.23 -20.93
N ALA E 63 25.92 -37.70 -21.72
CA ALA E 63 26.95 -38.58 -21.17
C ALA E 63 28.22 -37.82 -20.78
N ARG E 64 28.14 -36.51 -20.76
CA ARG E 64 29.24 -35.69 -20.24
C ARG E 64 29.00 -34.98 -18.92
N PRO E 65 30.10 -34.54 -18.30
CA PRO E 65 30.05 -33.99 -16.96
C PRO E 65 29.27 -32.70 -16.96
N VAL E 66 28.62 -32.38 -15.84
CA VAL E 66 28.01 -31.09 -15.74
C VAL E 66 28.82 -30.23 -14.77
N LEU E 67 28.74 -28.91 -14.97
CA LEU E 67 29.44 -27.94 -14.13
C LEU E 67 28.45 -27.11 -13.27
N GLU E 68 28.54 -27.20 -11.95
CA GLU E 68 27.73 -26.32 -11.12
C GLU E 68 28.54 -25.09 -10.76
N LEU E 69 27.93 -23.92 -10.94
CA LEU E 69 28.58 -22.66 -10.59
C LEU E 69 28.17 -22.35 -9.18
N GLY E 70 29.14 -22.14 -8.30
CA GLY E 70 28.83 -21.91 -6.89
C GLY E 70 28.19 -23.11 -6.22
N VAL E 71 28.86 -24.25 -6.27
CA VAL E 71 28.32 -25.53 -5.79
C VAL E 71 27.95 -25.48 -4.32
N GLY E 72 28.65 -24.67 -3.55
CA GLY E 72 28.27 -24.48 -2.16
C GLY E 72 28.46 -25.72 -1.34
N THR E 73 27.45 -26.15 -0.59
CA THR E 73 27.60 -27.40 0.20
C THR E 73 27.11 -28.59 -0.57
N GLY E 74 26.83 -28.42 -1.86
CA GLY E 74 26.41 -29.53 -2.71
C GLY E 74 24.95 -29.93 -2.53
N ARG E 75 24.10 -28.96 -2.18
CA ARG E 75 22.66 -29.20 -2.08
C ARG E 75 22.07 -29.75 -3.39
N VAL E 76 22.65 -29.38 -4.52
CA VAL E 76 22.24 -29.96 -5.78
C VAL E 76 23.21 -31.02 -6.28
N ALA E 77 24.49 -30.84 -5.98
CA ALA E 77 25.49 -31.76 -6.52
C ALA E 77 25.26 -33.19 -6.07
N PHE E 78 24.90 -33.39 -4.81
CA PHE E 78 24.78 -34.73 -4.28
C PHE E 78 23.54 -35.45 -4.80
N PRO E 79 22.39 -34.77 -4.86
CA PRO E 79 21.27 -35.42 -5.58
C PRO E 79 21.64 -35.84 -7.02
N LEU E 80 22.44 -35.02 -7.71
CA LEU E 80 22.96 -35.40 -9.03
C LEU E 80 23.85 -36.62 -8.96
N ALA E 81 24.68 -36.72 -7.95
CA ALA E 81 25.59 -37.84 -7.91
C ALA E 81 24.77 -39.09 -7.62
N ASP E 82 23.65 -38.92 -6.92
CA ASP E 82 22.74 -40.03 -6.64
C ASP E 82 22.14 -40.53 -7.95
N LEU E 83 22.09 -39.67 -8.97
CA LEU E 83 21.53 -40.07 -10.24
C LEU E 83 22.61 -40.60 -11.16
N GLY E 84 23.80 -40.80 -10.61
CA GLY E 84 24.96 -41.24 -11.40
C GLY E 84 25.56 -40.23 -12.37
N VAL E 85 25.33 -38.93 -12.12
CA VAL E 85 25.86 -37.84 -12.96
C VAL E 85 27.13 -37.22 -12.36
N GLU E 86 28.19 -37.10 -13.16
CA GLU E 86 29.45 -36.51 -12.68
C GLU E 86 29.33 -34.98 -12.61
N VAL E 87 29.65 -34.39 -11.46
CA VAL E 87 29.51 -32.94 -11.28
C VAL E 87 30.80 -32.23 -10.84
N HIS E 88 31.16 -31.21 -11.60
CA HIS E 88 32.26 -30.31 -11.22
C HIS E 88 31.67 -29.04 -10.60
N GLY E 89 32.11 -28.72 -9.39
CA GLY E 89 31.50 -27.66 -8.62
C GLY E 89 32.51 -26.56 -8.37
N VAL E 90 32.26 -25.39 -8.95
CA VAL E 90 33.17 -24.29 -8.71
C VAL E 90 32.63 -23.55 -7.51
N GLU E 91 33.56 -23.07 -6.69
CA GLU E 91 33.21 -22.42 -5.46
C GLU E 91 34.39 -21.51 -5.05
N SER E 92 34.08 -20.36 -4.48
CA SER E 92 35.11 -19.39 -4.18
C SER E 92 35.42 -19.46 -2.68
N SER E 93 34.45 -19.99 -1.95
CA SER E 93 34.51 -20.02 -0.49
C SER E 93 35.20 -21.26 0.09
N GLU E 94 36.40 -21.05 0.63
CA GLU E 94 37.14 -22.05 1.36
C GLU E 94 36.18 -22.82 2.31
N PRO E 95 35.51 -22.11 3.25
CA PRO E 95 34.64 -22.77 4.22
C PRO E 95 33.48 -23.58 3.62
N MET E 96 32.82 -23.05 2.59
CA MET E 96 31.74 -23.79 1.93
C MET E 96 32.28 -25.10 1.34
N LEU E 97 33.42 -24.99 0.66
CA LEU E 97 34.06 -26.11 0.00
C LEU E 97 34.44 -27.15 1.05
N ASP E 98 34.89 -26.69 2.21
CA ASP E 98 35.21 -27.60 3.30
C ASP E 98 33.98 -28.42 3.69
N LYS E 99 32.85 -27.74 3.85
CA LYS E 99 31.59 -28.43 4.11
C LYS E 99 31.32 -29.45 3.04
N LEU E 100 31.54 -29.06 1.79
CA LEU E 100 31.24 -29.93 0.66
C LEU E 100 32.08 -31.17 0.69
N ARG E 101 33.39 -31.01 0.92
CA ARG E 101 34.29 -32.14 0.95
C ARG E 101 33.97 -33.11 2.09
N GLU E 102 33.52 -32.54 3.20
CA GLU E 102 33.19 -33.31 4.41
C GLU E 102 32.00 -34.18 4.09
N LYS E 103 30.96 -33.58 3.55
CA LYS E 103 29.79 -34.34 3.10
C LYS E 103 30.11 -35.42 2.05
N ALA E 104 30.99 -35.12 1.09
CA ALA E 104 31.31 -36.09 0.04
C ALA E 104 31.98 -37.34 0.58
N ALA E 105 32.95 -37.14 1.47
CA ALA E 105 33.64 -38.27 2.09
C ALA E 105 32.66 -39.25 2.75
N ALA E 106 31.57 -38.72 3.28
CA ALA E 106 30.55 -39.51 4.01
C ALA E 106 29.46 -40.03 3.06
N HIS E 107 29.32 -39.37 1.93
CA HIS E 107 28.31 -39.73 0.93
C HIS E 107 28.76 -40.93 0.10
N PRO E 108 27.85 -41.90 -0.09
CA PRO E 108 28.15 -43.13 -0.86
C PRO E 108 28.55 -42.82 -2.29
N ASN E 109 28.19 -41.65 -2.79
CA ASN E 109 28.49 -41.33 -4.18
C ASN E 109 29.36 -40.09 -4.36
N GLY E 110 30.02 -39.67 -3.28
CA GLY E 110 30.79 -38.43 -3.30
C GLY E 110 31.89 -38.36 -4.36
N ASN E 111 32.38 -39.51 -4.78
CA ASN E 111 33.46 -39.57 -5.76
C ASN E 111 33.05 -38.98 -7.11
N LEU E 112 31.75 -38.82 -7.31
CA LEU E 112 31.23 -38.25 -8.55
C LEU E 112 31.16 -36.74 -8.49
N VAL E 113 31.30 -36.17 -7.29
CA VAL E 113 31.29 -34.72 -7.10
C VAL E 113 32.73 -34.23 -7.09
N VAL E 114 33.09 -33.36 -8.02
CA VAL E 114 34.48 -32.88 -8.14
C VAL E 114 34.54 -31.42 -7.75
N PRO E 115 35.12 -31.11 -6.57
CA PRO E 115 35.16 -29.73 -6.13
C PRO E 115 36.32 -28.98 -6.77
N VAL E 116 36.07 -27.74 -7.15
CA VAL E 116 37.08 -26.87 -7.74
C VAL E 116 37.07 -25.53 -6.99
N LEU E 117 38.19 -25.20 -6.35
CA LEU E 117 38.36 -23.84 -5.85
C LEU E 117 38.56 -22.86 -7.02
N GLY E 118 37.77 -21.79 -7.02
CA GLY E 118 37.79 -20.85 -8.13
C GLY E 118 36.67 -19.84 -8.07
N ASN E 119 36.81 -18.83 -8.92
CA ASN E 119 35.87 -17.72 -9.01
C ASN E 119 35.22 -17.87 -10.37
N PHE E 120 33.91 -18.08 -10.38
CA PHE E 120 33.29 -18.39 -11.64
C PHE E 120 33.07 -17.18 -12.54
N ALA E 121 33.42 -16.01 -12.04
CA ALA E 121 33.47 -14.85 -12.93
C ALA E 121 34.63 -15.05 -13.89
N LYS E 122 35.64 -15.81 -13.43
CA LYS E 122 36.90 -16.04 -14.16
C LYS E 122 37.24 -17.53 -14.17
N LEU E 123 36.34 -18.34 -14.72
CA LEU E 123 36.54 -19.79 -14.87
C LEU E 123 37.83 -20.10 -15.60
N ASP E 124 38.48 -21.17 -15.17
CA ASP E 124 39.70 -21.59 -15.83
C ASP E 124 39.75 -23.12 -15.90
N LEU E 125 39.01 -23.70 -16.84
CA LEU E 125 38.89 -25.16 -16.84
C LEU E 125 39.52 -25.86 -18.04
N GLY E 126 40.30 -25.11 -18.81
CA GLY E 126 41.04 -25.65 -19.95
C GLY E 126 40.24 -26.35 -21.03
N GLU E 127 40.60 -27.61 -21.30
CA GLU E 127 40.03 -28.42 -22.38
C GLU E 127 38.66 -29.05 -22.08
N GLN E 128 38.36 -29.23 -20.79
CA GLN E 128 37.16 -29.91 -20.35
C GLN E 128 35.90 -29.22 -20.89
N ARG E 129 34.90 -30.00 -21.32
CA ARG E 129 33.64 -29.42 -21.81
C ARG E 129 32.51 -30.08 -21.07
N TYR E 130 31.33 -29.45 -21.06
CA TYR E 130 30.25 -29.92 -20.19
C TYR E 130 28.96 -30.04 -20.95
N SER E 131 28.12 -31.00 -20.58
CA SER E 131 26.83 -31.18 -21.25
C SER E 131 25.81 -30.21 -20.70
N VAL E 132 26.03 -29.78 -19.46
CA VAL E 132 25.24 -28.73 -18.87
C VAL E 132 26.14 -27.87 -17.97
N VAL E 133 25.89 -26.56 -17.94
CA VAL E 133 26.47 -25.65 -16.94
C VAL E 133 25.32 -24.94 -16.26
N PHE E 134 25.15 -25.11 -14.97
CA PHE E 134 24.01 -24.47 -14.33
C PHE E 134 24.40 -23.63 -13.11
N ALA E 135 23.55 -22.65 -12.81
CA ALA E 135 23.71 -21.83 -11.62
C ALA E 135 22.35 -21.78 -10.94
N ALA E 136 22.22 -22.43 -9.79
CA ALA E 136 20.94 -22.53 -9.07
C ALA E 136 20.79 -21.44 -8.06
N PHE E 137 19.55 -21.15 -7.68
CA PHE E 137 19.27 -20.23 -6.57
C PHE E 137 20.08 -18.92 -6.61
N ASN E 138 19.90 -18.12 -7.67
CA ASN E 138 20.47 -16.77 -7.79
C ASN E 138 21.96 -16.73 -7.83
N THR E 139 22.60 -17.85 -8.08
CA THR E 139 24.05 -17.83 -8.07
C THR E 139 24.62 -16.83 -9.10
N LEU E 140 24.02 -16.74 -10.27
CA LEU E 140 24.53 -15.85 -11.29
C LEU E 140 24.39 -14.43 -10.82
N PHE E 141 23.44 -14.18 -9.93
CA PHE E 141 23.16 -12.84 -9.50
C PHE E 141 24.10 -12.42 -8.39
N CYS E 142 25.00 -13.34 -8.04
CA CYS E 142 26.05 -13.05 -7.05
C CYS E 142 27.17 -12.20 -7.61
N LEU E 143 27.23 -12.14 -8.93
CA LEU E 143 28.18 -11.32 -9.68
C LEU E 143 27.60 -9.91 -9.83
N LEU E 144 28.17 -8.95 -9.14
CA LEU E 144 27.46 -7.72 -8.91
C LEU E 144 27.55 -6.77 -10.07
N GLY E 145 27.17 -7.19 -11.27
CA GLY E 145 27.15 -6.27 -12.39
C GLY E 145 26.67 -6.95 -13.65
N GLN E 146 26.06 -6.16 -14.53
CA GLN E 146 25.60 -6.70 -15.79
C GLN E 146 26.78 -7.21 -16.63
N ASP E 147 27.84 -6.40 -16.73
CA ASP E 147 29.06 -6.77 -17.44
C ASP E 147 29.63 -8.11 -16.98
N GLU E 148 29.72 -8.33 -15.66
CA GLU E 148 30.33 -9.52 -15.11
C GLU E 148 29.45 -10.69 -15.45
N GLN E 149 28.13 -10.48 -15.41
CA GLN E 149 27.22 -11.59 -15.67
C GLN E 149 27.27 -12.04 -17.13
N ILE E 150 27.44 -11.09 -18.04
CA ILE E 150 27.63 -11.43 -19.43
C ILE E 150 28.90 -12.24 -19.60
N ASP E 151 30.05 -11.71 -19.18
CA ASP E 151 31.29 -12.47 -19.16
C ASP E 151 31.10 -13.87 -18.67
N CYS E 152 30.39 -14.04 -17.57
CA CYS E 152 30.21 -15.38 -17.05
C CYS E 152 29.35 -16.25 -18.01
N MET E 153 28.28 -15.69 -18.54
CA MET E 153 27.47 -16.45 -19.50
C MET E 153 28.32 -16.81 -20.71
N ARG E 154 29.14 -15.88 -21.21
CA ARG E 154 29.92 -16.18 -22.39
C ARG E 154 30.91 -17.30 -22.13
N GLN E 155 31.52 -17.28 -20.95
CA GLN E 155 32.43 -18.34 -20.59
C GLN E 155 31.70 -19.67 -20.47
N ALA E 156 30.49 -19.66 -19.91
CA ALA E 156 29.71 -20.89 -19.77
C ALA E 156 29.45 -21.42 -21.18
N ARG E 157 28.98 -20.53 -22.05
CA ARG E 157 28.78 -20.90 -23.44
C ARG E 157 30.00 -21.61 -24.01
N GLU E 158 31.18 -21.05 -23.77
CA GLU E 158 32.37 -21.61 -24.37
C GLU E 158 32.81 -22.97 -23.80
N LEU E 159 32.19 -23.39 -22.70
CA LEU E 159 32.55 -24.66 -22.07
C LEU E 159 31.57 -25.77 -22.41
N LEU E 160 30.45 -25.39 -23.03
CA LEU E 160 29.43 -26.34 -23.42
C LEU E 160 29.88 -27.13 -24.63
N GLU E 161 29.61 -28.42 -24.63
CA GLU E 161 29.81 -29.22 -25.83
C GLU E 161 28.74 -28.86 -26.85
N PRO E 162 28.80 -29.47 -28.04
CA PRO E 162 27.80 -29.29 -29.08
C PRO E 162 26.35 -29.30 -28.56
N GLY E 163 25.91 -30.41 -27.98
CA GLY E 163 24.52 -30.43 -27.47
C GLY E 163 24.20 -29.38 -26.42
N GLY E 164 25.23 -28.93 -25.71
CA GLY E 164 25.09 -28.40 -24.35
C GLY E 164 24.08 -27.30 -24.08
N THR E 165 23.65 -27.22 -22.82
CA THR E 165 22.75 -26.16 -22.37
C THR E 165 23.29 -25.51 -21.10
N PHE E 166 22.83 -24.28 -20.87
CA PHE E 166 23.19 -23.46 -19.71
C PHE E 166 21.89 -23.11 -19.00
N VAL E 167 21.82 -23.43 -17.71
CA VAL E 167 20.57 -23.39 -16.97
C VAL E 167 20.74 -22.52 -15.75
N VAL E 168 19.82 -21.56 -15.55
CA VAL E 168 19.90 -20.71 -14.36
C VAL E 168 18.57 -20.68 -13.65
N GLN E 169 18.67 -20.55 -12.33
CA GLN E 169 17.51 -20.33 -11.48
C GLN E 169 17.67 -18.95 -10.80
N CYS E 170 16.70 -18.09 -11.04
CA CYS E 170 16.84 -16.69 -10.70
C CYS E 170 15.54 -16.14 -10.19
N LEU E 171 15.64 -15.21 -9.25
CA LEU E 171 14.48 -14.48 -8.79
C LEU E 171 13.87 -13.67 -9.93
N ASN E 172 12.55 -13.74 -9.99
CA ASN E 172 11.83 -12.97 -10.96
C ASN E 172 11.31 -11.69 -10.31
N PRO E 173 11.96 -10.55 -10.60
CA PRO E 173 11.61 -9.31 -9.91
C PRO E 173 10.12 -8.93 -9.99
N ALA E 174 9.44 -9.23 -11.09
CA ALA E 174 8.03 -8.86 -11.18
C ALA E 174 7.22 -9.54 -10.13
N GLY E 175 7.36 -10.84 -9.99
CA GLY E 175 6.56 -11.58 -8.99
C GLY E 175 7.17 -11.53 -7.59
N GLN E 176 8.34 -10.93 -7.50
CA GLN E 176 9.00 -10.84 -6.24
C GLN E 176 8.52 -9.59 -5.52
N ARG E 177 7.93 -8.64 -6.25
CA ARG E 177 7.30 -7.43 -5.66
C ARG E 177 8.21 -6.71 -4.63
N LEU E 178 9.41 -6.34 -5.06
CA LEU E 178 10.42 -5.72 -4.19
C LEU E 178 10.14 -4.26 -3.87
N ALA E 179 10.05 -3.93 -2.60
CA ALA E 179 9.84 -2.54 -2.24
C ALA E 179 11.06 -1.78 -2.72
N THR E 180 10.84 -0.59 -3.21
CA THR E 180 11.93 0.30 -3.53
C THR E 180 12.44 0.96 -2.23
N GLY E 181 13.75 0.90 -2.00
CA GLY E 181 14.38 1.48 -0.81
C GLY E 181 14.70 0.42 0.21
N ASN E 182 14.69 0.80 1.49
CA ASN E 182 15.02 -0.12 2.60
C ASN E 182 13.79 -0.83 3.18
N THR E 183 13.94 -2.05 3.66
CA THR E 183 12.83 -2.79 4.22
C THR E 183 13.37 -3.63 5.36
N PHE E 184 12.48 -4.11 6.23
CA PHE E 184 12.86 -5.00 7.33
C PHE E 184 11.76 -6.05 7.49
N GLY E 185 12.10 -7.33 7.47
CA GLY E 185 11.06 -8.34 7.52
C GLY E 185 11.40 -9.59 8.31
N THR E 186 10.35 -10.31 8.72
CA THR E 186 10.46 -11.60 9.40
C THR E 186 10.66 -12.75 8.39
N VAL E 187 11.78 -13.44 8.43
CA VAL E 187 11.98 -14.51 7.48
C VAL E 187 11.38 -15.84 7.99
N GLU E 188 11.64 -16.18 9.25
CA GLU E 188 11.24 -17.47 9.78
C GLU E 188 11.23 -17.50 11.33
N LEU E 189 10.45 -18.39 11.91
CA LEU E 189 10.39 -18.44 13.34
C LEU E 189 10.79 -19.81 13.80
N GLU E 190 11.61 -19.86 14.84
CA GLU E 190 11.97 -21.10 15.54
C GLU E 190 11.51 -20.95 16.99
N ASP E 191 11.38 -22.06 17.72
CA ASP E 191 11.04 -22.00 19.17
C ASP E 191 11.88 -20.96 19.94
N THR E 192 13.16 -20.83 19.61
CA THR E 192 14.05 -19.98 20.40
C THR E 192 14.93 -19.02 19.60
N ALA E 193 14.54 -18.75 18.36
CA ALA E 193 15.26 -17.79 17.57
C ALA E 193 14.32 -17.22 16.49
N VAL E 194 14.54 -15.97 16.11
CA VAL E 194 13.85 -15.45 14.94
C VAL E 194 14.87 -15.14 13.87
N HIS E 195 14.47 -15.42 12.63
CA HIS E 195 15.21 -14.99 11.46
C HIS E 195 14.54 -13.77 10.86
N LEU E 196 15.23 -12.65 10.92
CA LEU E 196 14.77 -11.42 10.34
C LEU E 196 15.65 -11.07 9.16
N GLU E 197 15.19 -10.18 8.30
CA GLU E 197 16.06 -9.70 7.23
C GLU E 197 15.98 -8.20 7.12
N ALA E 198 17.14 -7.55 7.03
CA ALA E 198 17.21 -6.08 6.85
C ALA E 198 17.93 -5.87 5.53
N SER E 199 17.27 -5.18 4.60
CA SER E 199 17.82 -5.00 3.26
C SER E 199 17.67 -3.59 2.62
N LYS E 200 18.54 -3.33 1.66
CA LYS E 200 18.46 -2.11 0.90
C LYS E 200 18.37 -2.45 -0.56
N HIS E 201 17.41 -1.85 -1.26
CA HIS E 201 17.20 -2.19 -2.66
C HIS E 201 17.44 -0.97 -3.47
N ASP E 202 18.34 -1.05 -4.46
CA ASP E 202 18.58 0.03 -5.39
C ASP E 202 17.95 -0.35 -6.72
N PRO E 203 16.81 0.25 -7.06
CA PRO E 203 16.12 -0.22 -8.26
C PRO E 203 16.78 0.23 -9.57
N LEU E 204 17.75 1.13 -9.51
CA LEU E 204 18.51 1.53 -10.69
C LEU E 204 19.65 0.58 -10.94
N ALA E 205 20.48 0.37 -9.92
CA ALA E 205 21.63 -0.55 -9.98
C ALA E 205 21.11 -1.99 -10.06
N GLN E 206 19.81 -2.14 -9.80
CA GLN E 206 19.15 -3.43 -9.65
C GLN E 206 19.92 -4.28 -8.68
N THR E 207 20.27 -3.70 -7.54
CA THR E 207 20.97 -4.42 -6.49
C THR E 207 20.13 -4.56 -5.23
N LEU E 208 20.24 -5.73 -4.61
CA LEU E 208 19.75 -6.06 -3.28
C LEU E 208 20.96 -6.33 -2.43
N SER E 209 20.96 -5.71 -1.27
CA SER E 209 22.07 -5.79 -0.37
C SER E 209 21.43 -5.91 1.03
N ALA E 210 21.84 -6.91 1.81
CA ALA E 210 21.07 -7.27 3.03
C ALA E 210 21.91 -7.92 4.11
N HIS E 211 21.30 -7.98 5.30
CA HIS E 211 21.78 -8.85 6.37
C HIS E 211 20.66 -9.80 6.75
N HIS E 212 20.95 -11.09 6.78
CA HIS E 212 20.06 -12.02 7.43
C HIS E 212 20.43 -11.97 8.90
N ILE E 213 19.46 -11.70 9.75
CA ILE E 213 19.72 -11.57 11.19
C ILE E 213 19.08 -12.71 11.94
N VAL E 214 19.85 -13.37 12.81
CA VAL E 214 19.31 -14.36 13.72
C VAL E 214 19.42 -13.83 15.13
N LEU E 215 18.27 -13.62 15.80
CA LEU E 215 18.26 -13.27 17.22
C LEU E 215 17.86 -14.49 18.03
N SER E 216 18.61 -14.85 19.06
CA SER E 216 18.22 -16.04 19.83
C SER E 216 17.92 -15.70 21.28
N GLU E 217 17.20 -16.59 21.97
CA GLU E 217 16.84 -16.40 23.37
C GLU E 217 18.05 -16.01 24.24
N GLY E 218 19.23 -16.55 23.95
CA GLY E 218 20.41 -16.11 24.73
C GLY E 218 20.62 -14.60 24.92
N GLY E 219 20.25 -13.81 23.90
CA GLY E 219 20.63 -12.43 23.74
C GLY E 219 21.68 -12.40 22.64
N GLY E 220 21.71 -13.48 21.84
CA GLY E 220 22.72 -13.67 20.79
C GLY E 220 22.29 -13.03 19.48
N ILE E 221 23.24 -12.44 18.76
CA ILE E 221 22.96 -11.83 17.46
C ILE E 221 23.92 -12.34 16.40
N ARG E 222 23.40 -12.94 15.33
CA ARG E 222 24.26 -13.33 14.21
C ARG E 222 23.84 -12.62 12.94
N LEU E 223 24.82 -12.04 12.24
CA LEU E 223 24.56 -11.34 10.97
C LEU E 223 25.24 -12.06 9.81
N PHE E 224 24.47 -12.32 8.76
CA PHE E 224 24.95 -12.99 7.60
C PHE E 224 24.55 -12.11 6.45
N PRO E 225 25.52 -11.36 5.91
CA PRO E 225 25.24 -10.40 4.85
C PRO E 225 25.32 -11.01 3.46
N TYR E 226 24.48 -10.55 2.55
CA TYR E 226 24.65 -10.93 1.15
C TYR E 226 24.41 -9.74 0.21
N ARG E 227 24.84 -9.87 -1.05
CA ARG E 227 24.53 -8.89 -2.08
C ARG E 227 24.14 -9.56 -3.42
N LEU E 228 23.04 -9.12 -4.05
CA LEU E 228 22.70 -9.61 -5.40
C LEU E 228 22.63 -8.47 -6.42
N ARG E 229 22.92 -8.75 -7.70
CA ARG E 229 22.45 -7.86 -8.77
C ARG E 229 21.47 -8.63 -9.58
N TYR E 230 20.22 -8.20 -9.62
CA TYR E 230 19.26 -8.97 -10.37
C TYR E 230 19.12 -8.47 -11.80
N ALA E 231 18.45 -9.26 -12.64
CA ALA E 231 18.20 -8.85 -14.02
C ALA E 231 16.77 -9.23 -14.30
N TYR E 232 16.04 -8.38 -15.02
CA TYR E 232 14.71 -8.73 -15.50
C TYR E 232 14.87 -9.76 -16.63
N PRO E 233 13.88 -10.64 -16.79
CA PRO E 233 13.96 -11.63 -17.87
C PRO E 233 14.27 -11.05 -19.27
N ALA E 234 13.56 -10.00 -19.73
CA ALA E 234 13.86 -9.49 -21.08
C ALA E 234 15.32 -9.08 -21.19
N GLU E 235 15.83 -8.44 -20.13
CA GLU E 235 17.22 -8.01 -20.05
C GLU E 235 18.14 -9.23 -19.98
N LEU E 236 17.75 -10.25 -19.22
CA LEU E 236 18.60 -11.43 -19.07
C LEU E 236 18.74 -12.12 -20.39
N ASP E 237 17.69 -12.05 -21.19
CA ASP E 237 17.71 -12.77 -22.45
C ASP E 237 18.66 -12.04 -23.38
N LEU E 238 18.66 -10.71 -23.30
CA LEU E 238 19.50 -9.91 -24.19
C LEU E 238 20.96 -10.10 -23.78
N MET E 239 21.19 -10.33 -22.49
CA MET E 239 22.52 -10.63 -21.99
C MET E 239 22.97 -11.97 -22.57
N ALA E 240 22.13 -12.98 -22.43
CA ALA E 240 22.38 -14.24 -23.08
C ALA E 240 22.67 -14.09 -24.58
N ASN E 241 21.94 -13.22 -25.27
CA ASN E 241 22.19 -13.05 -26.69
C ASN E 241 23.58 -12.49 -26.91
N VAL E 242 23.98 -11.54 -26.08
CA VAL E 242 25.31 -10.95 -26.22
C VAL E 242 26.38 -11.99 -25.93
N ALA E 243 26.06 -12.92 -25.05
CA ALA E 243 27.00 -13.95 -24.66
C ALA E 243 27.06 -15.09 -25.67
N GLY E 244 26.21 -15.07 -26.69
CA GLY E 244 26.17 -16.12 -27.72
C GLY E 244 25.17 -17.21 -27.42
N LEU E 245 24.27 -16.96 -26.46
CA LEU E 245 23.26 -17.92 -26.03
C LEU E 245 21.87 -17.54 -26.55
N GLU E 246 21.01 -18.51 -26.83
CA GLU E 246 19.60 -18.18 -27.11
C GLU E 246 18.70 -18.98 -26.15
N LEU E 247 17.58 -18.39 -25.73
CA LEU E 247 16.71 -19.02 -24.75
C LEU E 247 15.94 -20.14 -25.41
N VAL E 248 15.97 -21.30 -24.78
CA VAL E 248 15.23 -22.43 -25.29
C VAL E 248 13.99 -22.80 -24.46
N GLU E 249 14.00 -22.55 -23.16
CA GLU E 249 12.77 -22.72 -22.38
C GLU E 249 12.81 -22.03 -21.03
N ARG E 250 11.63 -21.64 -20.52
CA ARG E 250 11.55 -20.97 -19.23
C ARG E 250 10.38 -21.50 -18.40
N HIS E 251 10.67 -21.91 -17.18
CA HIS E 251 9.65 -22.36 -16.24
C HIS E 251 9.70 -21.55 -14.96
N ALA E 252 8.73 -21.78 -14.09
CA ALA E 252 8.73 -21.12 -12.79
C ALA E 252 9.67 -21.84 -11.79
N ASP E 253 9.92 -23.12 -12.00
CA ASP E 253 10.68 -23.92 -11.07
C ASP E 253 11.15 -25.22 -11.74
N PHE E 254 11.96 -26.03 -11.08
CA PHE E 254 12.49 -27.22 -11.74
C PHE E 254 11.45 -28.31 -12.06
N GLU E 255 10.22 -28.13 -11.62
CA GLU E 255 9.22 -29.12 -11.93
C GLU E 255 8.44 -28.63 -13.15
N ARG E 256 8.96 -27.59 -13.77
CA ARG E 256 8.41 -27.17 -15.05
C ARG E 256 7.02 -26.57 -14.98
N ARG E 257 6.59 -26.06 -13.83
CA ARG E 257 5.35 -25.29 -13.75
C ARG E 257 5.45 -24.04 -14.61
N ARG E 258 4.29 -23.54 -15.02
CA ARG E 258 4.26 -22.44 -15.96
C ARG E 258 4.84 -21.16 -15.35
N PHE E 259 5.63 -20.41 -16.13
CA PHE E 259 6.15 -19.11 -15.68
C PHE E 259 5.18 -18.00 -16.05
N ASP E 260 4.81 -17.18 -15.06
CA ASP E 260 4.08 -15.94 -15.33
C ASP E 260 4.52 -14.76 -14.44
N ALA E 261 3.81 -13.64 -14.56
CA ALA E 261 4.20 -12.41 -13.90
C ALA E 261 4.39 -12.57 -12.38
N SER E 262 3.65 -13.49 -11.80
CA SER E 262 3.65 -13.60 -10.35
C SER E 262 4.48 -14.80 -9.86
N SER E 263 5.31 -15.32 -10.75
CA SER E 263 6.20 -16.38 -10.38
C SER E 263 7.36 -15.78 -9.61
N ARG E 264 7.64 -16.31 -8.43
CA ARG E 264 8.69 -15.74 -7.61
C ARG E 264 10.08 -15.97 -8.22
N TYR E 265 10.28 -17.11 -8.85
CA TYR E 265 11.56 -17.39 -9.51
C TYR E 265 11.35 -17.80 -10.96
N HIS E 266 12.42 -17.93 -11.73
CA HIS E 266 12.29 -18.61 -12.99
C HIS E 266 13.46 -19.59 -13.18
N VAL E 267 13.24 -20.56 -14.02
CA VAL E 267 14.29 -21.46 -14.40
C VAL E 267 14.42 -21.35 -15.90
N SER E 268 15.58 -20.91 -16.38
CA SER E 268 15.74 -20.63 -17.79
C SER E 268 16.80 -21.52 -18.38
N VAL E 269 16.51 -22.11 -19.52
CA VAL E 269 17.51 -22.89 -20.22
C VAL E 269 17.97 -22.19 -21.51
N TYR E 270 19.28 -22.09 -21.68
CA TYR E 270 19.82 -21.48 -22.90
C TYR E 270 20.74 -22.48 -23.63
N ARG E 271 20.86 -22.35 -24.94
CA ARG E 271 21.84 -23.14 -25.66
C ARG E 271 22.63 -22.24 -26.56
N ALA E 272 23.75 -22.74 -27.09
CA ALA E 272 24.58 -21.98 -28.02
C ALA E 272 23.80 -21.42 -29.22
N ALA E 273 24.19 -20.27 -29.72
CA ALA E 273 23.41 -19.63 -30.75
C ALA E 273 23.81 -20.06 -32.14
N ALA E 274 22.84 -20.00 -33.06
CA ALA E 274 23.05 -20.36 -34.47
C ALA E 274 24.17 -19.53 -35.14
N TYR F 24 5.41 -26.18 20.93
CA TYR F 24 4.39 -25.26 21.51
C TYR F 24 3.22 -26.02 22.21
N ASP F 25 3.06 -25.78 23.52
CA ASP F 25 2.00 -26.41 24.33
C ASP F 25 0.83 -25.44 24.44
N GLU F 26 -0.19 -25.88 25.18
CA GLU F 26 -1.26 -24.98 25.65
C GLU F 26 -0.70 -24.15 26.83
N THR F 27 0.52 -24.52 27.21
CA THR F 27 1.17 -24.01 28.40
C THR F 27 2.19 -22.91 28.08
N THR F 28 2.95 -23.07 26.98
CA THR F 28 4.19 -22.29 26.75
C THR F 28 3.99 -20.79 26.62
N TYR F 29 2.77 -20.38 26.31
CA TYR F 29 2.45 -18.96 26.38
C TYR F 29 2.64 -18.44 27.80
N GLY F 30 1.86 -19.00 28.73
CA GLY F 30 1.93 -18.65 30.13
C GLY F 30 3.31 -18.80 30.73
N ASP F 31 3.88 -19.99 30.67
CA ASP F 31 5.18 -20.26 31.28
C ASP F 31 6.20 -19.12 31.18
N GLN F 32 6.41 -18.63 29.94
CA GLN F 32 7.38 -17.57 29.61
C GLN F 32 7.04 -16.20 30.18
N ILE F 33 5.81 -15.77 29.92
CA ILE F 33 5.39 -14.38 30.13
C ILE F 33 5.00 -14.04 31.58
N ALA F 34 4.71 -15.06 32.38
CA ALA F 34 4.15 -14.90 33.72
C ALA F 34 4.77 -13.76 34.53
N ASP F 35 6.08 -13.76 34.64
CA ASP F 35 6.74 -12.80 35.51
C ASP F 35 6.84 -11.36 34.94
N VAL F 36 6.37 -11.16 33.71
CA VAL F 36 6.39 -9.82 33.12
C VAL F 36 5.02 -9.39 32.67
N TYR F 37 4.12 -10.33 32.54
CA TYR F 37 2.78 -10.03 32.04
C TYR F 37 2.18 -8.71 32.56
N ASP F 38 2.32 -8.50 33.87
CA ASP F 38 1.75 -7.33 34.55
C ASP F 38 2.65 -6.08 34.50
N GLU F 39 3.92 -6.23 34.14
CA GLU F 39 4.85 -5.11 34.21
C GLU F 39 4.95 -4.32 32.91
N TRP F 40 4.53 -4.93 31.80
CA TRP F 40 4.76 -4.35 30.48
C TRP F 40 3.93 -3.10 30.26
N PRO F 41 4.59 -2.02 29.82
CA PRO F 41 3.94 -0.75 29.58
C PRO F 41 3.09 -0.68 28.31
N GLY F 42 2.14 0.24 28.33
CA GLY F 42 1.38 0.61 27.15
C GLY F 42 0.89 -0.55 26.34
N ASP F 43 1.14 -0.49 25.03
CA ASP F 43 0.54 -1.43 24.07
C ASP F 43 1.14 -2.83 24.14
N ALA F 44 2.23 -2.93 24.91
CA ALA F 44 2.95 -4.19 25.08
C ALA F 44 2.21 -5.04 26.08
N GLY F 45 1.65 -4.38 27.10
CA GLY F 45 0.88 -5.04 28.12
C GLY F 45 -0.42 -5.57 27.55
N PRO F 46 -1.25 -6.16 28.42
CA PRO F 46 -2.59 -6.58 28.03
C PRO F 46 -3.48 -5.35 28.08
N PRO F 47 -4.67 -5.40 27.48
CA PRO F 47 -5.45 -4.18 27.39
C PRO F 47 -5.82 -3.62 28.75
N PRO F 48 -6.01 -2.29 28.85
CA PRO F 48 -6.26 -1.72 30.18
C PRO F 48 -7.76 -1.62 30.50
N ASP F 49 -8.50 -2.68 30.17
CA ASP F 49 -9.94 -2.69 30.38
C ASP F 49 -10.41 -3.71 31.41
N GLY F 50 -9.51 -4.11 32.31
CA GLY F 50 -9.85 -5.04 33.38
C GLY F 50 -11.05 -4.62 34.19
N ARG F 51 -11.04 -3.38 34.67
CA ARG F 51 -12.18 -2.90 35.44
C ARG F 51 -13.48 -3.01 34.64
N GLU F 52 -13.44 -2.55 33.38
CA GLU F 52 -14.64 -2.46 32.54
C GLU F 52 -15.16 -3.84 32.19
N ALA F 53 -14.21 -4.78 32.05
CA ALA F 53 -14.54 -6.18 31.82
C ALA F 53 -15.32 -6.68 33.00
N ALA F 54 -14.79 -6.45 34.19
CA ALA F 54 -15.42 -6.95 35.42
C ALA F 54 -16.86 -6.44 35.54
N LEU F 55 -17.04 -5.13 35.39
CA LEU F 55 -18.37 -4.53 35.36
C LEU F 55 -19.32 -5.19 34.34
N PHE F 56 -18.83 -5.44 33.14
CA PHE F 56 -19.63 -6.10 32.14
C PHE F 56 -20.09 -7.50 32.58
N VAL F 57 -19.14 -8.29 33.05
CA VAL F 57 -19.42 -9.63 33.57
C VAL F 57 -20.29 -9.60 34.83
N ALA F 58 -20.02 -8.67 35.74
CA ALA F 58 -20.82 -8.57 36.96
C ALA F 58 -22.29 -8.31 36.65
N ALA F 59 -22.56 -7.45 35.67
CA ALA F 59 -23.94 -7.12 35.33
C ALA F 59 -24.67 -8.35 34.84
N LEU F 60 -23.94 -9.32 34.31
CA LEU F 60 -24.55 -10.54 33.80
C LEU F 60 -24.55 -11.65 34.83
N ALA F 61 -23.82 -11.43 35.92
CA ALA F 61 -23.51 -12.51 36.84
C ALA F 61 -24.67 -12.93 37.71
N ALA F 62 -25.58 -12.00 38.01
CA ALA F 62 -26.59 -12.30 39.01
C ALA F 62 -25.95 -12.78 40.34
N ALA F 63 -26.69 -13.59 41.08
CA ALA F 63 -26.25 -14.04 42.41
C ALA F 63 -25.29 -15.23 42.38
N ARG F 64 -24.98 -15.73 41.18
CA ARG F 64 -24.20 -16.96 41.07
C ARG F 64 -22.74 -16.75 40.65
N PRO F 65 -21.88 -17.78 40.86
CA PRO F 65 -20.44 -17.69 40.56
C PRO F 65 -20.17 -17.73 39.05
N VAL F 66 -19.05 -17.13 38.63
CA VAL F 66 -18.65 -17.12 37.21
C VAL F 66 -17.32 -17.84 36.98
N LEU F 67 -17.11 -18.27 35.74
CA LEU F 67 -15.96 -19.07 35.39
C LEU F 67 -15.15 -18.35 34.34
N GLU F 68 -13.95 -17.88 34.72
CA GLU F 68 -13.03 -17.30 33.72
C GLU F 68 -12.15 -18.38 33.08
N LEU F 69 -12.17 -18.47 31.75
CA LEU F 69 -11.29 -19.40 31.04
C LEU F 69 -9.93 -18.75 30.88
N GLY F 70 -8.87 -19.48 31.21
CA GLY F 70 -7.53 -18.91 31.16
C GLY F 70 -7.35 -17.63 31.96
N VAL F 71 -7.62 -17.70 33.25
CA VAL F 71 -7.58 -16.55 34.17
C VAL F 71 -6.27 -15.78 34.21
N GLY F 72 -5.16 -16.44 33.92
CA GLY F 72 -3.85 -15.81 33.90
C GLY F 72 -3.38 -15.31 35.25
N THR F 73 -3.04 -14.03 35.32
CA THR F 73 -2.66 -13.42 36.59
C THR F 73 -3.82 -12.68 37.20
N GLY F 74 -5.02 -12.95 36.71
CA GLY F 74 -6.22 -12.41 37.34
C GLY F 74 -6.45 -10.94 37.08
N ARG F 75 -6.04 -10.49 35.90
CA ARG F 75 -6.26 -9.12 35.46
C ARG F 75 -7.73 -8.74 35.50
N VAL F 76 -8.60 -9.72 35.31
CA VAL F 76 -10.03 -9.46 35.33
C VAL F 76 -10.67 -10.06 36.58
N ALA F 77 -10.09 -11.16 37.06
CA ALA F 77 -10.68 -11.85 38.22
C ALA F 77 -10.65 -10.99 39.49
N PHE F 78 -9.57 -10.26 39.70
CA PHE F 78 -9.49 -9.46 40.91
C PHE F 78 -10.49 -8.29 40.88
N PRO F 79 -10.57 -7.55 39.74
CA PRO F 79 -11.60 -6.50 39.61
C PRO F 79 -13.01 -7.04 39.88
N LEU F 80 -13.26 -8.27 39.41
CA LEU F 80 -14.52 -8.97 39.72
C LEU F 80 -14.66 -9.28 41.20
N ALA F 81 -13.56 -9.65 41.84
CA ALA F 81 -13.61 -9.93 43.27
C ALA F 81 -13.95 -8.65 44.01
N ASP F 82 -13.41 -7.54 43.53
CA ASP F 82 -13.68 -6.22 44.10
C ASP F 82 -15.17 -5.89 44.03
N LEU F 83 -15.87 -6.49 43.07
CA LEU F 83 -17.31 -6.29 42.94
C LEU F 83 -18.13 -7.30 43.74
N GLY F 84 -17.43 -8.13 44.53
CA GLY F 84 -18.08 -9.15 45.34
C GLY F 84 -18.51 -10.35 44.53
N VAL F 85 -17.87 -10.59 43.39
CA VAL F 85 -18.24 -11.71 42.52
C VAL F 85 -17.29 -12.89 42.67
N GLU F 86 -17.85 -14.07 42.95
CA GLU F 86 -17.02 -15.26 43.08
C GLU F 86 -16.55 -15.67 41.69
N VAL F 87 -15.23 -15.82 41.53
CA VAL F 87 -14.65 -16.25 40.25
C VAL F 87 -13.81 -17.52 40.32
N HIS F 88 -14.16 -18.51 39.50
CA HIS F 88 -13.35 -19.70 39.33
C HIS F 88 -12.51 -19.49 38.08
N GLY F 89 -11.20 -19.64 38.21
CA GLY F 89 -10.28 -19.36 37.09
C GLY F 89 -9.54 -20.61 36.63
N VAL F 90 -9.76 -21.00 35.39
CA VAL F 90 -9.06 -22.16 34.86
C VAL F 90 -7.79 -21.68 34.18
N GLU F 91 -6.71 -22.41 34.38
CA GLU F 91 -5.42 -22.00 33.87
C GLU F 91 -4.56 -23.23 33.69
N SER F 92 -3.80 -23.26 32.61
CA SER F 92 -2.96 -24.42 32.29
C SER F 92 -1.51 -24.18 32.77
N SER F 93 -1.16 -22.91 32.96
CA SER F 93 0.23 -22.51 33.22
C SER F 93 0.53 -22.43 34.70
N GLU F 94 1.35 -23.39 35.15
CA GLU F 94 1.84 -23.44 36.51
C GLU F 94 2.34 -22.08 36.99
N PRO F 95 3.32 -21.49 36.26
CA PRO F 95 3.86 -20.16 36.57
C PRO F 95 2.84 -19.03 36.59
N MET F 96 1.91 -18.98 35.63
CA MET F 96 0.79 -18.01 35.67
C MET F 96 -0.04 -18.15 36.94
N LEU F 97 -0.36 -19.41 37.28
CA LEU F 97 -1.16 -19.74 38.45
C LEU F 97 -0.48 -19.25 39.70
N ASP F 98 0.83 -19.44 39.77
CA ASP F 98 1.62 -19.03 40.92
C ASP F 98 1.57 -17.52 41.12
N LYS F 99 1.65 -16.78 40.02
CA LYS F 99 1.45 -15.33 40.04
C LYS F 99 0.07 -14.95 40.61
N LEU F 100 -0.98 -15.60 40.10
CA LEU F 100 -2.33 -15.45 40.64
C LEU F 100 -2.42 -15.68 42.16
N ARG F 101 -1.95 -16.82 42.64
CA ARG F 101 -2.11 -17.16 44.05
C ARG F 101 -1.35 -16.16 44.90
N GLU F 102 -0.23 -15.67 44.36
CA GLU F 102 0.61 -14.69 45.07
C GLU F 102 -0.12 -13.36 45.24
N LYS F 103 -0.74 -12.88 44.16
CA LYS F 103 -1.56 -11.68 44.23
C LYS F 103 -2.79 -11.86 45.11
N ALA F 104 -3.39 -13.06 45.12
CA ALA F 104 -4.62 -13.28 45.87
C ALA F 104 -4.37 -13.15 47.35
N ALA F 105 -3.31 -13.78 47.83
CA ALA F 105 -2.97 -13.73 49.26
C ALA F 105 -2.86 -12.28 49.68
N ALA F 106 -2.34 -11.43 48.81
CA ALA F 106 -2.11 -10.02 49.13
C ALA F 106 -3.39 -9.21 48.97
N HIS F 107 -4.28 -9.69 48.12
CA HIS F 107 -5.50 -8.97 47.80
C HIS F 107 -6.53 -9.07 48.92
N PRO F 108 -7.14 -7.93 49.30
CA PRO F 108 -8.14 -7.94 50.37
C PRO F 108 -9.30 -8.87 50.04
N ASN F 109 -9.57 -9.07 48.77
CA ASN F 109 -10.68 -9.92 48.38
C ASN F 109 -10.25 -11.21 47.68
N GLY F 110 -8.96 -11.53 47.79
CA GLY F 110 -8.43 -12.73 47.15
C GLY F 110 -9.21 -13.98 47.47
N ASN F 111 -9.86 -13.99 48.62
CA ASN F 111 -10.58 -15.17 49.02
C ASN F 111 -11.71 -15.55 48.05
N LEU F 112 -12.17 -14.58 47.25
CA LEU F 112 -13.26 -14.79 46.25
C LEU F 112 -12.81 -15.31 44.90
N VAL F 113 -11.51 -15.48 44.73
CA VAL F 113 -10.96 -15.98 43.49
C VAL F 113 -10.54 -17.42 43.70
N VAL F 114 -11.09 -18.33 42.92
CA VAL F 114 -10.81 -19.75 43.10
C VAL F 114 -10.00 -20.31 41.93
N PRO F 115 -8.69 -20.50 42.12
CA PRO F 115 -7.87 -20.95 41.01
C PRO F 115 -8.08 -22.44 40.74
N VAL F 116 -8.10 -22.82 39.47
CA VAL F 116 -8.20 -24.22 39.11
C VAL F 116 -7.13 -24.59 38.09
N LEU F 117 -6.22 -25.51 38.44
CA LEU F 117 -5.29 -25.98 37.42
C LEU F 117 -6.06 -26.86 36.45
N GLY F 118 -5.89 -26.60 35.15
CA GLY F 118 -6.63 -27.37 34.18
C GLY F 118 -6.54 -26.78 32.79
N ASN F 119 -7.02 -27.55 31.83
CA ASN F 119 -6.96 -27.22 30.42
C ASN F 119 -8.40 -27.01 29.97
N PHE F 120 -8.73 -25.78 29.58
CA PHE F 120 -10.12 -25.46 29.28
C PHE F 120 -10.60 -25.93 27.91
N ALA F 121 -9.76 -26.70 27.21
CA ALA F 121 -10.25 -27.47 26.08
C ALA F 121 -10.95 -28.72 26.62
N LYS F 122 -10.55 -29.13 27.82
CA LYS F 122 -11.10 -30.33 28.45
C LYS F 122 -11.50 -30.07 29.90
N LEU F 123 -12.38 -29.10 30.10
CA LEU F 123 -12.89 -28.77 31.42
C LEU F 123 -13.45 -30.00 32.12
N ASP F 124 -13.22 -30.05 33.43
CA ASP F 124 -13.72 -31.12 34.26
C ASP F 124 -14.12 -30.55 35.62
N LEU F 125 -15.31 -29.96 35.68
CA LEU F 125 -15.78 -29.29 36.89
C LEU F 125 -17.00 -29.96 37.54
N GLY F 126 -17.42 -31.08 36.98
CA GLY F 126 -18.52 -31.87 37.53
C GLY F 126 -19.88 -31.17 37.64
N GLU F 127 -20.41 -31.16 38.87
CA GLU F 127 -21.75 -30.66 39.20
C GLU F 127 -21.92 -29.13 39.14
N GLN F 128 -20.81 -28.42 39.38
CA GLN F 128 -20.79 -26.97 39.52
C GLN F 128 -21.33 -26.29 38.27
N ARG F 129 -22.11 -25.21 38.45
CA ARG F 129 -22.67 -24.45 37.33
C ARG F 129 -22.43 -22.97 37.52
N TYR F 130 -22.45 -22.23 36.42
CA TYR F 130 -22.05 -20.83 36.45
C TYR F 130 -23.08 -19.92 35.80
N SER F 131 -23.18 -18.70 36.31
CA SER F 131 -24.07 -17.70 35.73
C SER F 131 -23.46 -17.07 34.50
N VAL F 132 -22.12 -17.00 34.47
CA VAL F 132 -21.35 -16.55 33.30
C VAL F 132 -20.10 -17.38 33.10
N VAL F 133 -19.79 -17.70 31.86
CA VAL F 133 -18.49 -18.28 31.56
C VAL F 133 -17.91 -17.33 30.57
N PHE F 134 -16.69 -16.85 30.81
CA PHE F 134 -16.09 -15.92 29.86
C PHE F 134 -14.62 -16.20 29.48
N ALA F 135 -14.20 -15.67 28.35
CA ALA F 135 -12.82 -15.79 27.91
C ALA F 135 -12.44 -14.46 27.29
N ALA F 136 -11.57 -13.74 28.01
CA ALA F 136 -11.19 -12.39 27.61
C ALA F 136 -9.90 -12.37 26.76
N PHE F 137 -9.77 -11.34 25.93
CA PHE F 137 -8.51 -11.05 25.30
C PHE F 137 -7.94 -12.24 24.50
N ASN F 138 -8.75 -12.75 23.58
CA ASN F 138 -8.35 -13.80 22.68
C ASN F 138 -8.16 -15.16 23.29
N THR F 139 -8.58 -15.30 24.54
CA THR F 139 -8.36 -16.56 25.22
C THR F 139 -8.87 -17.75 24.42
N LEU F 140 -10.08 -17.64 23.87
CA LEU F 140 -10.65 -18.75 23.13
C LEU F 140 -9.85 -18.99 21.86
N PHE F 141 -9.10 -17.99 21.44
CA PHE F 141 -8.33 -18.15 20.21
C PHE F 141 -6.99 -18.85 20.46
N CYS F 142 -6.73 -19.12 21.73
CA CYS F 142 -5.55 -19.86 22.15
C CYS F 142 -5.62 -21.34 21.82
N LEU F 143 -6.83 -21.89 21.71
CA LEU F 143 -7.03 -23.25 21.22
C LEU F 143 -6.82 -23.27 19.71
N LEU F 144 -5.85 -24.03 19.23
CA LEU F 144 -5.41 -23.88 17.85
C LEU F 144 -6.19 -24.68 16.81
N GLY F 145 -7.51 -24.51 16.75
CA GLY F 145 -8.32 -25.24 15.78
C GLY F 145 -9.79 -24.94 15.90
N GLN F 146 -10.50 -24.97 14.79
CA GLN F 146 -11.96 -24.74 14.84
C GLN F 146 -12.65 -25.77 15.72
N ASP F 147 -12.30 -27.04 15.48
CA ASP F 147 -12.81 -28.17 16.26
C ASP F 147 -12.66 -27.90 17.73
N GLU F 148 -11.44 -27.66 18.20
CA GLU F 148 -11.22 -27.47 19.61
C GLU F 148 -12.09 -26.35 20.13
N GLN F 149 -12.20 -25.28 19.38
CA GLN F 149 -12.94 -24.13 19.85
C GLN F 149 -14.42 -24.46 19.99
N ILE F 150 -14.98 -25.20 19.04
CA ILE F 150 -16.35 -25.66 19.19
C ILE F 150 -16.53 -26.49 20.48
N ASP F 151 -15.72 -27.53 20.65
CA ASP F 151 -15.72 -28.33 21.86
C ASP F 151 -15.77 -27.46 23.08
N CYS F 152 -14.93 -26.43 23.10
CA CYS F 152 -14.78 -25.63 24.29
C CYS F 152 -16.08 -24.86 24.53
N MET F 153 -16.63 -24.31 23.46
CA MET F 153 -17.92 -23.64 23.59
C MET F 153 -19.00 -24.58 24.11
N ARG F 154 -19.05 -25.77 23.53
CA ARG F 154 -20.10 -26.70 23.89
C ARG F 154 -20.01 -27.02 25.37
N GLN F 155 -18.79 -27.10 25.87
CA GLN F 155 -18.59 -27.40 27.28
C GLN F 155 -18.95 -26.19 28.13
N ALA F 156 -18.58 -25.00 27.66
CA ALA F 156 -18.98 -23.82 28.38
C ALA F 156 -20.49 -23.80 28.46
N ARG F 157 -21.16 -24.05 27.34
CA ARG F 157 -22.62 -24.10 27.36
C ARG F 157 -23.12 -25.02 28.47
N GLU F 158 -22.62 -26.25 28.47
CA GLU F 158 -23.06 -27.26 29.42
C GLU F 158 -22.76 -26.94 30.88
N LEU F 159 -22.06 -25.84 31.12
CA LEU F 159 -21.73 -25.43 32.48
C LEU F 159 -22.57 -24.25 32.96
N LEU F 160 -23.30 -23.64 32.03
CA LEU F 160 -24.17 -22.52 32.37
C LEU F 160 -25.41 -23.00 33.11
N GLU F 161 -25.88 -22.24 34.08
CA GLU F 161 -27.18 -22.49 34.67
C GLU F 161 -28.26 -22.02 33.69
N PRO F 162 -29.53 -22.25 34.03
CA PRO F 162 -30.64 -21.75 33.24
C PRO F 162 -30.37 -20.38 32.61
N GLY F 163 -30.20 -19.34 33.43
CA GLY F 163 -30.10 -17.99 32.91
C GLY F 163 -28.82 -17.72 32.12
N GLY F 164 -27.80 -18.51 32.40
CA GLY F 164 -26.41 -18.20 32.05
C GLY F 164 -26.08 -17.68 30.67
N THR F 165 -24.93 -17.02 30.58
CA THR F 165 -24.41 -16.50 29.31
C THR F 165 -22.92 -16.87 29.16
N PHE F 166 -22.46 -16.91 27.91
CA PHE F 166 -21.08 -17.20 27.60
C PHE F 166 -20.52 -15.96 26.92
N VAL F 167 -19.40 -15.46 27.42
CA VAL F 167 -18.89 -14.18 26.94
C VAL F 167 -17.47 -14.28 26.39
N VAL F 168 -17.22 -13.77 25.17
CA VAL F 168 -15.86 -13.79 24.63
C VAL F 168 -15.41 -12.43 24.11
N GLN F 169 -14.13 -12.12 24.31
CA GLN F 169 -13.52 -10.95 23.70
C GLN F 169 -12.51 -11.45 22.72
N CYS F 170 -12.55 -10.97 21.48
CA CYS F 170 -11.83 -11.61 20.36
C CYS F 170 -11.34 -10.61 19.36
N LEU F 171 -10.18 -10.86 18.78
CA LEU F 171 -9.74 -9.94 17.76
C LEU F 171 -10.69 -10.06 16.59
N ASN F 172 -11.10 -8.95 16.04
CA ASN F 172 -11.92 -8.97 14.86
C ASN F 172 -11.05 -8.73 13.63
N PRO F 173 -10.81 -9.80 12.86
CA PRO F 173 -9.88 -9.82 11.71
C PRO F 173 -10.09 -8.70 10.69
N ALA F 174 -11.33 -8.38 10.34
CA ALA F 174 -11.57 -7.25 9.43
C ALA F 174 -10.87 -5.99 9.93
N GLY F 175 -11.24 -5.58 11.14
CA GLY F 175 -10.80 -4.30 11.70
C GLY F 175 -9.36 -4.36 12.15
N GLN F 176 -8.80 -5.56 12.13
CA GLN F 176 -7.42 -5.80 12.55
C GLN F 176 -6.44 -5.62 11.38
N ARG F 177 -6.97 -5.64 10.14
CA ARG F 177 -6.18 -5.38 8.92
C ARG F 177 -4.87 -6.14 8.96
N LEU F 178 -4.95 -7.46 8.89
CA LEU F 178 -3.81 -8.33 9.08
C LEU F 178 -3.14 -8.57 7.75
N ALA F 179 -1.84 -8.36 7.70
CA ALA F 179 -1.11 -8.61 6.46
C ALA F 179 -1.17 -10.10 6.22
N THR F 180 -1.27 -10.49 4.97
CA THR F 180 -1.09 -11.87 4.62
C THR F 180 0.40 -12.17 4.57
N GLY F 181 0.84 -13.25 5.23
CA GLY F 181 2.28 -13.53 5.30
C GLY F 181 2.98 -13.06 6.56
N ASN F 182 4.30 -12.86 6.47
CA ASN F 182 5.11 -12.42 7.62
C ASN F 182 5.14 -10.90 7.78
N THR F 183 5.31 -10.40 8.97
CA THR F 183 5.49 -8.97 9.18
C THR F 183 6.41 -8.80 10.36
N PHE F 184 6.89 -7.57 10.56
CA PHE F 184 7.69 -7.18 11.72
C PHE F 184 7.27 -5.77 12.15
N GLY F 185 6.88 -5.59 13.40
CA GLY F 185 6.38 -4.28 13.76
C GLY F 185 6.93 -3.79 15.07
N THR F 186 6.77 -2.50 15.36
CA THR F 186 7.12 -1.97 16.67
C THR F 186 5.89 -2.02 17.55
N VAL F 187 5.96 -2.67 18.70
CA VAL F 187 4.84 -2.71 19.64
C VAL F 187 4.83 -1.58 20.65
N GLU F 188 5.95 -1.34 21.33
CA GLU F 188 5.99 -0.25 22.31
C GLU F 188 7.41 0.27 22.54
N LEU F 189 7.54 1.50 23.03
CA LEU F 189 8.87 2.03 23.32
C LEU F 189 9.04 2.33 24.80
N GLU F 190 10.19 1.98 25.37
CA GLU F 190 10.54 2.32 26.75
C GLU F 190 11.80 3.13 26.71
N ASP F 191 12.17 3.75 27.82
CA ASP F 191 13.41 4.54 27.82
C ASP F 191 14.62 3.68 27.47
N THR F 192 14.59 2.41 27.87
CA THR F 192 15.79 1.60 27.69
C THR F 192 15.53 0.25 27.07
N ALA F 193 14.43 0.12 26.36
CA ALA F 193 14.08 -1.12 25.71
C ALA F 193 13.03 -0.85 24.63
N VAL F 194 12.96 -1.73 23.63
CA VAL F 194 11.91 -1.58 22.66
C VAL F 194 11.19 -2.88 22.65
N HIS F 195 9.88 -2.81 22.38
CA HIS F 195 9.07 -4.00 22.21
C HIS F 195 8.70 -4.09 20.75
N LEU F 196 9.21 -5.14 20.10
CA LEU F 196 8.93 -5.46 18.72
C LEU F 196 8.20 -6.80 18.64
N GLU F 197 7.57 -7.05 17.48
CA GLU F 197 6.89 -8.32 17.23
C GLU F 197 7.14 -8.86 15.84
N ALA F 198 7.58 -10.11 15.79
CA ALA F 198 7.84 -10.79 14.54
C ALA F 198 6.71 -11.78 14.38
N SER F 199 6.13 -11.85 13.19
CA SER F 199 4.88 -12.56 13.05
C SER F 199 4.65 -13.26 11.70
N LYS F 200 3.96 -14.41 11.71
CA LYS F 200 3.61 -15.15 10.49
C LYS F 200 2.12 -15.39 10.52
N HIS F 201 1.43 -14.99 9.47
CA HIS F 201 0.00 -15.15 9.41
C HIS F 201 -0.32 -16.16 8.33
N ASP F 202 -1.08 -17.18 8.67
CA ASP F 202 -1.56 -18.10 7.66
C ASP F 202 -3.03 -17.84 7.45
N PRO F 203 -3.41 -17.22 6.33
CA PRO F 203 -4.81 -16.84 6.18
C PRO F 203 -5.75 -18.01 5.90
N LEU F 204 -5.18 -19.20 5.66
CA LEU F 204 -5.99 -20.40 5.41
C LEU F 204 -6.28 -21.10 6.71
N ALA F 205 -5.21 -21.48 7.40
CA ALA F 205 -5.38 -22.02 8.72
C ALA F 205 -6.02 -20.98 9.66
N GLN F 206 -6.02 -19.72 9.25
CA GLN F 206 -6.44 -18.62 10.13
C GLN F 206 -5.63 -18.58 11.42
N THR F 207 -4.31 -18.71 11.30
CA THR F 207 -3.44 -18.70 12.48
C THR F 207 -2.48 -17.50 12.47
N LEU F 208 -2.27 -16.94 13.66
CA LEU F 208 -1.20 -15.99 13.89
C LEU F 208 -0.16 -16.66 14.78
N SER F 209 1.08 -16.55 14.40
CA SER F 209 2.12 -17.25 15.07
C SER F 209 3.20 -16.22 15.20
N ALA F 210 3.69 -15.96 16.41
CA ALA F 210 4.52 -14.76 16.59
C ALA F 210 5.52 -14.82 17.74
N HIS F 211 6.52 -13.95 17.68
CA HIS F 211 7.37 -13.69 18.82
C HIS F 211 7.26 -12.25 19.28
N HIS F 212 6.94 -12.02 20.54
CA HIS F 212 7.12 -10.70 21.08
C HIS F 212 8.60 -10.59 21.46
N ILE F 213 9.24 -9.54 20.99
CA ILE F 213 10.67 -9.41 21.17
C ILE F 213 10.97 -8.21 22.03
N VAL F 214 11.76 -8.36 23.09
CA VAL F 214 12.20 -7.20 23.87
C VAL F 214 13.71 -7.06 23.70
N LEU F 215 14.15 -5.92 23.14
CA LEU F 215 15.58 -5.58 23.09
C LEU F 215 15.91 -4.53 24.13
N SER F 216 16.91 -4.79 24.97
CA SER F 216 17.29 -3.81 26.00
C SER F 216 18.67 -3.24 25.79
N GLU F 217 18.90 -2.03 26.28
CA GLU F 217 20.23 -1.42 26.26
C GLU F 217 21.37 -2.35 26.78
N GLY F 218 21.13 -3.23 27.73
CA GLY F 218 22.20 -4.21 28.03
C GLY F 218 22.91 -5.05 26.92
N GLY F 219 22.16 -5.52 25.92
CA GLY F 219 22.64 -6.54 25.00
C GLY F 219 21.71 -7.71 25.17
N GLY F 220 20.65 -7.44 25.94
CA GLY F 220 19.61 -8.43 26.28
C GLY F 220 18.50 -8.54 25.26
N ILE F 221 18.18 -9.79 24.92
CA ILE F 221 17.09 -10.09 24.02
C ILE F 221 16.24 -11.12 24.71
N ARG F 222 14.93 -10.88 24.76
CA ARG F 222 14.02 -11.87 25.31
C ARG F 222 12.95 -12.13 24.27
N LEU F 223 12.61 -13.40 24.07
CA LEU F 223 11.58 -13.78 23.08
C LEU F 223 10.40 -14.38 23.77
N PHE F 224 9.20 -13.89 23.50
CA PHE F 224 8.01 -14.47 24.10
C PHE F 224 7.08 -14.91 22.97
N PRO F 225 7.05 -16.21 22.65
CA PRO F 225 6.26 -16.64 21.50
C PRO F 225 4.79 -16.91 21.84
N TYR F 226 3.90 -16.61 20.90
CA TYR F 226 2.52 -17.05 21.04
C TYR F 226 1.95 -17.53 19.70
N ARG F 227 0.83 -18.25 19.73
CA ARG F 227 0.07 -18.62 18.55
C ARG F 227 -1.43 -18.39 18.80
N LEU F 228 -2.19 -18.06 17.77
CA LEU F 228 -3.64 -17.91 17.91
C LEU F 228 -4.29 -18.56 16.74
N ARG F 229 -5.51 -19.08 16.91
CA ARG F 229 -6.37 -19.32 15.74
C ARG F 229 -7.56 -18.39 15.83
N TYR F 230 -7.72 -17.50 14.88
CA TYR F 230 -8.83 -16.60 14.98
C TYR F 230 -10.01 -17.12 14.19
N ALA F 231 -11.15 -16.50 14.44
CA ALA F 231 -12.32 -16.82 13.65
C ALA F 231 -12.98 -15.51 13.24
N TYR F 232 -13.57 -15.50 12.04
CA TYR F 232 -14.39 -14.39 11.64
C TYR F 232 -15.73 -14.50 12.37
N PRO F 233 -16.36 -13.35 12.62
CA PRO F 233 -17.65 -13.33 13.30
C PRO F 233 -18.70 -14.29 12.74
N ALA F 234 -18.96 -14.23 11.44
CA ALA F 234 -19.97 -15.11 10.88
C ALA F 234 -19.64 -16.57 11.19
N GLU F 235 -18.36 -16.89 11.21
CA GLU F 235 -17.90 -18.24 11.43
C GLU F 235 -18.03 -18.59 12.89
N LEU F 236 -17.60 -17.68 13.74
CA LEU F 236 -17.69 -17.87 15.19
C LEU F 236 -19.16 -18.08 15.64
N ASP F 237 -20.07 -17.33 15.04
CA ASP F 237 -21.48 -17.48 15.32
C ASP F 237 -22.01 -18.83 14.87
N LEU F 238 -21.48 -19.32 13.76
CA LEU F 238 -21.88 -20.65 13.28
C LEU F 238 -21.30 -21.68 14.22
N MET F 239 -20.09 -21.44 14.70
CA MET F 239 -19.50 -22.32 15.69
C MET F 239 -20.37 -22.40 16.96
N ALA F 240 -20.77 -21.24 17.46
CA ALA F 240 -21.60 -21.23 18.63
C ALA F 240 -22.88 -22.00 18.35
N ASN F 241 -23.42 -21.91 17.13
CA ASN F 241 -24.68 -22.62 16.85
C ASN F 241 -24.48 -24.10 16.96
N VAL F 242 -23.35 -24.59 16.45
CA VAL F 242 -23.07 -26.00 16.54
C VAL F 242 -22.85 -26.43 18.01
N ALA F 243 -22.34 -25.51 18.82
CA ALA F 243 -22.15 -25.77 20.24
C ALA F 243 -23.45 -25.67 21.08
N GLY F 244 -24.57 -25.33 20.45
CA GLY F 244 -25.82 -25.09 21.19
C GLY F 244 -25.96 -23.68 21.76
N LEU F 245 -25.19 -22.73 21.24
CA LEU F 245 -25.34 -21.35 21.68
C LEU F 245 -25.96 -20.51 20.57
N GLU F 246 -26.68 -19.45 20.95
CA GLU F 246 -27.09 -18.43 20.00
C GLU F 246 -26.62 -17.04 20.49
N LEU F 247 -26.20 -16.19 19.54
CA LEU F 247 -25.64 -14.87 19.85
C LEU F 247 -26.73 -13.92 20.32
N VAL F 248 -26.54 -13.30 21.47
CA VAL F 248 -27.53 -12.35 21.99
C VAL F 248 -27.11 -10.88 21.84
N GLU F 249 -25.82 -10.56 21.99
CA GLU F 249 -25.36 -9.22 21.65
C GLU F 249 -23.88 -9.17 21.27
N ARG F 250 -23.50 -8.14 20.50
CA ARG F 250 -22.11 -7.92 20.11
C ARG F 250 -21.69 -6.45 20.19
N HIS F 251 -20.59 -6.21 20.92
CA HIS F 251 -20.02 -4.86 21.01
C HIS F 251 -18.59 -4.82 20.56
N ALA F 252 -18.04 -3.62 20.52
CA ALA F 252 -16.65 -3.45 20.15
C ALA F 252 -15.76 -3.66 21.38
N ASP F 253 -16.34 -3.47 22.57
CA ASP F 253 -15.59 -3.58 23.82
C ASP F 253 -16.53 -3.69 25.02
N PHE F 254 -15.99 -3.82 26.24
CA PHE F 254 -16.84 -4.03 27.42
C PHE F 254 -17.62 -2.80 27.87
N GLU F 255 -17.42 -1.70 27.17
CA GLU F 255 -18.16 -0.46 27.43
C GLU F 255 -19.28 -0.34 26.40
N ARG F 256 -19.56 -1.42 25.68
CA ARG F 256 -20.72 -1.47 24.81
C ARG F 256 -20.71 -0.43 23.69
N ARG F 257 -19.52 -0.04 23.24
CA ARG F 257 -19.42 0.75 22.02
C ARG F 257 -19.81 -0.14 20.87
N ARG F 258 -20.23 0.49 19.79
CA ARG F 258 -20.85 -0.17 18.66
C ARG F 258 -19.81 -0.90 17.85
N PHE F 259 -20.11 -2.14 17.52
CA PHE F 259 -19.23 -2.95 16.69
C PHE F 259 -19.46 -2.70 15.23
N ASP F 260 -18.41 -2.39 14.49
CA ASP F 260 -18.50 -2.37 13.04
C ASP F 260 -17.23 -2.97 12.42
N ALA F 261 -17.12 -2.85 11.11
CA ALA F 261 -16.03 -3.45 10.35
C ALA F 261 -14.67 -3.04 10.86
N SER F 262 -14.52 -1.79 11.23
CA SER F 262 -13.20 -1.31 11.60
C SER F 262 -12.90 -1.53 13.10
N SER F 263 -13.75 -2.26 13.81
CA SER F 263 -13.51 -2.49 15.21
C SER F 263 -12.39 -3.52 15.37
N ARG F 264 -11.34 -3.14 16.08
CA ARG F 264 -10.23 -4.05 16.25
C ARG F 264 -10.65 -5.31 17.01
N TYR F 265 -11.55 -5.21 17.98
CA TYR F 265 -12.02 -6.39 18.71
C TYR F 265 -13.53 -6.45 18.75
N HIS F 266 -14.06 -7.57 19.19
CA HIS F 266 -15.48 -7.61 19.53
C HIS F 266 -15.72 -8.32 20.86
N VAL F 267 -16.75 -7.89 21.58
CA VAL F 267 -17.24 -8.62 22.72
C VAL F 267 -18.61 -9.22 22.35
N SER F 268 -18.69 -10.54 22.44
CA SER F 268 -19.88 -11.26 22.05
C SER F 268 -20.48 -12.04 23.21
N VAL F 269 -21.79 -11.89 23.38
CA VAL F 269 -22.51 -12.57 24.45
C VAL F 269 -23.47 -13.63 23.89
N TYR F 270 -23.24 -14.89 24.26
CA TYR F 270 -24.09 -16.00 23.81
C TYR F 270 -24.88 -16.59 24.98
N ARG F 271 -26.01 -17.21 24.66
CA ARG F 271 -26.79 -17.95 25.66
C ARG F 271 -27.24 -19.27 25.06
N ALA F 272 -27.61 -20.21 25.93
CA ALA F 272 -28.13 -21.50 25.49
C ALA F 272 -29.25 -21.38 24.44
N ALA F 273 -29.24 -22.26 23.45
CA ALA F 273 -30.16 -22.18 22.32
C ALA F 273 -31.53 -22.76 22.64
N ALA F 274 -32.53 -22.33 21.87
CA ALA F 274 -33.91 -22.81 22.01
C ALA F 274 -34.01 -24.31 21.71
N SAH G . -22.89 -21.66 -14.21
CA SAH G . -23.00 -20.67 -15.27
CB SAH G . -23.71 -19.39 -14.79
CG SAH G . -23.20 -18.77 -13.49
SD SAH G . -23.86 -17.13 -13.31
C SAH G . -21.61 -20.33 -15.77
O SAH G . -20.64 -20.62 -15.11
OXT SAH G . -21.35 -19.77 -16.81
C5' SAH G . -24.90 -17.35 -11.91
C4' SAH G . -26.21 -17.92 -12.45
O4' SAH G . -27.09 -18.39 -11.41
C3' SAH G . -27.01 -16.89 -13.25
O3' SAH G . -27.63 -17.57 -14.34
C2' SAH G . -28.07 -16.45 -12.27
O2' SAH G . -29.24 -15.99 -12.93
C1' SAH G . -28.35 -17.76 -11.56
N9 SAH G . -28.91 -17.61 -10.21
C8 SAH G . -28.54 -16.73 -9.27
N7 SAH G . -29.26 -16.91 -8.13
C5 SAH G . -30.09 -17.94 -8.37
C6 SAH G . -31.13 -18.65 -7.62
N6 SAH G . -31.42 -18.28 -6.34
N1 SAH G . -31.77 -19.66 -8.22
C2 SAH G . -31.50 -20.03 -9.47
N3 SAH G . -30.58 -19.42 -10.21
C4 SAH G . -29.87 -18.39 -9.73
S SO4 H . -4.61 -19.12 -9.13
O1 SO4 H . -4.13 -20.51 -9.02
O2 SO4 H . -5.01 -18.74 -10.50
O3 SO4 H . -5.75 -18.94 -8.24
O4 SO4 H . -3.57 -18.17 -8.70
S SO4 I . -13.72 -24.84 -27.09
O1 SO4 I . -12.82 -25.81 -26.46
O2 SO4 I . -12.96 -24.11 -28.11
O3 SO4 I . -14.84 -25.54 -27.73
O4 SO4 I . -14.26 -23.91 -26.09
S SO4 J . -7.75 -26.20 3.20
O1 SO4 J . -7.61 -27.16 4.29
O2 SO4 J . -6.43 -25.72 2.78
O3 SO4 J . -8.40 -26.85 2.05
O4 SO4 J . -8.57 -25.09 3.71
C1 GOL K . -18.90 -11.96 -11.59
O1 GOL K . -19.85 -11.70 -12.61
C2 GOL K . -19.51 -12.91 -10.54
O2 GOL K . -18.72 -14.07 -10.42
C3 GOL K . -20.98 -13.23 -10.86
O3 GOL K . -21.25 -14.60 -11.08
C1 GOL L . -7.55 -37.62 -12.62
O1 GOL L . -6.46 -36.71 -12.70
C2 GOL L . -8.18 -37.65 -11.21
O2 GOL L . -7.29 -38.10 -10.22
C3 GOL L . -9.49 -38.48 -11.13
O3 GOL L . -10.16 -38.56 -12.37
N SAH M . 7.05 13.72 -30.63
CA SAH M . 5.74 14.32 -30.54
CB SAH M . 4.64 13.29 -30.66
CG SAH M . 4.90 12.04 -29.80
SD SAH M . 3.61 10.84 -29.90
C SAH M . 5.64 15.00 -29.21
O SAH M . 6.40 14.80 -28.27
OXT SAH M . 4.77 15.83 -29.01
C5' SAH M . 4.37 9.52 -30.75
C4' SAH M . 4.32 9.93 -32.21
O4' SAH M . 5.05 9.04 -33.05
C3' SAH M . 2.89 9.95 -32.73
O3' SAH M . 2.75 11.09 -33.58
C2' SAH M . 2.76 8.64 -33.50
O2' SAH M . 1.80 8.69 -34.56
C1' SAH M . 4.17 8.47 -34.05
N9 SAH M . 4.59 7.07 -34.24
C8 SAH M . 4.34 6.02 -33.45
N7 SAH M . 4.89 4.88 -33.93
C5 SAH M . 5.53 5.21 -35.06
C6 SAH M . 6.31 4.51 -36.07
N6 SAH M . 6.54 3.19 -35.95
N1 SAH M . 6.78 5.21 -37.10
C2 SAH M . 6.54 6.53 -37.22
N3 SAH M . 5.84 7.25 -36.34
C4 SAH M . 5.32 6.65 -35.27
S SO4 N . 10.55 14.06 -12.04
O1 SO4 N . 11.86 13.85 -11.37
O2 SO4 N . 10.81 13.81 -13.47
O3 SO4 N . 9.52 13.13 -11.56
O4 SO4 N . 10.01 15.39 -11.82
S SO4 O . 28.58 6.58 -43.37
O1 SO4 O . 28.85 7.18 -42.07
O2 SO4 O . 29.45 5.40 -43.56
O3 SO4 O . 27.16 6.18 -43.42
O4 SO4 O . 28.74 7.57 -44.45
C1 GOL P . 1.15 8.04 -25.50
O1 GOL P . 0.30 9.06 -24.99
C2 GOL P . 2.56 8.02 -24.87
O2 GOL P . 2.63 8.38 -23.50
C3 GOL P . 3.58 8.81 -25.67
O3 GOL P . 3.23 8.72 -27.03
N1 EPE Q . 16.31 18.58 -8.96
C2 EPE Q . 17.32 17.88 -8.15
C3 EPE Q . 18.75 17.87 -8.75
N4 EPE Q . 19.15 18.93 -9.69
C5 EPE Q . 18.08 19.55 -10.43
C6 EPE Q . 16.82 18.70 -10.34
C7 EPE Q . 20.45 18.89 -10.35
C8 EPE Q . 21.50 19.73 -9.65
O8 EPE Q . 22.58 18.88 -9.35
C9 EPE Q . 15.97 19.92 -8.41
C10 EPE Q . 15.19 20.82 -9.39
S EPE Q . 15.96 22.42 -9.87
O1S EPE Q . 16.86 22.23 -11.00
O2S EPE Q . 16.74 22.92 -8.73
O3S EPE Q . 14.96 23.42 -10.26
N SAH R . -24.15 23.44 5.31
CA SAH R . -24.95 22.76 4.30
CB SAH R . -24.31 22.92 2.91
CG SAH R . -22.81 22.66 2.94
SD SAH R . -22.15 22.58 1.30
C SAH R . -25.08 21.29 4.63
O SAH R . -24.37 20.68 5.41
OXT SAH R . -25.93 20.62 4.09
C5' SAH R . -21.17 24.06 1.26
C4' SAH R . -22.12 25.24 1.04
O4' SAH R . -21.41 26.46 1.17
C3' SAH R . -22.70 25.21 -0.36
O3' SAH R . -24.10 25.54 -0.23
C2' SAH R . -21.92 26.28 -1.11
O2' SAH R . -22.71 26.83 -2.16
C1' SAH R . -21.67 27.27 0.01
N9 SAH R . -20.49 28.16 -0.16
C8 SAH R . -19.28 27.82 -0.60
N7 SAH R . -18.43 28.89 -0.61
C5 SAH R . -19.12 29.93 -0.12
C6 SAH R . -18.84 31.35 0.13
N6 SAH R . -17.63 31.86 -0.12
N1 SAH R . -19.82 32.10 0.63
C2 SAH R . -21.04 31.58 0.88
N3 SAH R . -21.39 30.30 0.65
C4 SAH R . -20.48 29.44 0.17
S SO4 S . -21.58 38.93 -2.51
O1 SO4 S . -21.33 39.24 -1.10
O2 SO4 S . -21.17 40.06 -3.35
O3 SO4 S . -20.82 37.75 -2.93
O4 SO4 S . -23.02 38.66 -2.70
S SO4 T . -21.35 4.36 20.11
O1 SO4 T . -21.53 5.78 20.41
O2 SO4 T . -19.91 4.06 20.09
O3 SO4 T . -22.04 3.53 21.11
O4 SO4 T . -21.97 4.04 18.82
S SO4 U . -15.08 8.50 12.89
O1 SO4 U . -14.63 8.36 14.28
O2 SO4 U . -14.71 7.38 12.05
O3 SO4 U . -16.54 8.65 12.88
O4 SO4 U . -14.45 9.68 12.30
S SO4 V . -19.15 44.24 19.27
O1 SO4 V . -18.43 44.32 20.53
O2 SO4 V . -18.93 45.48 18.52
O3 SO4 V . -18.62 43.11 18.48
O4 SO4 V . -20.58 44.03 19.52
C1 GOL W . -16.92 17.68 1.02
O1 GOL W . -16.45 16.43 0.51
C2 GOL W . -17.47 18.58 -0.10
O2 GOL W . -17.67 19.91 0.34
C3 GOL W . -18.79 18.01 -0.64
O3 GOL W . -18.54 16.94 -1.53
N SAH X . 23.20 21.12 14.19
CA SAH X . 24.07 19.97 14.41
CB SAH X . 23.45 19.01 15.45
CG SAH X . 21.98 18.75 15.18
SD SAH X . 21.37 17.59 16.38
C SAH X . 24.24 19.25 13.10
O SAH X . 25.02 18.35 12.91
OXT SAH X . 23.61 19.50 12.11
C5' SAH X . 20.31 18.58 17.39
C4' SAH X . 21.20 19.24 18.44
O4' SAH X . 20.45 20.17 19.23
C3' SAH X . 21.79 18.23 19.40
O3' SAH X . 23.16 18.59 19.62
C2' SAH X . 20.93 18.39 20.65
O2' SAH X . 21.61 17.99 21.84
C1' SAH X . 20.64 19.87 20.61
N9 SAH X . 19.42 20.31 21.34
C8 SAH X . 18.25 19.67 21.41
N7 SAH X . 17.35 20.38 22.15
C5 SAH X . 17.95 21.51 22.54
C6 SAH X . 17.54 22.70 23.33
N6 SAH X . 16.29 22.78 23.84
N1 SAH X . 18.45 23.68 23.52
C2 SAH X . 19.69 23.58 23.00
N3 SAH X . 20.12 22.53 22.26
C4 SAH X . 19.30 21.48 22.00
S SO4 Y . 14.93 15.58 -2.06
O1 SO4 Y . 15.41 15.98 -0.74
O2 SO4 Y . 16.00 14.83 -2.71
O3 SO4 Y . 13.80 14.65 -1.85
O4 SO4 Y . 14.58 16.77 -2.86
S SO4 Z . 17.14 46.06 19.46
O1 SO4 Z . 16.27 45.73 20.59
O2 SO4 Z . 18.29 45.15 19.48
O3 SO4 Z . 16.46 45.94 18.17
O4 SO4 Z . 17.60 47.45 19.63
C1 GOL AA . 16.87 14.11 13.27
O1 GOL AA . 17.41 14.72 14.42
C2 GOL AA . 17.37 12.65 13.20
O2 GOL AA . 16.54 11.81 12.41
C3 GOL AA . 17.58 12.12 14.62
O3 GOL AA . 18.74 11.30 14.69
N SAH BA . 24.29 -23.78 -5.48
CA SAH BA . 24.20 -23.99 -4.04
CB SAH BA . 24.68 -22.76 -3.27
CG SAH BA . 23.96 -21.47 -3.68
SD SAH BA . 24.51 -20.08 -2.71
C SAH BA . 22.78 -24.33 -3.62
O SAH BA . 21.85 -24.33 -4.41
OXT SAH BA . 22.45 -24.61 -2.47
C5' SAH BA . 25.72 -19.26 -3.72
C4' SAH BA . 27.08 -19.98 -3.67
O4' SAH BA . 28.00 -19.52 -4.66
C3' SAH BA . 27.78 -19.79 -2.35
O3' SAH BA . 28.32 -21.06 -1.96
C2' SAH BA . 28.89 -18.80 -2.67
O2' SAH BA . 30.00 -18.94 -1.78
C1' SAH BA . 29.25 -19.16 -4.09
N9 SAH BA . 29.75 -18.01 -4.85
C8 SAH BA . 29.28 -16.74 -4.77
N7 SAH BA . 30.00 -15.94 -5.63
C5 SAH BA . 30.93 -16.72 -6.25
C6 SAH BA . 31.97 -16.51 -7.27
N6 SAH BA . 32.17 -15.27 -7.79
N1 SAH BA . 32.72 -17.58 -7.64
C2 SAH BA . 32.49 -18.79 -7.10
N3 SAH BA . 31.55 -19.07 -6.18
C4 SAH BA . 30.74 -18.08 -5.73
S SO4 CA . 1.06 -25.57 -14.69
O1 SO4 CA . 0.00 -26.58 -14.72
O2 SO4 CA . 2.31 -26.14 -15.18
O3 SO4 CA . 0.64 -24.53 -15.62
O4 SO4 CA . 1.18 -25.06 -13.30
S SO4 DA . 0.58 -28.18 -9.01
O1 SO4 DA . 1.50 -28.85 -8.08
O2 SO4 DA . 1.30 -27.25 -9.88
O3 SO4 DA . 0.00 -29.23 -9.83
O4 SO4 DA . -0.43 -27.39 -8.29
S SO4 EA . 5.90 -20.09 -7.96
O1 SO4 EA . 5.99 -21.56 -8.01
O2 SO4 EA . 7.21 -19.53 -8.31
O3 SO4 EA . 4.95 -19.65 -8.98
O4 SO4 EA . 5.52 -19.62 -6.61
S SO4 FA . 36.05 -26.21 -28.54
O1 SO4 FA . 36.17 -25.39 -27.35
O2 SO4 FA . 37.40 -26.46 -29.05
O3 SO4 FA . 35.45 -27.50 -28.20
O4 SO4 FA . 35.27 -25.47 -29.54
S SO4 GA . 34.97 -35.94 -21.12
O1 SO4 GA . 35.69 -35.20 -20.06
O2 SO4 GA . 35.91 -36.73 -21.89
O3 SO4 GA . 33.98 -36.77 -20.43
O4 SO4 GA . 34.34 -35.00 -22.05
S SO4 HA . 9.17 -14.91 -21.07
O1 SO4 HA . 8.17 -15.44 -20.15
O2 SO4 HA . 10.41 -15.68 -20.95
O3 SO4 HA . 8.68 -15.01 -22.44
O4 SO4 HA . 9.42 -13.49 -20.74
C1 GOL IA . 19.41 -14.73 -1.24
O1 GOL IA . 20.05 -15.83 -1.86
C2 GOL IA . 17.87 -14.91 -1.09
O2 GOL IA . 17.07 -13.90 -1.70
C3 GOL IA . 17.52 -14.98 0.40
O3 GOL IA . 16.96 -16.24 0.70
N SAH JA . -7.55 -13.63 30.86
CA SAH JA . -6.28 -13.02 31.23
CB SAH JA . -5.11 -13.79 30.61
CG SAH JA . -5.22 -13.90 29.09
SD SAH JA . -3.78 -14.68 28.40
C SAH JA . -6.25 -11.56 30.82
O SAH JA . -5.35 -10.80 31.09
OXT SAH JA . -7.11 -10.98 30.19
C5' SAH JA . -4.44 -16.28 28.02
C4' SAH JA . -4.34 -17.11 29.29
O4' SAH JA . -4.99 -18.39 29.19
C3' SAH JA . -2.89 -17.39 29.65
O3' SAH JA . -2.83 -17.31 31.06
C2' SAH JA . -2.66 -18.81 29.15
O2' SAH JA . -1.64 -19.53 29.84
C1' SAH JA . -4.03 -19.44 29.40
N9 SAH JA . -4.31 -20.57 28.50
C8 SAH JA . -3.97 -20.70 27.19
N7 SAH JA . -4.40 -21.88 26.67
C5 SAH JA . -5.04 -22.54 27.67
C6 SAH JA . -5.74 -23.82 27.81
N6 SAH JA . -5.84 -24.67 26.75
N1 SAH JA . -6.27 -24.12 29.03
C2 SAH JA . -6.16 -23.29 30.07
N3 SAH JA . -5.54 -22.10 30.02
C4 SAH JA . -4.98 -21.67 28.86
S SO4 KA . -16.62 7.78 23.03
O1 SO4 KA . -16.54 6.43 23.57
O2 SO4 KA . -15.92 7.80 21.74
O3 SO4 KA . -18.03 8.12 22.85
O4 SO4 KA . -16.02 8.74 23.96
S SO4 LA . -12.28 -0.07 18.57
O1 SO4 LA . -13.07 0.33 19.74
O2 SO4 LA . -10.92 0.44 18.68
O3 SO4 LA . -12.18 -1.54 18.49
O4 SO4 LA . -12.98 0.37 17.36
S SO4 MA . -27.82 -29.53 33.90
O1 SO4 MA . -26.95 -28.52 34.48
O2 SO4 MA . -27.66 -29.51 32.44
O3 SO4 MA . -27.45 -30.85 34.41
O4 SO4 MA . -29.21 -29.20 34.21
#